data_2X8N
#
_entry.id   2X8N
#
_cell.length_a   1.000
_cell.length_b   1.000
_cell.length_c   1.000
_cell.angle_alpha   90.00
_cell.angle_beta   90.00
_cell.angle_gamma   90.00
#
_symmetry.space_group_name_H-M   'P 1'
#
_entity_poly.entity_id   1
_entity_poly.type   'polypeptide(L)'
_entity_poly.pdbx_seq_one_letter_code
;QGMEVSANELEAASSRMEMLQREYSTLRSVQYRSEEGVIVFILANDRELKFRPDDLQATYGATPEQLREIEISPSGLGVY
FETLEEDVSLIGLLEGRRGSAKWMAEHPLAS
;
_entity_poly.pdbx_strand_id   A
#
# COMPACT_ATOMS: atom_id res chain seq x y z
N MET A 3 -22.64 -3.01 -12.38
CA MET A 3 -23.80 -2.55 -13.19
C MET A 3 -24.43 -3.73 -13.94
N GLU A 4 -23.56 -4.56 -14.53
CA GLU A 4 -23.95 -5.81 -15.19
C GLU A 4 -24.68 -6.77 -14.20
N VAL A 5 -25.74 -7.42 -14.69
CA VAL A 5 -26.49 -8.44 -13.93
C VAL A 5 -25.68 -9.74 -13.94
N SER A 6 -24.73 -9.82 -12.98
CA SER A 6 -23.77 -10.92 -12.88
C SER A 6 -23.41 -11.15 -11.40
N ALA A 7 -22.72 -12.26 -11.10
CA ALA A 7 -22.36 -12.62 -9.71
C ALA A 7 -21.26 -13.68 -9.70
N ASN A 8 -20.05 -13.31 -9.20
CA ASN A 8 -18.90 -14.23 -8.90
C ASN A 8 -18.13 -14.67 -10.17
N GLU A 9 -18.85 -15.25 -11.16
CA GLU A 9 -18.26 -15.77 -12.42
C GLU A 9 -17.54 -14.66 -13.24
N LEU A 10 -17.94 -13.40 -12.99
CA LEU A 10 -17.32 -12.21 -13.60
C LEU A 10 -15.83 -12.08 -13.27
N GLU A 11 -15.44 -12.66 -12.10
CA GLU A 11 -14.05 -12.68 -11.54
C GLU A 11 -13.32 -11.31 -11.62
N ALA A 12 -14.12 -10.22 -11.63
CA ALA A 12 -13.67 -8.86 -11.99
C ALA A 12 -12.52 -8.37 -11.10
N ALA A 13 -12.77 -8.25 -9.79
CA ALA A 13 -11.81 -7.72 -8.81
C ALA A 13 -10.51 -8.56 -8.73
N SER A 14 -10.66 -9.89 -8.90
CA SER A 14 -9.53 -10.84 -8.87
C SER A 14 -8.64 -10.63 -10.11
N SER A 15 -9.30 -10.52 -11.28
CA SER A 15 -8.63 -10.29 -12.58
C SER A 15 -7.91 -8.94 -12.57
N ARG A 16 -8.52 -7.94 -11.90
CA ARG A 16 -7.93 -6.60 -11.75
C ARG A 16 -6.56 -6.71 -11.06
N MET A 17 -6.55 -7.26 -9.83
CA MET A 17 -5.32 -7.41 -8.99
C MET A 17 -4.14 -8.06 -9.76
N GLU A 18 -4.44 -9.14 -10.49
CA GLU A 18 -3.46 -9.86 -11.32
C GLU A 18 -2.92 -8.97 -12.47
N MET A 19 -3.87 -8.32 -13.16
CA MET A 19 -3.58 -7.44 -14.31
C MET A 19 -2.85 -6.17 -13.85
N LEU A 20 -3.06 -5.75 -12.60
CA LEU A 20 -2.44 -4.56 -12.00
C LEU A 20 -0.96 -4.83 -11.68
N GLN A 21 -0.64 -6.11 -11.38
CA GLN A 21 0.74 -6.58 -11.17
C GLN A 21 1.56 -6.41 -12.47
N ARG A 22 0.98 -6.88 -13.59
CA ARG A 22 1.62 -6.78 -14.94
C ARG A 22 1.43 -5.38 -15.59
N GLU A 23 0.44 -4.59 -15.10
CA GLU A 23 0.14 -3.25 -15.68
C GLU A 23 1.12 -2.21 -15.13
N TYR A 24 1.13 -2.07 -13.80
CA TYR A 24 2.03 -1.14 -13.10
C TYR A 24 3.29 -1.91 -12.67
N SER A 25 3.28 -2.45 -11.45
CA SER A 25 4.42 -3.20 -10.88
C SER A 25 3.96 -3.96 -9.64
N THR A 26 4.85 -4.83 -9.14
CA THR A 26 4.73 -5.43 -7.82
C THR A 26 5.76 -4.79 -6.89
N LEU A 27 5.47 -4.80 -5.59
CA LEU A 27 6.38 -4.29 -4.57
C LEU A 27 7.42 -5.38 -4.23
N ARG A 28 8.72 -5.06 -4.38
CA ARG A 28 9.80 -6.02 -4.08
C ARG A 28 10.35 -5.81 -2.67
N SER A 29 10.48 -4.52 -2.26
CA SER A 29 11.15 -4.15 -1.00
C SER A 29 10.55 -2.85 -0.45
N VAL A 30 10.78 -2.61 0.85
CA VAL A 30 10.43 -1.36 1.52
C VAL A 30 11.58 -0.97 2.47
N GLN A 31 11.88 0.33 2.52
CA GLN A 31 12.88 0.90 3.42
C GLN A 31 12.25 2.13 4.11
N TYR A 32 11.98 2.02 5.41
CA TYR A 32 11.58 3.18 6.21
C TYR A 32 12.81 4.04 6.48
N ARG A 33 12.86 5.20 5.83
CA ARG A 33 13.96 6.15 5.99
C ARG A 33 13.63 7.13 7.14
N SER A 34 14.29 6.90 8.28
CA SER A 34 14.22 7.77 9.47
C SER A 34 14.80 9.18 9.17
N GLU A 35 15.73 9.22 8.18
CA GLU A 35 16.31 10.46 7.64
C GLU A 35 15.21 11.40 7.15
N GLU A 36 14.35 10.88 6.27
CA GLU A 36 13.27 11.67 5.63
C GLU A 36 11.96 11.58 6.42
N GLY A 37 11.89 10.63 7.36
CA GLY A 37 10.66 10.36 8.12
C GLY A 37 9.55 9.81 7.23
N VAL A 38 9.94 9.02 6.22
CA VAL A 38 9.02 8.47 5.20
C VAL A 38 9.24 6.95 5.03
N ILE A 39 8.20 6.29 4.54
CA ILE A 39 8.24 4.89 4.11
C ILE A 39 8.43 4.87 2.58
N VAL A 40 9.61 4.39 2.13
CA VAL A 40 9.94 4.29 0.70
C VAL A 40 9.66 2.87 0.17
N PHE A 41 8.64 2.77 -0.68
CA PHE A 41 8.19 1.52 -1.31
C PHE A 41 8.96 1.28 -2.63
N ILE A 42 9.95 0.38 -2.59
CA ILE A 42 10.78 0.03 -3.77
C ILE A 42 10.05 -0.99 -4.67
N LEU A 43 9.76 -0.59 -5.91
CA LEU A 43 9.05 -1.42 -6.90
C LEU A 43 10.00 -2.36 -7.66
N ALA A 44 9.38 -3.28 -8.42
CA ALA A 44 10.09 -4.25 -9.27
C ALA A 44 10.82 -3.58 -10.46
N ASN A 45 10.54 -2.27 -10.68
CA ASN A 45 11.28 -1.45 -11.67
C ASN A 45 12.21 -0.44 -10.96
N ASP A 46 12.46 -0.70 -9.65
CA ASP A 46 13.29 0.14 -8.73
C ASP A 46 12.63 1.50 -8.42
N ARG A 47 11.32 1.66 -8.72
CA ARG A 47 10.58 2.90 -8.47
C ARG A 47 10.27 3.08 -6.97
N GLU A 48 10.79 4.17 -6.40
CA GLU A 48 10.65 4.50 -4.99
C GLU A 48 9.40 5.39 -4.76
N LEU A 49 8.31 4.77 -4.29
CA LEU A 49 7.10 5.48 -3.87
C LEU A 49 7.30 6.01 -2.45
N LYS A 50 7.31 7.33 -2.32
CA LYS A 50 7.70 8.02 -1.09
C LYS A 50 6.48 8.64 -0.41
N PHE A 51 6.01 7.98 0.66
CA PHE A 51 4.83 8.41 1.45
C PHE A 51 5.20 8.34 2.95
N ARG A 52 4.67 9.27 3.75
CA ARG A 52 4.96 9.31 5.21
C ARG A 52 4.08 8.29 5.98
N PRO A 53 4.53 7.87 7.22
CA PRO A 53 3.67 7.10 8.14
C PRO A 53 2.37 7.85 8.49
N ASP A 54 2.51 9.17 8.67
CA ASP A 54 1.43 10.09 9.05
C ASP A 54 0.48 10.34 7.86
N ASP A 55 0.90 9.93 6.66
CA ASP A 55 0.09 10.02 5.43
C ASP A 55 -0.81 8.77 5.31
N LEU A 56 -0.22 7.61 5.64
CA LEU A 56 -0.82 6.29 5.36
C LEU A 56 -1.67 5.76 6.52
N GLN A 57 -2.72 4.99 6.17
CA GLN A 57 -3.61 4.31 7.13
C GLN A 57 -2.86 3.28 7.99
N ALA A 58 -2.01 2.47 7.32
CA ALA A 58 -1.27 1.35 7.95
C ALA A 58 -0.45 1.82 9.15
N THR A 59 0.01 3.07 9.09
CA THR A 59 1.09 3.58 9.94
C THR A 59 0.76 4.92 10.58
N TYR A 60 -0.53 5.28 10.63
CA TYR A 60 -0.97 6.57 11.16
C TYR A 60 -0.80 6.58 12.70
N GLY A 61 0.42 6.97 13.15
CA GLY A 61 0.80 6.97 14.56
C GLY A 61 1.60 5.74 14.98
N ALA A 62 2.20 5.02 14.01
CA ALA A 62 3.00 3.79 14.27
C ALA A 62 4.48 4.13 14.51
N THR A 63 5.16 3.31 15.34
CA THR A 63 6.56 3.52 15.72
C THR A 63 7.54 3.04 14.61
N PRO A 64 8.75 3.73 14.45
CA PRO A 64 9.77 3.38 13.42
C PRO A 64 10.22 1.91 13.45
N GLU A 65 10.30 1.31 14.65
CA GLU A 65 10.71 -0.10 14.86
C GLU A 65 9.73 -1.07 14.17
N GLN A 66 8.43 -0.77 14.27
CA GLN A 66 7.36 -1.56 13.61
C GLN A 66 7.45 -1.46 12.07
N LEU A 67 8.07 -0.36 11.60
CA LEU A 67 8.25 -0.05 10.17
C LEU A 67 9.66 -0.50 9.70
N ARG A 68 10.35 -1.30 10.53
CA ARG A 68 11.58 -2.02 10.12
C ARG A 68 11.21 -3.45 9.75
N GLU A 69 10.34 -4.05 10.58
CA GLU A 69 9.81 -5.40 10.36
C GLU A 69 8.52 -5.32 9.52
N ILE A 70 8.73 -5.49 8.20
CA ILE A 70 7.73 -5.29 7.14
C ILE A 70 7.72 -6.53 6.21
N GLU A 71 6.54 -6.89 5.68
CA GLU A 71 6.38 -7.95 4.66
C GLU A 71 5.60 -7.37 3.47
N ILE A 72 5.68 -8.00 2.28
CA ILE A 72 4.90 -7.62 1.09
C ILE A 72 3.43 -8.11 1.24
N SER A 73 2.48 -7.44 0.54
CA SER A 73 1.03 -7.74 0.60
C SER A 73 0.71 -9.21 0.22
N PRO A 74 -0.44 -9.77 0.72
CA PRO A 74 -0.90 -11.14 0.34
C PRO A 74 -1.28 -11.23 -1.16
N SER A 75 -1.53 -10.07 -1.78
CA SER A 75 -1.84 -9.96 -3.23
C SER A 75 -0.55 -9.74 -4.06
N GLY A 76 0.57 -9.45 -3.38
CA GLY A 76 1.88 -9.18 -4.02
C GLY A 76 1.98 -7.79 -4.65
N LEU A 77 0.88 -7.02 -4.61
CA LEU A 77 0.82 -5.65 -5.14
C LEU A 77 1.59 -4.70 -4.22
N GLY A 78 1.00 -4.43 -3.05
CA GLY A 78 1.54 -3.44 -2.11
C GLY A 78 2.32 -4.08 -1.01
N VAL A 79 2.05 -3.67 0.22
CA VAL A 79 2.78 -4.12 1.40
C VAL A 79 1.79 -4.63 2.44
N TYR A 80 2.26 -5.52 3.32
CA TYR A 80 1.53 -5.95 4.50
C TYR A 80 2.45 -5.86 5.72
N PHE A 81 2.28 -4.81 6.52
CA PHE A 81 2.98 -4.68 7.80
C PHE A 81 2.32 -5.61 8.81
N GLU A 82 2.90 -6.80 8.93
CA GLU A 82 2.32 -7.92 9.70
C GLU A 82 2.31 -7.59 11.21
N THR A 83 3.29 -6.79 11.64
CA THR A 83 3.38 -6.23 13.00
C THR A 83 2.10 -5.43 13.35
N LEU A 84 1.64 -4.65 12.36
CA LEU A 84 0.49 -3.74 12.51
C LEU A 84 -0.82 -4.46 12.10
N GLU A 85 -0.66 -5.63 11.42
CA GLU A 85 -1.75 -6.38 10.77
C GLU A 85 -2.45 -5.52 9.70
N GLU A 86 -1.68 -4.57 9.14
CA GLU A 86 -2.17 -3.55 8.21
C GLU A 86 -1.54 -3.74 6.82
N ASP A 87 -2.22 -3.20 5.80
CA ASP A 87 -1.79 -3.31 4.39
C ASP A 87 -1.80 -1.91 3.75
N VAL A 88 -0.70 -1.55 3.06
CA VAL A 88 -0.65 -0.34 2.22
C VAL A 88 -0.78 -0.79 0.75
N SER A 89 -1.99 -0.63 0.18
CA SER A 89 -2.30 -1.01 -1.20
C SER A 89 -1.50 -0.15 -2.20
N LEU A 90 -0.67 -0.83 -3.03
CA LEU A 90 0.23 -0.16 -3.99
C LEU A 90 -0.56 0.68 -5.02
N ILE A 91 -1.63 0.07 -5.52
CA ILE A 91 -2.51 0.68 -6.52
C ILE A 91 -3.16 1.92 -5.92
N GLY A 92 -3.54 1.80 -4.64
CA GLY A 92 -4.04 2.91 -3.85
C GLY A 92 -3.06 4.09 -3.80
N LEU A 93 -1.76 3.79 -3.58
CA LEU A 93 -0.68 4.80 -3.56
C LEU A 93 -0.62 5.59 -4.91
N LEU A 94 -0.79 4.84 -6.01
CA LEU A 94 -0.78 5.40 -7.38
C LEU A 94 -2.04 6.27 -7.62
N GLU A 95 -3.15 5.92 -6.97
CA GLU A 95 -4.44 6.65 -7.05
C GLU A 95 -4.52 7.79 -6.01
N GLY A 96 -3.61 7.78 -5.03
CA GLY A 96 -3.65 8.72 -3.89
C GLY A 96 -4.46 8.19 -2.70
N ARG A 97 -5.10 7.02 -2.90
CA ARG A 97 -5.86 6.27 -1.90
C ARG A 97 -4.90 5.60 -0.89
N ARG A 98 -4.42 6.41 0.05
CA ARG A 98 -3.44 6.02 1.10
C ARG A 98 -4.08 5.18 2.22
N GLY A 99 -5.43 5.11 2.20
CA GLY A 99 -6.22 4.28 3.12
C GLY A 99 -7.61 4.06 2.55
N SER A 100 -8.49 3.42 3.35
CA SER A 100 -9.89 3.19 2.96
C SER A 100 -10.64 4.53 2.79
N ALA A 101 -11.75 4.52 2.03
CA ALA A 101 -12.59 5.71 1.77
C ALA A 101 -13.13 6.31 3.09
N LYS A 102 -13.51 5.42 4.02
CA LYS A 102 -13.98 5.82 5.36
C LYS A 102 -12.84 6.45 6.17
N TRP A 103 -11.61 5.90 6.03
CA TRP A 103 -10.43 6.44 6.74
C TRP A 103 -10.09 7.84 6.23
N MET A 104 -10.12 8.03 4.91
CA MET A 104 -9.73 9.29 4.27
C MET A 104 -10.78 10.39 4.50
N ALA A 105 -12.05 10.00 4.72
CA ALA A 105 -13.16 10.95 4.92
C ALA A 105 -13.27 11.37 6.39
N GLU A 106 -13.08 10.39 7.30
CA GLU A 106 -13.31 10.58 8.76
C GLU A 106 -12.02 10.90 9.50
N HIS A 107 -10.87 10.60 8.86
CA HIS A 107 -9.53 10.99 9.35
C HIS A 107 -8.84 11.78 8.22
N PRO A 108 -9.27 13.07 7.95
CA PRO A 108 -8.70 13.88 6.86
C PRO A 108 -7.28 14.35 7.18
N LEU A 109 -6.38 14.20 6.20
CA LEU A 109 -4.98 14.63 6.33
C LEU A 109 -4.90 16.16 6.26
N ALA A 110 -3.98 16.76 7.05
CA ALA A 110 -3.75 18.22 7.02
C ALA A 110 -3.22 18.66 5.63
N SER A 111 -4.17 18.89 4.71
CA SER A 111 -3.89 19.18 3.29
C SER A 111 -5.21 19.64 2.61
N MET A 3 -26.43 -3.09 -9.72
CA MET A 3 -27.25 -4.31 -9.51
C MET A 3 -26.85 -4.99 -8.19
N GLU A 4 -27.79 -5.71 -7.56
CA GLU A 4 -27.52 -6.48 -6.34
C GLU A 4 -26.76 -7.76 -6.72
N VAL A 5 -25.44 -7.62 -6.89
CA VAL A 5 -24.54 -8.72 -7.27
C VAL A 5 -23.59 -9.05 -6.10
N SER A 6 -23.15 -10.30 -6.06
CA SER A 6 -22.22 -10.81 -5.05
C SER A 6 -20.80 -10.94 -5.66
N ALA A 7 -19.94 -9.95 -5.37
CA ALA A 7 -18.55 -9.88 -5.89
C ALA A 7 -17.65 -11.00 -5.31
N ASN A 8 -18.03 -11.50 -4.12
CA ASN A 8 -17.28 -12.56 -3.40
C ASN A 8 -17.25 -13.89 -4.19
N GLU A 9 -18.40 -14.30 -4.76
CA GLU A 9 -18.52 -15.55 -5.55
C GLU A 9 -17.99 -15.34 -6.98
N LEU A 10 -18.01 -14.09 -7.44
CA LEU A 10 -17.43 -13.69 -8.74
C LEU A 10 -15.89 -13.68 -8.63
N GLU A 11 -15.42 -13.45 -7.36
CA GLU A 11 -13.99 -13.34 -6.97
C GLU A 11 -13.18 -12.44 -7.92
N ALA A 12 -13.84 -11.38 -8.41
CA ALA A 12 -13.27 -10.40 -9.36
C ALA A 12 -12.06 -9.68 -8.75
N ALA A 13 -12.04 -9.55 -7.41
CA ALA A 13 -10.92 -8.93 -6.67
C ALA A 13 -9.62 -9.71 -6.83
N SER A 14 -9.74 -11.06 -6.85
CA SER A 14 -8.59 -11.97 -7.05
C SER A 14 -7.93 -11.72 -8.42
N SER A 15 -8.77 -11.77 -9.48
CA SER A 15 -8.34 -11.54 -10.88
C SER A 15 -7.83 -10.11 -11.08
N ARG A 16 -8.47 -9.16 -10.37
CA ARG A 16 -8.13 -7.72 -10.45
C ARG A 16 -6.69 -7.52 -10.02
N MET A 17 -6.32 -8.09 -8.86
CA MET A 17 -4.96 -7.99 -8.28
C MET A 17 -3.90 -8.56 -9.25
N GLU A 18 -4.19 -9.75 -9.82
CA GLU A 18 -3.32 -10.43 -10.82
C GLU A 18 -3.03 -9.51 -12.03
N MET A 19 -4.12 -8.92 -12.57
CA MET A 19 -4.08 -7.98 -13.69
C MET A 19 -3.24 -6.74 -13.34
N LEU A 20 -3.46 -6.18 -12.13
CA LEU A 20 -2.78 -4.96 -11.65
C LEU A 20 -1.24 -5.17 -11.50
N GLN A 21 -0.85 -6.42 -11.14
CA GLN A 21 0.57 -6.83 -11.02
C GLN A 21 1.29 -6.70 -12.37
N ARG A 22 0.69 -7.30 -13.41
CA ARG A 22 1.24 -7.29 -14.79
C ARG A 22 0.90 -5.99 -15.55
N GLU A 23 -0.02 -5.18 -14.99
CA GLU A 23 -0.48 -3.93 -15.64
C GLU A 23 0.50 -2.78 -15.38
N TYR A 24 0.84 -2.58 -14.10
CA TYR A 24 1.70 -1.46 -13.65
C TYR A 24 3.06 -2.00 -13.18
N SER A 25 3.12 -2.46 -11.93
CA SER A 25 4.36 -2.95 -11.31
C SER A 25 4.01 -3.68 -9.99
N THR A 26 4.95 -4.49 -9.53
CA THR A 26 4.89 -5.14 -8.22
C THR A 26 5.94 -4.50 -7.30
N LEU A 27 5.63 -4.38 -6.01
CA LEU A 27 6.57 -3.84 -5.02
C LEU A 27 7.65 -4.88 -4.69
N ARG A 28 8.92 -4.54 -4.95
CA ARG A 28 10.05 -5.47 -4.71
C ARG A 28 10.60 -5.34 -3.28
N SER A 29 10.70 -4.09 -2.79
CA SER A 29 11.38 -3.77 -1.52
C SER A 29 10.75 -2.54 -0.85
N VAL A 30 10.93 -2.44 0.48
CA VAL A 30 10.52 -1.29 1.29
C VAL A 30 11.67 -0.94 2.25
N GLN A 31 11.95 0.36 2.38
CA GLN A 31 12.96 0.89 3.29
C GLN A 31 12.35 2.07 4.06
N TYR A 32 12.10 1.87 5.35
CA TYR A 32 11.71 2.96 6.25
C TYR A 32 12.95 3.81 6.54
N ARG A 33 13.06 4.94 5.84
CA ARG A 33 14.15 5.90 6.06
C ARG A 33 13.78 6.80 7.24
N SER A 34 14.32 6.47 8.42
CA SER A 34 14.16 7.24 9.66
C SER A 34 14.77 8.64 9.54
N GLU A 35 15.78 8.75 8.66
CA GLU A 35 16.39 10.02 8.24
C GLU A 35 15.33 11.00 7.71
N GLU A 36 14.41 10.45 6.89
CA GLU A 36 13.31 11.22 6.28
C GLU A 36 12.01 11.06 7.10
N GLY A 37 11.99 10.07 8.03
CA GLY A 37 10.79 9.72 8.81
C GLY A 37 9.63 9.21 7.94
N VAL A 38 9.99 8.61 6.78
CA VAL A 38 9.02 8.14 5.77
C VAL A 38 9.23 6.66 5.46
N ILE A 39 8.15 6.01 5.00
CA ILE A 39 8.20 4.66 4.45
C ILE A 39 8.34 4.78 2.93
N VAL A 40 9.49 4.33 2.41
CA VAL A 40 9.79 4.34 0.97
C VAL A 40 9.45 2.96 0.37
N PHE A 41 8.63 2.97 -0.68
CA PHE A 41 8.15 1.78 -1.36
C PHE A 41 8.87 1.65 -2.72
N ILE A 42 9.95 0.86 -2.76
CA ILE A 42 10.71 0.64 -4.00
C ILE A 42 9.98 -0.38 -4.90
N LEU A 43 9.50 0.12 -6.05
CA LEU A 43 8.86 -0.70 -7.10
C LEU A 43 9.88 -1.56 -7.86
N ALA A 44 9.36 -2.53 -8.63
CA ALA A 44 10.17 -3.41 -9.49
C ALA A 44 10.85 -2.60 -10.63
N ASN A 45 10.23 -1.46 -10.99
CA ASN A 45 10.78 -0.49 -11.97
C ASN A 45 11.73 0.53 -11.27
N ASP A 46 11.94 0.34 -9.94
CA ASP A 46 12.83 1.16 -9.06
C ASP A 46 12.25 2.55 -8.74
N ARG A 47 10.92 2.71 -8.90
CA ARG A 47 10.23 3.96 -8.46
C ARG A 47 10.04 3.93 -6.94
N GLU A 48 10.73 4.84 -6.25
CA GLU A 48 10.67 4.95 -4.80
C GLU A 48 9.50 5.86 -4.39
N LEU A 49 8.38 5.23 -4.01
CA LEU A 49 7.18 5.94 -3.54
C LEU A 49 7.34 6.34 -2.07
N LYS A 50 7.45 7.63 -1.86
CA LYS A 50 7.74 8.23 -0.56
C LYS A 50 6.45 8.75 0.08
N PHE A 51 6.05 8.10 1.19
CA PHE A 51 4.88 8.49 1.99
C PHE A 51 5.25 8.37 3.48
N ARG A 52 4.70 9.26 4.33
CA ARG A 52 4.92 9.22 5.78
C ARG A 52 3.99 8.16 6.40
N PRO A 53 4.35 7.58 7.59
CA PRO A 53 3.45 6.71 8.37
C PRO A 53 2.05 7.34 8.58
N ASP A 54 2.03 8.65 8.84
CA ASP A 54 0.79 9.42 9.12
C ASP A 54 -0.12 9.52 7.87
N ASP A 55 0.47 9.38 6.67
CA ASP A 55 -0.27 9.35 5.39
C ASP A 55 -1.06 8.04 5.25
N LEU A 56 -0.44 6.95 5.70
CA LEU A 56 -0.87 5.59 5.34
C LEU A 56 -1.84 5.00 6.36
N GLN A 57 -2.85 4.28 5.84
CA GLN A 57 -3.86 3.55 6.64
C GLN A 57 -3.20 2.53 7.58
N ALA A 58 -2.16 1.82 7.07
CA ALA A 58 -1.45 0.78 7.82
C ALA A 58 -0.79 1.33 9.08
N THR A 59 -0.26 2.56 8.96
CA THR A 59 0.77 3.08 9.87
C THR A 59 0.40 4.41 10.52
N TYR A 60 -0.89 4.71 10.55
CA TYR A 60 -1.40 5.97 11.11
C TYR A 60 -1.26 5.95 12.66
N GLY A 61 -0.04 6.30 13.13
CA GLY A 61 0.31 6.26 14.56
C GLY A 61 1.33 5.18 14.92
N ALA A 62 1.71 4.32 13.94
CA ALA A 62 2.63 3.17 14.17
C ALA A 62 4.09 3.63 14.34
N THR A 63 4.85 2.89 15.18
CA THR A 63 6.24 3.22 15.55
C THR A 63 7.26 2.73 14.50
N PRO A 64 8.44 3.42 14.37
CA PRO A 64 9.55 3.05 13.43
C PRO A 64 9.93 1.56 13.45
N GLU A 65 9.98 0.97 14.66
CA GLU A 65 10.40 -0.45 14.88
C GLU A 65 9.46 -1.45 14.15
N GLN A 66 8.16 -1.11 14.14
CA GLN A 66 7.10 -1.91 13.50
C GLN A 66 7.14 -1.75 11.97
N LEU A 67 7.87 -0.71 11.51
CA LEU A 67 8.05 -0.36 10.09
C LEU A 67 9.47 -0.74 9.64
N ARG A 68 10.11 -1.65 10.38
CA ARG A 68 11.39 -2.26 9.98
C ARG A 68 11.14 -3.72 9.59
N GLU A 69 10.29 -4.39 10.39
CA GLU A 69 9.82 -5.76 10.10
C GLU A 69 8.56 -5.68 9.21
N ILE A 70 8.82 -5.76 7.90
CA ILE A 70 7.87 -5.52 6.82
C ILE A 70 7.95 -6.67 5.79
N GLU A 71 6.80 -7.05 5.20
CA GLU A 71 6.72 -8.01 4.08
C GLU A 71 5.86 -7.39 2.96
N ILE A 72 5.97 -7.91 1.72
CA ILE A 72 5.14 -7.43 0.56
C ILE A 72 3.69 -7.98 0.68
N SER A 73 2.71 -7.29 0.01
CA SER A 73 1.27 -7.68 0.03
C SER A 73 1.02 -9.16 -0.32
N PRO A 74 -0.12 -9.76 0.16
CA PRO A 74 -0.61 -11.06 -0.33
C PRO A 74 -1.13 -10.96 -1.78
N SER A 75 -1.47 -9.70 -2.18
CA SER A 75 -1.83 -9.35 -3.57
C SER A 75 -0.57 -9.12 -4.43
N GLY A 76 0.61 -9.02 -3.75
CA GLY A 76 1.90 -8.78 -4.41
C GLY A 76 2.05 -7.38 -5.03
N LEU A 77 1.02 -6.53 -4.84
CA LEU A 77 1.00 -5.16 -5.36
C LEU A 77 1.84 -4.26 -4.49
N GLY A 78 1.32 -3.96 -3.29
CA GLY A 78 1.95 -3.04 -2.37
C GLY A 78 2.70 -3.77 -1.30
N VAL A 79 2.30 -3.56 -0.07
CA VAL A 79 3.00 -4.08 1.08
C VAL A 79 1.98 -4.66 2.10
N TYR A 80 2.46 -5.54 2.98
CA TYR A 80 1.70 -6.05 4.12
C TYR A 80 2.59 -5.98 5.37
N PHE A 81 2.26 -5.05 6.28
CA PHE A 81 2.94 -4.95 7.57
C PHE A 81 2.27 -5.90 8.55
N GLU A 82 2.94 -7.02 8.77
CA GLU A 82 2.41 -8.19 9.51
C GLU A 82 2.36 -7.90 11.02
N THR A 83 3.27 -7.01 11.46
CA THR A 83 3.31 -6.51 12.84
C THR A 83 2.02 -5.72 13.18
N LEU A 84 1.46 -5.06 12.15
CA LEU A 84 0.24 -4.24 12.27
C LEU A 84 -1.00 -5.04 11.83
N GLU A 85 -0.75 -6.16 11.12
CA GLU A 85 -1.78 -6.98 10.44
C GLU A 85 -2.57 -6.12 9.43
N GLU A 86 -1.88 -5.13 8.86
CA GLU A 86 -2.49 -4.12 7.97
C GLU A 86 -1.57 -3.90 6.76
N ASP A 87 -2.18 -3.72 5.58
CA ASP A 87 -1.44 -3.55 4.31
C ASP A 87 -1.50 -2.09 3.84
N VAL A 88 -0.58 -1.75 2.91
CA VAL A 88 -0.61 -0.49 2.15
C VAL A 88 -0.71 -0.85 0.66
N SER A 89 -1.93 -0.71 0.09
CA SER A 89 -2.20 -1.02 -1.31
C SER A 89 -1.44 -0.08 -2.27
N LEU A 90 -0.69 -0.69 -3.21
CA LEU A 90 0.15 0.04 -4.18
C LEU A 90 -0.69 0.95 -5.09
N ILE A 91 -1.85 0.43 -5.51
CA ILE A 91 -2.77 1.11 -6.42
C ILE A 91 -3.16 2.46 -5.83
N GLY A 92 -3.50 2.43 -4.53
CA GLY A 92 -3.82 3.61 -3.76
C GLY A 92 -2.67 4.62 -3.68
N LEU A 93 -1.42 4.11 -3.62
CA LEU A 93 -0.22 4.98 -3.57
C LEU A 93 -0.04 5.74 -4.90
N LEU A 94 -0.37 5.05 -6.01
CA LEU A 94 -0.31 5.63 -7.36
C LEU A 94 -1.43 6.66 -7.57
N GLU A 95 -2.62 6.36 -7.01
CA GLU A 95 -3.82 7.21 -7.14
C GLU A 95 -3.80 8.38 -6.14
N GLY A 96 -3.05 8.21 -5.04
CA GLY A 96 -3.07 9.15 -3.90
C GLY A 96 -4.03 8.69 -2.79
N ARG A 97 -4.83 7.64 -3.09
CA ARG A 97 -5.76 7.01 -2.13
C ARG A 97 -4.97 6.10 -1.15
N ARG A 98 -4.24 6.74 -0.24
CA ARG A 98 -3.29 6.09 0.69
C ARG A 98 -4.01 5.43 1.91
N GLY A 99 -5.35 5.55 1.92
CA GLY A 99 -6.22 4.84 2.85
C GLY A 99 -7.57 4.58 2.21
N SER A 100 -8.62 4.40 3.02
CA SER A 100 -10.00 4.33 2.52
C SER A 100 -10.49 5.76 2.17
N ALA A 101 -11.48 5.84 1.25
CA ALA A 101 -12.12 7.13 0.88
C ALA A 101 -12.80 7.77 2.11
N LYS A 102 -13.41 6.89 2.94
CA LYS A 102 -14.12 7.28 4.18
C LYS A 102 -13.09 7.77 5.20
N TRP A 103 -11.98 7.03 5.31
CA TRP A 103 -10.85 7.36 6.21
C TRP A 103 -10.28 8.77 5.91
N MET A 104 -10.09 9.06 4.61
CA MET A 104 -9.54 10.35 4.15
C MET A 104 -10.56 11.50 4.25
N ALA A 105 -11.87 11.14 4.26
CA ALA A 105 -12.97 12.13 4.28
C ALA A 105 -13.26 12.58 5.72
N GLU A 106 -13.09 11.65 6.67
CA GLU A 106 -13.42 11.86 8.11
C GLU A 106 -12.17 12.27 8.89
N HIS A 107 -10.99 11.79 8.43
CA HIS A 107 -9.70 12.12 9.03
C HIS A 107 -8.90 12.94 8.01
N PRO A 108 -8.93 14.31 8.11
CA PRO A 108 -8.14 15.21 7.22
C PRO A 108 -6.62 14.95 7.38
N LEU A 109 -5.87 15.28 6.33
CA LEU A 109 -4.47 14.88 6.18
C LEU A 109 -3.70 15.95 5.38
N ALA A 110 -2.35 15.91 5.46
CA ALA A 110 -1.45 16.76 4.67
C ALA A 110 -1.40 16.25 3.21
N SER A 111 -2.54 16.42 2.53
CA SER A 111 -2.82 15.90 1.18
C SER A 111 -4.20 16.44 0.72
N MET A 3 -21.81 -14.49 -21.53
CA MET A 3 -23.04 -13.99 -20.86
C MET A 3 -22.88 -14.12 -19.33
N GLU A 4 -22.39 -13.03 -18.70
CA GLU A 4 -22.19 -12.95 -17.24
C GLU A 4 -23.32 -12.09 -16.64
N VAL A 5 -24.11 -12.64 -15.71
CA VAL A 5 -25.29 -11.93 -15.15
C VAL A 5 -25.08 -11.57 -13.65
N SER A 6 -24.81 -12.58 -12.80
CA SER A 6 -24.81 -12.44 -11.33
C SER A 6 -24.33 -13.73 -10.65
N ALA A 7 -23.01 -13.80 -10.37
CA ALA A 7 -22.39 -14.94 -9.65
C ALA A 7 -20.90 -14.67 -9.34
N ASN A 8 -20.41 -13.43 -9.63
CA ASN A 8 -18.95 -13.11 -9.74
C ASN A 8 -18.29 -14.00 -10.81
N GLU A 9 -19.12 -14.45 -11.76
CA GLU A 9 -18.74 -15.32 -12.89
C GLU A 9 -17.89 -14.57 -13.92
N LEU A 10 -17.89 -13.22 -13.82
CA LEU A 10 -17.02 -12.34 -14.62
C LEU A 10 -15.56 -12.42 -14.14
N GLU A 11 -15.38 -12.77 -12.83
CA GLU A 11 -14.07 -12.86 -12.09
C GLU A 11 -13.16 -11.63 -12.30
N ALA A 12 -13.76 -10.50 -12.71
CA ALA A 12 -13.04 -9.30 -13.18
C ALA A 12 -12.19 -8.65 -12.07
N ALA A 13 -12.56 -8.90 -10.80
CA ALA A 13 -11.80 -8.44 -9.62
C ALA A 13 -10.48 -9.24 -9.46
N SER A 14 -10.61 -10.57 -9.55
CA SER A 14 -9.47 -11.52 -9.46
C SER A 14 -8.48 -11.29 -10.63
N SER A 15 -9.07 -11.16 -11.83
CA SER A 15 -8.36 -10.89 -13.08
C SER A 15 -7.69 -9.51 -13.02
N ARG A 16 -8.36 -8.54 -12.34
CA ARG A 16 -7.84 -7.17 -12.18
C ARG A 16 -6.52 -7.20 -11.38
N MET A 17 -6.53 -7.93 -10.24
CA MET A 17 -5.33 -8.10 -9.36
C MET A 17 -4.11 -8.63 -10.15
N GLU A 18 -4.33 -9.72 -10.93
CA GLU A 18 -3.29 -10.32 -11.80
C GLU A 18 -2.76 -9.27 -12.80
N MET A 19 -3.71 -8.58 -13.45
CA MET A 19 -3.42 -7.58 -14.48
C MET A 19 -2.67 -6.37 -13.90
N LEU A 20 -2.97 -5.97 -12.66
CA LEU A 20 -2.35 -4.81 -11.98
C LEU A 20 -0.85 -5.06 -11.74
N GLN A 21 -0.54 -6.32 -11.40
CA GLN A 21 0.85 -6.80 -11.21
C GLN A 21 1.68 -6.65 -12.50
N ARG A 22 1.09 -7.13 -13.61
CA ARG A 22 1.77 -7.20 -14.93
C ARG A 22 1.55 -5.92 -15.79
N GLU A 23 0.66 -5.00 -15.34
CA GLU A 23 0.38 -3.73 -16.06
C GLU A 23 1.27 -2.60 -15.51
N TYR A 24 1.11 -2.30 -14.21
CA TYR A 24 1.87 -1.22 -13.55
C TYR A 24 3.19 -1.78 -12.99
N SER A 25 3.08 -2.55 -11.88
CA SER A 25 4.23 -3.07 -11.13
C SER A 25 3.74 -3.87 -9.91
N THR A 26 4.64 -4.67 -9.36
CA THR A 26 4.53 -5.23 -8.01
C THR A 26 5.48 -4.45 -7.08
N LEU A 27 5.47 -4.78 -5.80
CA LEU A 27 6.40 -4.17 -4.82
C LEU A 27 7.52 -5.18 -4.51
N ARG A 28 8.79 -4.76 -4.67
CA ARG A 28 9.95 -5.66 -4.46
C ARG A 28 10.49 -5.56 -3.02
N SER A 29 10.55 -4.31 -2.49
CA SER A 29 11.18 -4.00 -1.20
C SER A 29 10.54 -2.75 -0.58
N VAL A 30 10.59 -2.66 0.75
CA VAL A 30 10.16 -1.47 1.51
C VAL A 30 11.21 -1.15 2.59
N GLN A 31 11.46 0.14 2.81
CA GLN A 31 12.38 0.64 3.84
C GLN A 31 11.83 1.96 4.38
N TYR A 32 11.75 2.10 5.71
CA TYR A 32 11.37 3.35 6.35
C TYR A 32 12.62 4.25 6.46
N ARG A 33 12.62 5.38 5.73
CA ARG A 33 13.68 6.39 5.82
C ARG A 33 13.32 7.42 6.89
N SER A 34 13.86 7.24 8.09
CA SER A 34 13.72 8.18 9.22
C SER A 34 14.42 9.53 8.92
N GLU A 35 15.35 9.52 7.94
CA GLU A 35 16.01 10.72 7.42
C GLU A 35 14.98 11.76 6.92
N GLU A 36 13.96 11.25 6.20
CA GLU A 36 12.86 12.07 5.65
C GLU A 36 11.60 11.95 6.53
N GLY A 37 11.55 10.90 7.37
CA GLY A 37 10.35 10.58 8.16
C GLY A 37 9.23 9.99 7.32
N VAL A 38 9.63 9.27 6.24
CA VAL A 38 8.70 8.69 5.23
C VAL A 38 8.98 7.19 5.07
N ILE A 39 7.98 6.46 4.57
CA ILE A 39 8.10 5.05 4.18
C ILE A 39 8.29 4.99 2.66
N VAL A 40 9.39 4.34 2.24
CA VAL A 40 9.76 4.20 0.83
C VAL A 40 9.44 2.78 0.34
N PHE A 41 8.44 2.70 -0.53
CA PHE A 41 7.99 1.48 -1.18
C PHE A 41 8.70 1.35 -2.54
N ILE A 42 9.80 0.59 -2.56
CA ILE A 42 10.60 0.37 -3.78
C ILE A 42 9.85 -0.61 -4.70
N LEU A 43 9.36 -0.10 -5.84
CA LEU A 43 8.61 -0.87 -6.86
C LEU A 43 9.49 -1.95 -7.52
N ALA A 44 8.83 -2.81 -8.31
CA ALA A 44 9.52 -3.85 -9.13
C ALA A 44 10.43 -3.19 -10.19
N ASN A 45 10.04 -1.99 -10.65
CA ASN A 45 10.84 -1.15 -11.58
C ASN A 45 11.78 -0.21 -10.79
N ASP A 46 11.85 -0.42 -9.45
CA ASP A 46 12.79 0.24 -8.51
C ASP A 46 12.47 1.72 -8.24
N ARG A 47 11.24 2.15 -8.55
CA ARG A 47 10.75 3.52 -8.23
C ARG A 47 10.40 3.63 -6.74
N GLU A 48 10.91 4.68 -6.07
CA GLU A 48 10.66 4.90 -4.64
C GLU A 48 9.31 5.63 -4.43
N LEU A 49 8.25 4.89 -4.05
CA LEU A 49 6.96 5.47 -3.66
C LEU A 49 7.05 5.97 -2.21
N LYS A 50 7.03 7.28 -2.08
CA LYS A 50 7.31 7.99 -0.83
C LYS A 50 6.01 8.49 -0.20
N PHE A 51 5.59 7.84 0.88
CA PHE A 51 4.39 8.20 1.67
C PHE A 51 4.71 8.02 3.17
N ARG A 52 4.31 9.00 4.00
CA ARG A 52 4.62 9.03 5.46
C ARG A 52 3.80 7.97 6.25
N PRO A 53 4.23 7.64 7.52
CA PRO A 53 3.38 6.89 8.48
C PRO A 53 2.04 7.60 8.73
N ASP A 54 2.16 8.91 9.03
CA ASP A 54 1.05 9.81 9.37
C ASP A 54 0.13 10.08 8.15
N ASP A 55 0.57 9.60 6.99
CA ASP A 55 -0.16 9.70 5.72
C ASP A 55 -1.05 8.45 5.54
N LEU A 56 -0.48 7.26 5.82
CA LEU A 56 -1.09 5.95 5.46
C LEU A 56 -1.93 5.35 6.59
N GLN A 57 -2.94 4.55 6.20
CA GLN A 57 -3.87 3.86 7.12
C GLN A 57 -3.17 2.72 7.89
N ALA A 58 -2.23 2.04 7.21
CA ALA A 58 -1.45 0.94 7.82
C ALA A 58 -0.68 1.45 9.04
N THR A 59 -0.21 2.70 8.95
CA THR A 59 0.87 3.22 9.78
C THR A 59 0.52 4.55 10.45
N TYR A 60 -0.76 4.89 10.58
CA TYR A 60 -1.19 6.21 11.07
C TYR A 60 -0.75 6.40 12.54
N GLY A 61 0.40 7.11 12.70
CA GLY A 61 1.04 7.31 14.00
C GLY A 61 1.74 6.05 14.54
N ALA A 62 2.31 5.24 13.64
CA ALA A 62 3.08 4.03 13.99
C ALA A 62 4.56 4.39 14.19
N THR A 63 5.25 3.64 15.07
CA THR A 63 6.64 3.90 15.44
C THR A 63 7.61 3.28 14.38
N PRO A 64 8.83 3.90 14.17
CA PRO A 64 9.83 3.42 13.16
C PRO A 64 10.26 1.95 13.35
N GLU A 65 10.20 1.47 14.61
CA GLU A 65 10.58 0.08 14.97
C GLU A 65 9.63 -0.96 14.33
N GLN A 66 8.36 -0.56 14.14
CA GLN A 66 7.31 -1.41 13.54
C GLN A 66 7.44 -1.44 12.00
N LEU A 67 8.08 -0.38 11.47
CA LEU A 67 8.26 -0.15 10.03
C LEU A 67 9.65 -0.65 9.58
N ARG A 68 10.22 -1.54 10.41
CA ARG A 68 11.34 -2.42 10.03
C ARG A 68 10.77 -3.79 9.63
N GLU A 69 9.79 -4.22 10.45
CA GLU A 69 9.17 -5.55 10.39
C GLU A 69 8.04 -5.53 9.35
N ILE A 70 8.46 -5.76 8.10
CA ILE A 70 7.63 -5.58 6.91
C ILE A 70 7.75 -6.81 5.98
N GLU A 71 6.64 -7.15 5.30
CA GLU A 71 6.57 -8.19 4.26
C GLU A 71 5.70 -7.67 3.10
N ILE A 72 5.95 -8.12 1.85
CA ILE A 72 5.10 -7.75 0.68
C ILE A 72 3.68 -8.38 0.85
N SER A 73 2.65 -7.71 0.28
CA SER A 73 1.23 -8.10 0.43
C SER A 73 0.95 -9.57 0.06
N PRO A 74 -0.15 -10.19 0.62
CA PRO A 74 -0.55 -11.58 0.25
C PRO A 74 -1.06 -11.65 -1.22
N SER A 75 -1.32 -10.48 -1.82
CA SER A 75 -1.66 -10.34 -3.25
C SER A 75 -0.37 -10.25 -4.11
N GLY A 76 0.71 -9.71 -3.51
CA GLY A 76 1.98 -9.45 -4.20
C GLY A 76 2.06 -8.04 -4.78
N LEU A 77 0.92 -7.32 -4.76
CA LEU A 77 0.81 -5.93 -5.21
C LEU A 77 1.56 -4.99 -4.25
N GLY A 78 0.93 -4.68 -3.09
CA GLY A 78 1.47 -3.70 -2.16
C GLY A 78 2.30 -4.33 -1.07
N VAL A 79 1.93 -4.05 0.17
CA VAL A 79 2.68 -4.49 1.33
C VAL A 79 1.70 -5.00 2.41
N TYR A 80 2.26 -5.66 3.42
CA TYR A 80 1.56 -6.12 4.62
C TYR A 80 2.54 -6.00 5.82
N PHE A 81 2.24 -5.07 6.73
CA PHE A 81 3.04 -4.87 7.96
C PHE A 81 2.48 -5.76 9.08
N GLU A 82 3.27 -6.77 9.45
CA GLU A 82 2.85 -7.85 10.37
C GLU A 82 2.67 -7.34 11.81
N THR A 83 3.63 -6.51 12.25
CA THR A 83 3.62 -5.91 13.61
C THR A 83 2.38 -5.01 13.83
N LEU A 84 1.86 -4.44 12.74
CA LEU A 84 0.65 -3.60 12.76
C LEU A 84 -0.60 -4.45 12.46
N GLU A 85 -0.38 -5.63 11.85
CA GLU A 85 -1.43 -6.51 11.27
C GLU A 85 -2.28 -5.74 10.24
N GLU A 86 -1.61 -4.78 9.57
CA GLU A 86 -2.20 -3.87 8.56
C GLU A 86 -1.48 -4.08 7.21
N ASP A 87 -1.94 -3.35 6.18
CA ASP A 87 -1.40 -3.43 4.81
C ASP A 87 -1.46 -2.05 4.13
N VAL A 88 -0.61 -1.85 3.12
CA VAL A 88 -0.66 -0.65 2.25
C VAL A 88 -0.84 -1.12 0.80
N SER A 89 -2.01 -0.79 0.21
CA SER A 89 -2.30 -1.10 -1.20
C SER A 89 -1.36 -0.30 -2.12
N LEU A 90 -0.66 -1.02 -3.01
CA LEU A 90 0.24 -0.40 -4.00
C LEU A 90 -0.55 0.47 -4.98
N ILE A 91 -1.69 -0.08 -5.37
CA ILE A 91 -2.64 0.57 -6.28
C ILE A 91 -3.17 1.84 -5.62
N GLY A 92 -3.41 1.73 -4.29
CA GLY A 92 -3.77 2.87 -3.46
C GLY A 92 -2.72 3.98 -3.49
N LEU A 93 -1.43 3.62 -3.51
CA LEU A 93 -0.32 4.60 -3.61
C LEU A 93 -0.33 5.31 -4.98
N LEU A 94 -0.73 4.55 -6.02
CA LEU A 94 -0.84 5.04 -7.41
C LEU A 94 -2.16 5.82 -7.64
N GLU A 95 -3.12 5.69 -6.71
CA GLU A 95 -4.41 6.43 -6.74
C GLU A 95 -4.39 7.66 -5.81
N GLY A 96 -3.46 7.65 -4.83
CA GLY A 96 -3.49 8.60 -3.70
C GLY A 96 -4.44 8.13 -2.59
N ARG A 97 -4.96 6.89 -2.78
CA ARG A 97 -5.83 6.17 -1.83
C ARG A 97 -4.95 5.55 -0.70
N ARG A 98 -4.38 6.43 0.11
CA ARG A 98 -3.49 6.09 1.25
C ARG A 98 -4.22 5.26 2.34
N GLY A 99 -5.55 5.40 2.35
CA GLY A 99 -6.44 4.58 3.16
C GLY A 99 -7.83 4.59 2.58
N SER A 100 -8.83 4.17 3.35
CA SER A 100 -10.25 4.26 2.97
C SER A 100 -10.65 5.75 2.80
N ALA A 101 -11.63 6.02 1.92
CA ALA A 101 -12.12 7.40 1.64
C ALA A 101 -12.71 8.03 2.91
N LYS A 102 -13.51 7.23 3.63
CA LYS A 102 -14.05 7.61 4.96
C LYS A 102 -12.90 7.90 5.95
N TRP A 103 -11.87 7.04 5.94
CA TRP A 103 -10.70 7.16 6.82
C TRP A 103 -9.95 8.47 6.54
N MET A 104 -9.84 8.87 5.26
CA MET A 104 -9.12 10.09 4.85
C MET A 104 -9.91 11.36 5.23
N ALA A 105 -11.23 11.23 5.46
CA ALA A 105 -12.07 12.33 5.95
C ALA A 105 -11.89 12.53 7.47
N GLU A 106 -11.71 11.40 8.18
CA GLU A 106 -11.67 11.36 9.66
C GLU A 106 -10.23 11.46 10.21
N HIS A 107 -9.28 10.96 9.40
CA HIS A 107 -7.87 10.78 9.79
C HIS A 107 -6.94 11.08 8.58
N PRO A 108 -6.88 12.35 8.08
CA PRO A 108 -5.99 12.72 6.96
C PRO A 108 -4.55 12.98 7.42
N LEU A 109 -3.66 13.21 6.43
CA LEU A 109 -2.31 13.75 6.68
C LEU A 109 -2.46 15.26 6.99
N ALA A 110 -1.73 15.74 8.00
CA ALA A 110 -1.71 17.18 8.36
C ALA A 110 -0.89 17.98 7.33
N SER A 111 -1.49 18.22 6.16
CA SER A 111 -0.83 18.83 4.99
C SER A 111 -1.91 19.44 4.07
N MET A 3 -19.26 -1.13 -15.61
CA MET A 3 -19.58 -2.51 -16.03
C MET A 3 -19.68 -3.45 -14.81
N GLU A 4 -20.66 -4.36 -14.83
CA GLU A 4 -20.88 -5.39 -13.79
C GLU A 4 -21.97 -6.37 -14.26
N VAL A 5 -21.95 -7.57 -13.69
CA VAL A 5 -23.06 -8.55 -13.79
C VAL A 5 -23.68 -8.76 -12.38
N SER A 6 -23.10 -8.04 -11.37
CA SER A 6 -23.40 -8.18 -9.93
C SER A 6 -23.28 -9.64 -9.46
N ALA A 7 -22.29 -10.35 -10.06
CA ALA A 7 -22.05 -11.78 -9.86
C ALA A 7 -20.61 -12.02 -9.36
N ASN A 8 -20.34 -13.23 -8.86
CA ASN A 8 -19.02 -13.62 -8.34
C ASN A 8 -18.17 -14.28 -9.45
N GLU A 9 -18.83 -15.03 -10.36
CA GLU A 9 -18.17 -15.92 -11.35
C GLU A 9 -17.24 -15.18 -12.36
N LEU A 10 -17.51 -13.88 -12.56
CA LEU A 10 -16.67 -13.01 -13.43
C LEU A 10 -15.26 -12.78 -12.83
N GLU A 11 -15.18 -12.90 -11.48
CA GLU A 11 -13.95 -12.72 -10.65
C GLU A 11 -13.13 -11.47 -11.06
N ALA A 12 -13.85 -10.41 -11.47
CA ALA A 12 -13.27 -9.20 -12.09
C ALA A 12 -12.29 -8.49 -11.15
N ALA A 13 -12.51 -8.60 -9.83
CA ALA A 13 -11.56 -8.09 -8.81
C ALA A 13 -10.21 -8.81 -8.95
N SER A 14 -10.24 -10.15 -8.89
CA SER A 14 -9.03 -11.02 -8.95
C SER A 14 -8.31 -10.91 -10.31
N SER A 15 -9.13 -10.76 -11.38
CA SER A 15 -8.65 -10.67 -12.76
C SER A 15 -7.91 -9.34 -12.99
N ARG A 16 -8.53 -8.23 -12.54
CA ARG A 16 -7.96 -6.89 -12.68
C ARG A 16 -6.76 -6.68 -11.75
N MET A 17 -6.78 -7.28 -10.55
CA MET A 17 -5.65 -7.19 -9.59
C MET A 17 -4.39 -7.86 -10.17
N GLU A 18 -4.59 -8.98 -10.89
CA GLU A 18 -3.51 -9.63 -11.68
C GLU A 18 -3.02 -8.68 -12.80
N MET A 19 -3.98 -8.02 -13.48
CA MET A 19 -3.67 -7.04 -14.54
C MET A 19 -2.89 -5.83 -13.98
N LEU A 20 -3.14 -5.48 -12.70
CA LEU A 20 -2.49 -4.35 -12.00
C LEU A 20 -1.03 -4.70 -11.64
N GLN A 21 -0.77 -6.00 -11.35
CA GLN A 21 0.59 -6.53 -11.05
C GLN A 21 1.50 -6.38 -12.28
N ARG A 22 0.97 -6.82 -13.44
CA ARG A 22 1.71 -6.82 -14.72
C ARG A 22 1.72 -5.43 -15.38
N GLU A 23 0.72 -4.58 -15.06
CA GLU A 23 0.60 -3.22 -15.64
C GLU A 23 1.59 -2.28 -14.95
N TYR A 24 1.38 -2.06 -13.65
CA TYR A 24 2.22 -1.16 -12.86
C TYR A 24 3.44 -1.95 -12.36
N SER A 25 3.27 -2.67 -11.24
CA SER A 25 4.35 -3.41 -10.58
C SER A 25 3.78 -4.24 -9.43
N THR A 26 4.63 -5.16 -8.96
CA THR A 26 4.50 -5.77 -7.63
C THR A 26 5.53 -5.08 -6.73
N LEU A 27 5.22 -4.95 -5.44
CA LEU A 27 6.17 -4.37 -4.48
C LEU A 27 7.30 -5.37 -4.20
N ARG A 28 8.56 -4.98 -4.48
CA ARG A 28 9.72 -5.88 -4.35
C ARG A 28 10.44 -5.67 -3.00
N SER A 29 10.46 -4.41 -2.51
CA SER A 29 11.15 -4.01 -1.27
C SER A 29 10.53 -2.75 -0.66
N VAL A 30 10.78 -2.54 0.66
CA VAL A 30 10.42 -1.31 1.39
C VAL A 30 11.56 -0.95 2.35
N GLN A 31 11.95 0.33 2.34
CA GLN A 31 12.96 0.89 3.26
C GLN A 31 12.34 2.10 3.98
N TYR A 32 12.29 2.03 5.31
CA TYR A 32 11.88 3.17 6.14
C TYR A 32 13.10 4.08 6.35
N ARG A 33 13.11 5.22 5.66
CA ARG A 33 14.14 6.23 5.81
C ARG A 33 13.90 7.02 7.11
N SER A 34 14.68 6.69 8.16
CA SER A 34 14.62 7.36 9.45
C SER A 34 15.17 8.80 9.36
N GLU A 35 16.07 9.03 8.37
CA GLU A 35 16.68 10.35 8.11
C GLU A 35 15.65 11.39 7.67
N GLU A 36 14.61 10.92 6.97
CA GLU A 36 13.55 11.79 6.41
C GLU A 36 12.21 11.54 7.10
N GLY A 37 12.11 10.43 7.87
CA GLY A 37 10.86 10.04 8.52
C GLY A 37 9.76 9.64 7.52
N VAL A 38 10.17 8.93 6.45
CA VAL A 38 9.28 8.49 5.34
C VAL A 38 9.45 6.98 5.08
N ILE A 39 8.35 6.33 4.69
CA ILE A 39 8.32 4.94 4.23
C ILE A 39 8.43 4.93 2.69
N VAL A 40 9.52 4.37 2.18
CA VAL A 40 9.81 4.31 0.74
C VAL A 40 9.58 2.88 0.19
N PHE A 41 8.49 2.74 -0.58
CA PHE A 41 8.06 1.49 -1.22
C PHE A 41 8.74 1.32 -2.60
N ILE A 42 9.79 0.48 -2.66
CA ILE A 42 10.54 0.21 -3.90
C ILE A 42 9.77 -0.79 -4.79
N LEU A 43 9.40 -0.34 -6.01
CA LEU A 43 8.62 -1.13 -6.98
C LEU A 43 9.48 -2.01 -7.88
N ALA A 44 8.82 -2.97 -8.56
CA ALA A 44 9.43 -3.86 -9.57
C ALA A 44 10.01 -3.06 -10.76
N ASN A 45 9.40 -1.87 -11.05
CA ASN A 45 9.87 -0.96 -12.12
C ASN A 45 10.94 0.04 -11.58
N ASP A 46 11.43 -0.22 -10.32
CA ASP A 46 12.47 0.60 -9.63
C ASP A 46 11.93 1.99 -9.18
N ARG A 47 10.59 2.13 -9.18
CA ARG A 47 9.92 3.37 -8.72
C ARG A 47 9.74 3.35 -7.19
N GLU A 48 10.40 4.28 -6.52
CA GLU A 48 10.26 4.46 -5.08
C GLU A 48 9.03 5.35 -4.79
N LEU A 49 7.95 4.72 -4.31
CA LEU A 49 6.76 5.42 -3.80
C LEU A 49 7.03 5.90 -2.37
N LYS A 50 7.10 7.20 -2.21
CA LYS A 50 7.64 7.86 -1.02
C LYS A 50 6.51 8.60 -0.29
N PHE A 51 6.08 8.03 0.85
CA PHE A 51 4.98 8.56 1.68
C PHE A 51 5.41 8.54 3.16
N ARG A 52 4.90 9.49 3.98
CA ARG A 52 5.17 9.50 5.44
C ARG A 52 4.28 8.42 6.13
N PRO A 53 4.72 7.86 7.30
CA PRO A 53 3.88 6.97 8.13
C PRO A 53 2.53 7.62 8.53
N ASP A 54 2.56 8.91 8.90
CA ASP A 54 1.38 9.67 9.35
C ASP A 54 0.49 10.11 8.15
N ASP A 55 0.80 9.61 6.96
CA ASP A 55 -0.06 9.74 5.76
C ASP A 55 -0.87 8.46 5.53
N LEU A 56 -0.21 7.31 5.78
CA LEU A 56 -0.71 5.98 5.38
C LEU A 56 -1.61 5.37 6.45
N GLN A 57 -2.64 4.62 6.01
CA GLN A 57 -3.60 3.92 6.89
C GLN A 57 -2.89 2.92 7.83
N ALA A 58 -1.95 2.13 7.26
CA ALA A 58 -1.20 1.11 8.03
C ALA A 58 -0.52 1.74 9.25
N THR A 59 0.11 2.87 9.00
CA THR A 59 1.09 3.47 9.90
C THR A 59 0.62 4.79 10.50
N TYR A 60 -0.69 5.06 10.43
CA TYR A 60 -1.30 6.24 11.05
C TYR A 60 -1.43 5.95 12.56
N GLY A 61 -0.29 6.07 13.25
CA GLY A 61 -0.16 5.69 14.67
C GLY A 61 0.88 4.58 14.92
N ALA A 62 1.78 4.33 13.94
CA ALA A 62 2.83 3.28 14.05
C ALA A 62 4.23 3.89 14.29
N THR A 63 5.07 3.17 15.04
CA THR A 63 6.45 3.57 15.38
C THR A 63 7.49 2.94 14.40
N PRO A 64 8.71 3.59 14.23
CA PRO A 64 9.81 3.09 13.35
C PRO A 64 10.25 1.62 13.62
N GLU A 65 10.13 1.18 14.88
CA GLU A 65 10.47 -0.21 15.29
C GLU A 65 9.59 -1.25 14.59
N GLN A 66 8.36 -0.84 14.29
CA GLN A 66 7.36 -1.68 13.61
C GLN A 66 7.56 -1.61 12.07
N LEU A 67 8.32 -0.59 11.62
CA LEU A 67 8.61 -0.32 10.21
C LEU A 67 10.05 -0.79 9.86
N ARG A 68 10.63 -1.63 10.75
CA ARG A 68 11.86 -2.37 10.48
C ARG A 68 11.49 -3.69 9.77
N GLU A 69 10.68 -4.48 10.49
CA GLU A 69 10.25 -5.82 10.08
C GLU A 69 8.95 -5.72 9.28
N ILE A 70 9.14 -5.55 7.96
CA ILE A 70 8.10 -5.32 6.97
C ILE A 70 8.05 -6.50 5.97
N GLU A 71 6.84 -6.93 5.59
CA GLU A 71 6.61 -7.97 4.57
C GLU A 71 5.77 -7.38 3.42
N ILE A 72 5.79 -8.01 2.23
CA ILE A 72 4.91 -7.63 1.10
C ILE A 72 3.47 -8.12 1.36
N SER A 73 2.46 -7.46 0.73
CA SER A 73 1.02 -7.77 0.91
C SER A 73 0.69 -9.25 0.58
N PRO A 74 -0.42 -9.81 1.15
CA PRO A 74 -0.89 -11.18 0.80
C PRO A 74 -1.45 -11.23 -0.65
N SER A 75 -1.70 -10.04 -1.22
CA SER A 75 -2.10 -9.87 -2.63
C SER A 75 -0.85 -9.84 -3.56
N GLY A 76 0.31 -9.46 -2.96
CA GLY A 76 1.58 -9.31 -3.70
C GLY A 76 1.71 -7.95 -4.39
N LEU A 77 0.65 -7.12 -4.29
CA LEU A 77 0.61 -5.77 -4.85
C LEU A 77 1.32 -4.79 -3.90
N GLY A 78 0.65 -4.48 -2.77
CA GLY A 78 1.18 -3.51 -1.81
C GLY A 78 2.09 -4.11 -0.77
N VAL A 79 1.91 -3.68 0.47
CA VAL A 79 2.72 -4.12 1.59
C VAL A 79 1.81 -4.70 2.69
N TYR A 80 2.41 -5.43 3.62
CA TYR A 80 1.76 -5.90 4.84
C TYR A 80 2.78 -5.80 5.98
N PHE A 81 2.66 -4.76 6.81
CA PHE A 81 3.54 -4.56 7.95
C PHE A 81 3.11 -5.49 9.08
N GLU A 82 3.97 -6.46 9.40
CA GLU A 82 3.61 -7.64 10.19
C GLU A 82 3.44 -7.33 11.69
N THR A 83 4.26 -6.40 12.20
CA THR A 83 4.28 -6.00 13.63
C THR A 83 2.94 -5.37 14.06
N LEU A 84 2.36 -4.59 13.14
CA LEU A 84 1.08 -3.87 13.34
C LEU A 84 -0.06 -4.66 12.69
N GLU A 85 0.30 -5.67 11.86
CA GLU A 85 -0.65 -6.54 11.11
C GLU A 85 -1.56 -5.69 10.19
N GLU A 86 -1.00 -4.57 9.70
CA GLU A 86 -1.74 -3.54 8.97
C GLU A 86 -1.02 -3.29 7.62
N ASP A 87 -1.81 -3.26 6.52
CA ASP A 87 -1.28 -3.24 5.15
C ASP A 87 -1.42 -1.83 4.51
N VAL A 88 -0.57 -1.55 3.50
CA VAL A 88 -0.65 -0.34 2.65
C VAL A 88 -0.90 -0.80 1.20
N SER A 89 -2.09 -0.48 0.66
CA SER A 89 -2.48 -0.85 -0.71
C SER A 89 -1.64 -0.09 -1.75
N LEU A 90 -0.94 -0.82 -2.62
CA LEU A 90 -0.11 -0.23 -3.69
C LEU A 90 -0.97 0.55 -4.66
N ILE A 91 -2.08 -0.09 -5.07
CA ILE A 91 -3.05 0.47 -6.01
C ILE A 91 -3.66 1.75 -5.43
N GLY A 92 -3.81 1.75 -4.10
CA GLY A 92 -4.18 2.94 -3.36
C GLY A 92 -3.19 4.07 -3.59
N LEU A 93 -1.89 3.78 -3.41
CA LEU A 93 -0.80 4.78 -3.56
C LEU A 93 -0.72 5.33 -4.99
N LEU A 94 -1.08 4.47 -5.97
CA LEU A 94 -1.10 4.81 -7.40
C LEU A 94 -2.32 5.69 -7.74
N GLU A 95 -3.41 5.53 -6.97
CA GLU A 95 -4.63 6.37 -7.08
C GLU A 95 -4.56 7.60 -6.14
N GLY A 96 -3.55 7.61 -5.25
CA GLY A 96 -3.38 8.67 -4.23
C GLY A 96 -4.05 8.32 -2.89
N ARG A 97 -4.84 7.23 -2.89
CA ARG A 97 -5.56 6.72 -1.70
C ARG A 97 -4.56 6.07 -0.71
N ARG A 98 -4.08 6.87 0.24
CA ARG A 98 -3.16 6.40 1.31
C ARG A 98 -3.89 5.46 2.29
N GLY A 99 -5.23 5.55 2.29
CA GLY A 99 -6.13 4.58 2.93
C GLY A 99 -7.33 4.30 2.05
N SER A 100 -8.50 4.06 2.66
CA SER A 100 -9.77 3.95 1.92
C SER A 100 -10.35 5.36 1.66
N ALA A 101 -11.31 5.46 0.73
CA ALA A 101 -11.99 6.72 0.39
C ALA A 101 -12.78 7.26 1.61
N LYS A 102 -13.50 6.35 2.30
CA LYS A 102 -14.26 6.69 3.52
C LYS A 102 -13.29 7.05 4.66
N TRP A 103 -12.13 6.37 4.73
CA TRP A 103 -11.09 6.64 5.75
C TRP A 103 -10.59 8.08 5.61
N MET A 104 -10.29 8.49 4.38
CA MET A 104 -9.76 9.84 4.08
C MET A 104 -10.84 10.93 4.27
N ALA A 105 -12.13 10.55 4.18
CA ALA A 105 -13.26 11.48 4.33
C ALA A 105 -13.55 11.73 5.82
N GLU A 106 -13.48 10.66 6.62
CA GLU A 106 -13.90 10.67 8.05
C GLU A 106 -12.69 10.87 8.99
N HIS A 107 -11.47 10.72 8.42
CA HIS A 107 -10.21 10.99 9.12
C HIS A 107 -9.39 11.93 8.21
N PRO A 108 -9.70 13.28 8.24
CA PRO A 108 -9.01 14.29 7.41
C PRO A 108 -7.47 14.27 7.58
N LEU A 109 -6.75 14.44 6.46
CA LEU A 109 -5.29 14.38 6.41
C LEU A 109 -4.72 15.71 5.91
N ALA A 110 -3.52 16.07 6.39
CA ALA A 110 -2.83 17.33 6.02
C ALA A 110 -2.24 17.29 4.59
N SER A 111 -2.34 16.12 3.91
CA SER A 111 -1.87 15.92 2.54
C SER A 111 -3.03 15.43 1.66
N MET A 3 -16.57 -9.26 -22.02
CA MET A 3 -18.04 -9.09 -21.86
C MET A 3 -18.41 -9.19 -20.37
N GLU A 4 -18.93 -8.09 -19.80
CA GLU A 4 -19.26 -8.02 -18.36
C GLU A 4 -20.60 -8.74 -18.07
N VAL A 5 -20.62 -9.57 -17.01
CA VAL A 5 -21.81 -10.35 -16.62
C VAL A 5 -21.81 -10.54 -15.08
N SER A 6 -23.01 -10.70 -14.49
CA SER A 6 -23.18 -10.93 -13.05
C SER A 6 -22.93 -12.42 -12.70
N ALA A 7 -21.63 -12.76 -12.59
CA ALA A 7 -21.16 -14.13 -12.25
C ALA A 7 -19.95 -14.05 -11.31
N ASN A 8 -19.63 -15.17 -10.63
CA ASN A 8 -18.48 -15.24 -9.67
C ASN A 8 -17.31 -16.01 -10.30
N GLU A 9 -17.63 -16.93 -11.24
CA GLU A 9 -16.65 -17.82 -11.90
C GLU A 9 -15.59 -17.06 -12.73
N LEU A 10 -15.98 -15.85 -13.19
CA LEU A 10 -15.09 -14.96 -13.98
C LEU A 10 -13.91 -14.43 -13.16
N GLU A 11 -14.07 -14.44 -11.81
CA GLU A 11 -13.05 -14.00 -10.81
C GLU A 11 -12.36 -12.68 -11.19
N ALA A 12 -13.16 -11.73 -11.75
CA ALA A 12 -12.65 -10.50 -12.37
C ALA A 12 -11.84 -9.61 -11.39
N ALA A 13 -12.05 -9.82 -10.08
CA ALA A 13 -11.27 -9.14 -9.02
C ALA A 13 -9.87 -9.77 -8.89
N SER A 14 -9.84 -11.12 -8.80
CA SER A 14 -8.59 -11.91 -8.62
C SER A 14 -7.68 -11.79 -9.87
N SER A 15 -8.29 -11.95 -11.04
CA SER A 15 -7.61 -11.81 -12.33
C SER A 15 -7.11 -10.35 -12.51
N ARG A 16 -7.94 -9.37 -12.08
CA ARG A 16 -7.57 -7.92 -12.10
C ARG A 16 -6.27 -7.68 -11.32
N MET A 17 -6.15 -8.30 -10.13
CA MET A 17 -4.96 -8.18 -9.28
C MET A 17 -3.69 -8.58 -10.06
N GLU A 18 -3.76 -9.76 -10.69
CA GLU A 18 -2.66 -10.32 -11.52
C GLU A 18 -2.36 -9.39 -12.73
N MET A 19 -3.43 -8.82 -13.32
CA MET A 19 -3.33 -7.91 -14.49
C MET A 19 -2.55 -6.64 -14.13
N LEU A 20 -2.90 -6.03 -12.98
CA LEU A 20 -2.29 -4.75 -12.52
C LEU A 20 -0.82 -4.95 -12.10
N GLN A 21 -0.53 -6.15 -11.56
CA GLN A 21 0.83 -6.56 -11.14
C GLN A 21 1.77 -6.67 -12.35
N ARG A 22 1.27 -7.28 -13.43
CA ARG A 22 2.07 -7.52 -14.66
C ARG A 22 2.07 -6.28 -15.59
N GLU A 23 1.01 -5.46 -15.49
CA GLU A 23 0.82 -4.26 -16.33
C GLU A 23 1.75 -3.14 -15.85
N TYR A 24 1.53 -2.68 -14.61
CA TYR A 24 2.25 -1.56 -14.00
C TYR A 24 3.51 -2.10 -13.29
N SER A 25 3.31 -2.57 -12.04
CA SER A 25 4.40 -3.05 -11.16
C SER A 25 3.79 -3.73 -9.94
N THR A 26 4.58 -4.61 -9.32
CA THR A 26 4.34 -5.09 -7.96
C THR A 26 5.18 -4.26 -6.99
N LEU A 27 5.05 -4.55 -5.70
CA LEU A 27 5.95 -4.00 -4.68
C LEU A 27 7.00 -5.08 -4.33
N ARG A 28 8.30 -4.78 -4.52
CA ARG A 28 9.39 -5.76 -4.26
C ARG A 28 9.87 -5.67 -2.78
N SER A 29 9.98 -4.43 -2.28
CA SER A 29 10.50 -4.14 -0.92
C SER A 29 9.97 -2.79 -0.43
N VAL A 30 10.06 -2.58 0.89
CA VAL A 30 9.74 -1.30 1.56
C VAL A 30 10.81 -1.03 2.65
N GLN A 31 11.08 0.25 2.94
CA GLN A 31 11.98 0.66 4.03
C GLN A 31 11.58 2.04 4.57
N TYR A 32 11.57 2.18 5.90
CA TYR A 32 11.37 3.49 6.56
C TYR A 32 12.74 4.19 6.65
N ARG A 33 12.85 5.34 5.98
CA ARG A 33 14.02 6.20 6.04
C ARG A 33 13.75 7.33 7.05
N SER A 34 14.34 7.20 8.25
CA SER A 34 14.13 8.11 9.39
C SER A 34 14.74 9.50 9.12
N GLU A 35 15.83 9.52 8.35
CA GLU A 35 16.53 10.76 7.94
C GLU A 35 15.60 11.64 7.08
N GLU A 36 14.83 10.97 6.22
CA GLU A 36 13.84 11.61 5.35
C GLU A 36 12.50 11.83 6.09
N GLY A 37 12.29 11.02 7.15
CA GLY A 37 11.02 11.03 7.91
C GLY A 37 9.86 10.42 7.13
N VAL A 38 10.19 9.60 6.12
CA VAL A 38 9.23 8.98 5.18
C VAL A 38 9.50 7.47 5.06
N ILE A 39 8.54 6.78 4.46
CA ILE A 39 8.65 5.36 4.09
C ILE A 39 8.68 5.27 2.56
N VAL A 40 9.72 4.61 2.04
CA VAL A 40 9.91 4.37 0.61
C VAL A 40 9.45 2.93 0.25
N PHE A 41 8.33 2.85 -0.47
CA PHE A 41 7.80 1.63 -1.08
C PHE A 41 8.47 1.41 -2.43
N ILE A 42 9.49 0.55 -2.44
CA ILE A 42 10.29 0.26 -3.64
C ILE A 42 9.53 -0.71 -4.58
N LEU A 43 9.16 -0.20 -5.76
CA LEU A 43 8.41 -0.95 -6.80
C LEU A 43 9.28 -1.99 -7.50
N ALA A 44 8.63 -2.87 -8.27
CA ALA A 44 9.30 -3.95 -9.04
C ALA A 44 10.26 -3.43 -10.12
N ASN A 45 10.07 -2.15 -10.53
CA ASN A 45 10.97 -1.45 -11.46
C ASN A 45 11.95 -0.52 -10.68
N ASP A 46 12.11 -0.83 -9.36
CA ASP A 46 13.03 -0.14 -8.42
C ASP A 46 12.58 1.33 -8.13
N ARG A 47 11.31 1.66 -8.47
CA ARG A 47 10.78 3.04 -8.34
C ARG A 47 10.39 3.34 -6.88
N GLU A 48 10.96 4.41 -6.34
CA GLU A 48 10.72 4.84 -4.95
C GLU A 48 9.39 5.61 -4.82
N LEU A 49 8.35 4.92 -4.31
CA LEU A 49 7.12 5.59 -3.84
C LEU A 49 7.37 6.11 -2.42
N LYS A 50 7.23 7.42 -2.23
CA LYS A 50 7.78 8.11 -1.06
C LYS A 50 6.65 8.86 -0.33
N PHE A 51 6.17 8.27 0.78
CA PHE A 51 5.04 8.79 1.59
C PHE A 51 5.41 8.68 3.09
N ARG A 52 4.97 9.65 3.90
CA ARG A 52 5.29 9.70 5.34
C ARG A 52 4.48 8.65 6.15
N PRO A 53 4.97 8.23 7.37
CA PRO A 53 4.18 7.39 8.31
C PRO A 53 2.86 8.05 8.74
N ASP A 54 2.89 9.37 8.89
CA ASP A 54 1.71 10.14 9.32
C ASP A 54 0.78 10.50 8.13
N ASP A 55 1.09 9.97 6.93
CA ASP A 55 0.27 10.16 5.73
C ASP A 55 -0.73 9.01 5.51
N LEU A 56 -0.28 7.75 5.71
CA LEU A 56 -1.00 6.55 5.22
C LEU A 56 -1.86 5.88 6.30
N GLN A 57 -2.77 5.02 5.81
CA GLN A 57 -3.67 4.16 6.62
C GLN A 57 -2.88 3.37 7.69
N ALA A 58 -2.11 2.37 7.23
CA ALA A 58 -1.40 1.41 8.09
C ALA A 58 -0.40 2.11 9.02
N THR A 59 0.37 3.00 8.42
CA THR A 59 1.56 3.59 9.02
C THR A 59 1.23 4.62 10.12
N TYR A 60 -0.01 5.16 10.07
CA TYR A 60 -0.44 6.23 10.99
C TYR A 60 -0.61 5.67 12.40
N GLY A 61 0.28 6.09 13.32
CA GLY A 61 0.28 5.63 14.71
C GLY A 61 1.24 4.47 14.95
N ALA A 62 1.78 3.90 13.85
CA ALA A 62 2.77 2.82 13.92
C ALA A 62 4.18 3.42 14.12
N THR A 63 4.95 2.82 15.05
CA THR A 63 6.33 3.24 15.37
C THR A 63 7.32 2.84 14.25
N PRO A 64 8.51 3.53 14.13
CA PRO A 64 9.57 3.19 13.13
C PRO A 64 9.93 1.69 13.08
N GLU A 65 9.89 1.03 14.26
CA GLU A 65 10.22 -0.40 14.41
C GLU A 65 9.13 -1.32 13.80
N GLN A 66 7.86 -0.87 13.90
CA GLN A 66 6.70 -1.55 13.28
C GLN A 66 6.70 -1.33 11.76
N LEU A 67 7.45 -0.28 11.34
CA LEU A 67 7.66 0.07 9.93
C LEU A 67 9.05 -0.44 9.51
N ARG A 68 9.51 -1.51 10.19
CA ARG A 68 10.70 -2.30 9.82
C ARG A 68 10.29 -3.74 9.51
N GLU A 69 9.38 -4.30 10.35
CA GLU A 69 8.85 -5.65 10.13
C GLU A 69 7.71 -5.57 9.13
N ILE A 70 8.13 -5.47 7.86
CA ILE A 70 7.27 -5.23 6.72
C ILE A 70 7.44 -6.37 5.70
N GLU A 71 6.31 -6.89 5.22
CA GLU A 71 6.25 -7.89 4.15
C GLU A 71 5.40 -7.32 3.00
N ILE A 72 5.43 -7.96 1.82
CA ILE A 72 4.57 -7.57 0.68
C ILE A 72 3.15 -8.15 0.85
N SER A 73 2.14 -7.48 0.26
CA SER A 73 0.72 -7.85 0.36
C SER A 73 0.44 -9.31 -0.05
N PRO A 74 -0.63 -9.97 0.52
CA PRO A 74 -1.04 -11.34 0.12
C PRO A 74 -1.45 -11.42 -1.37
N SER A 75 -1.88 -10.27 -1.94
CA SER A 75 -2.15 -10.16 -3.39
C SER A 75 -0.81 -10.12 -4.18
N GLY A 76 0.17 -9.39 -3.62
CA GLY A 76 1.46 -9.14 -4.27
C GLY A 76 1.54 -7.73 -4.88
N LEU A 77 0.40 -7.03 -4.92
CA LEU A 77 0.33 -5.62 -5.35
C LEU A 77 1.05 -4.71 -4.34
N GLY A 78 0.40 -4.45 -3.18
CA GLY A 78 0.88 -3.47 -2.22
C GLY A 78 1.74 -4.07 -1.14
N VAL A 79 1.43 -3.74 0.11
CA VAL A 79 2.25 -4.14 1.26
C VAL A 79 1.36 -4.77 2.34
N TYR A 80 1.95 -5.65 3.15
CA TYR A 80 1.35 -6.15 4.39
C TYR A 80 2.38 -6.01 5.52
N PHE A 81 2.17 -5.03 6.40
CA PHE A 81 3.01 -4.85 7.59
C PHE A 81 2.59 -5.86 8.66
N GLU A 82 3.58 -6.61 9.15
CA GLU A 82 3.34 -7.78 10.01
C GLU A 82 2.97 -7.37 11.45
N THR A 83 3.74 -6.42 12.02
CA THR A 83 3.62 -6.03 13.45
C THR A 83 2.23 -5.43 13.77
N LEU A 84 1.69 -4.68 12.79
CA LEU A 84 0.41 -3.95 12.92
C LEU A 84 -0.72 -4.69 12.19
N GLU A 85 -0.36 -5.73 11.41
CA GLU A 85 -1.32 -6.58 10.66
C GLU A 85 -2.16 -5.75 9.67
N GLU A 86 -1.53 -4.73 9.10
CA GLU A 86 -2.18 -3.73 8.25
C GLU A 86 -1.62 -3.78 6.82
N ASP A 87 -2.50 -3.56 5.84
CA ASP A 87 -2.18 -3.61 4.40
C ASP A 87 -2.32 -2.19 3.80
N VAL A 88 -1.29 -1.74 3.05
CA VAL A 88 -1.35 -0.50 2.26
C VAL A 88 -1.37 -0.90 0.78
N SER A 89 -2.55 -0.78 0.16
CA SER A 89 -2.78 -1.15 -1.23
C SER A 89 -1.96 -0.25 -2.19
N LEU A 90 -1.18 -0.90 -3.08
CA LEU A 90 -0.26 -0.20 -4.01
C LEU A 90 -1.01 0.77 -4.92
N ILE A 91 -2.13 0.29 -5.47
CA ILE A 91 -2.98 1.05 -6.38
C ILE A 91 -3.46 2.35 -5.71
N GLY A 92 -3.78 2.25 -4.40
CA GLY A 92 -4.13 3.42 -3.59
C GLY A 92 -3.02 4.49 -3.58
N LEU A 93 -1.76 4.04 -3.38
CA LEU A 93 -0.57 4.93 -3.38
C LEU A 93 -0.39 5.62 -4.74
N LEU A 94 -0.67 4.86 -5.82
CA LEU A 94 -0.57 5.34 -7.21
C LEU A 94 -1.66 6.40 -7.51
N GLU A 95 -2.85 6.21 -6.90
CA GLU A 95 -4.00 7.15 -7.04
C GLU A 95 -3.85 8.36 -6.10
N GLY A 96 -2.96 8.24 -5.10
CA GLY A 96 -2.77 9.27 -4.06
C GLY A 96 -3.66 9.04 -2.84
N ARG A 97 -4.50 8.00 -2.92
CA ARG A 97 -5.36 7.55 -1.82
C ARG A 97 -4.49 6.86 -0.75
N ARG A 98 -4.07 7.64 0.24
CA ARG A 98 -3.14 7.21 1.30
C ARG A 98 -3.80 6.23 2.28
N GLY A 99 -5.09 6.44 2.52
CA GLY A 99 -5.91 5.56 3.34
C GLY A 99 -7.28 5.38 2.74
N SER A 100 -8.09 4.52 3.37
CA SER A 100 -9.49 4.26 2.94
C SER A 100 -10.31 5.58 2.93
N ALA A 101 -11.38 5.65 2.11
CA ALA A 101 -12.26 6.84 2.04
C ALA A 101 -12.84 7.17 3.44
N LYS A 102 -13.19 6.09 4.16
CA LYS A 102 -13.60 6.11 5.57
C LYS A 102 -12.52 6.79 6.44
N TRP A 103 -11.27 6.29 6.31
CA TRP A 103 -10.12 6.73 7.11
C TRP A 103 -9.86 8.22 6.91
N MET A 104 -9.79 8.67 5.65
CA MET A 104 -9.46 10.06 5.30
C MET A 104 -10.60 11.03 5.68
N ALA A 105 -11.85 10.52 5.83
CA ALA A 105 -13.00 11.36 6.22
C ALA A 105 -13.06 11.52 7.75
N GLU A 106 -12.79 10.41 8.47
CA GLU A 106 -12.95 10.35 9.94
C GLU A 106 -11.60 10.59 10.66
N HIS A 107 -10.52 10.66 9.88
CA HIS A 107 -9.18 11.02 10.35
C HIS A 107 -8.60 12.02 9.33
N PRO A 108 -9.02 13.34 9.39
CA PRO A 108 -8.50 14.39 8.48
C PRO A 108 -6.96 14.49 8.52
N LEU A 109 -6.35 14.41 7.34
CA LEU A 109 -4.89 14.39 7.17
C LEU A 109 -4.29 15.80 7.34
N ALA A 110 -3.15 15.87 8.07
CA ALA A 110 -2.42 17.12 8.29
C ALA A 110 -1.66 17.52 7.02
N SER A 111 -2.37 18.20 6.11
CA SER A 111 -1.83 18.70 4.84
C SER A 111 -2.48 20.08 4.55
N MET A 3 -16.78 -5.29 -17.88
CA MET A 3 -15.86 -5.60 -16.77
C MET A 3 -16.58 -5.28 -15.45
N GLU A 4 -17.34 -6.27 -14.94
CA GLU A 4 -18.20 -6.11 -13.75
C GLU A 4 -17.40 -6.36 -12.46
N VAL A 5 -16.63 -5.33 -12.05
CA VAL A 5 -15.91 -5.31 -10.77
C VAL A 5 -16.89 -5.18 -9.59
N SER A 6 -18.11 -4.76 -9.93
CA SER A 6 -19.26 -4.67 -9.02
C SER A 6 -19.75 -6.08 -8.58
N ALA A 7 -19.72 -7.05 -9.51
CA ALA A 7 -20.26 -8.41 -9.28
C ALA A 7 -19.21 -9.29 -8.60
N ASN A 8 -19.61 -9.88 -7.45
CA ASN A 8 -18.74 -10.77 -6.63
C ASN A 8 -18.46 -12.09 -7.38
N GLU A 9 -19.47 -12.55 -8.14
CA GLU A 9 -19.36 -13.77 -8.96
C GLU A 9 -18.37 -13.57 -10.11
N LEU A 10 -18.37 -12.36 -10.73
CA LEU A 10 -17.41 -12.01 -11.79
C LEU A 10 -15.99 -11.84 -11.22
N GLU A 11 -15.92 -11.50 -9.91
CA GLU A 11 -14.66 -11.29 -9.13
C GLU A 11 -13.60 -10.49 -9.91
N ALA A 12 -14.10 -9.55 -10.76
CA ALA A 12 -13.26 -8.78 -11.70
C ALA A 12 -12.29 -7.83 -10.98
N ALA A 13 -12.54 -7.59 -9.68
CA ALA A 13 -11.63 -6.87 -8.78
C ALA A 13 -10.31 -7.68 -8.61
N SER A 14 -10.47 -9.00 -8.34
CA SER A 14 -9.33 -9.95 -8.22
C SER A 14 -8.53 -10.00 -9.55
N SER A 15 -9.28 -10.10 -10.65
CA SER A 15 -8.73 -10.21 -12.01
C SER A 15 -7.89 -8.97 -12.39
N ARG A 16 -8.45 -7.77 -12.08
CA ARG A 16 -7.84 -6.48 -12.47
C ARG A 16 -6.56 -6.22 -11.64
N MET A 17 -6.55 -6.73 -10.39
CA MET A 17 -5.38 -6.63 -9.50
C MET A 17 -4.18 -7.39 -10.10
N GLU A 18 -4.46 -8.62 -10.58
CA GLU A 18 -3.45 -9.48 -11.25
C GLU A 18 -2.89 -8.79 -12.51
N MET A 19 -3.81 -8.12 -13.26
CA MET A 19 -3.43 -7.36 -14.47
C MET A 19 -2.50 -6.18 -14.10
N LEU A 20 -2.75 -5.53 -12.94
CA LEU A 20 -1.95 -4.37 -12.46
C LEU A 20 -0.59 -4.83 -11.85
N GLN A 21 -0.54 -6.09 -11.37
CA GLN A 21 0.71 -6.72 -10.86
C GLN A 21 1.72 -6.89 -12.01
N ARG A 22 1.20 -7.28 -13.18
CA ARG A 22 2.02 -7.50 -14.40
C ARG A 22 2.03 -6.25 -15.31
N GLU A 23 1.19 -5.23 -14.97
CA GLU A 23 1.17 -3.93 -15.68
C GLU A 23 2.30 -3.03 -15.19
N TYR A 24 2.21 -2.61 -13.91
CA TYR A 24 3.21 -1.74 -13.27
C TYR A 24 4.32 -2.62 -12.68
N SER A 25 3.95 -3.34 -11.61
CA SER A 25 4.82 -4.31 -10.89
C SER A 25 4.18 -4.68 -9.55
N THR A 26 4.83 -5.60 -8.85
CA THR A 26 4.58 -5.90 -7.44
C THR A 26 5.65 -5.20 -6.61
N LEU A 27 5.37 -4.93 -5.34
CA LEU A 27 6.35 -4.34 -4.43
C LEU A 27 7.40 -5.40 -4.02
N ARG A 28 8.71 -5.06 -4.15
CA ARG A 28 9.80 -6.00 -3.79
C ARG A 28 10.37 -5.67 -2.40
N SER A 29 10.56 -4.37 -2.11
CA SER A 29 11.34 -3.91 -0.95
C SER A 29 10.72 -2.61 -0.39
N VAL A 30 10.85 -2.45 0.93
CA VAL A 30 10.39 -1.26 1.67
C VAL A 30 11.52 -0.81 2.62
N GLN A 31 11.69 0.52 2.76
CA GLN A 31 12.70 1.10 3.65
C GLN A 31 12.13 2.40 4.27
N TYR A 32 12.26 2.54 5.59
CA TYR A 32 11.85 3.76 6.30
C TYR A 32 13.03 4.74 6.35
N ARG A 33 12.92 5.82 5.58
CA ARG A 33 13.86 6.94 5.62
C ARG A 33 13.58 7.82 6.85
N SER A 34 14.42 7.67 7.88
CA SER A 34 14.26 8.33 9.18
C SER A 34 14.58 9.84 9.11
N GLU A 35 15.55 10.24 8.25
CA GLU A 35 15.97 11.66 8.12
C GLU A 35 14.87 12.48 7.44
N GLU A 36 14.14 11.83 6.54
CA GLU A 36 12.99 12.41 5.84
C GLU A 36 11.71 12.28 6.68
N GLY A 37 11.68 11.23 7.52
CA GLY A 37 10.47 10.84 8.24
C GLY A 37 9.41 10.28 7.29
N VAL A 38 9.88 9.60 6.22
CA VAL A 38 9.01 9.00 5.18
C VAL A 38 9.38 7.52 4.99
N ILE A 39 8.46 6.75 4.40
CA ILE A 39 8.72 5.41 3.90
C ILE A 39 8.80 5.44 2.36
N VAL A 40 9.83 4.78 1.84
CA VAL A 40 10.02 4.55 0.41
C VAL A 40 9.67 3.08 0.07
N PHE A 41 8.76 2.93 -0.90
CA PHE A 41 8.25 1.65 -1.39
C PHE A 41 8.92 1.35 -2.75
N ILE A 42 9.96 0.50 -2.74
CA ILE A 42 10.72 0.14 -3.96
C ILE A 42 9.98 -0.99 -4.72
N LEU A 43 9.59 -0.69 -5.97
CA LEU A 43 8.89 -1.63 -6.86
C LEU A 43 9.85 -2.65 -7.49
N ALA A 44 9.27 -3.69 -8.10
CA ALA A 44 10.01 -4.76 -8.81
C ALA A 44 10.73 -4.22 -10.07
N ASN A 45 10.26 -3.06 -10.57
CA ASN A 45 10.91 -2.34 -11.70
C ASN A 45 11.86 -1.24 -11.19
N ASP A 46 12.11 -1.24 -9.85
CA ASP A 46 12.86 -0.20 -9.11
C ASP A 46 12.25 1.19 -9.32
N ARG A 47 11.01 1.33 -8.86
CA ARG A 47 10.35 2.65 -8.79
C ARG A 47 9.99 2.96 -7.34
N GLU A 48 10.42 4.13 -6.86
CA GLU A 48 10.27 4.54 -5.46
C GLU A 48 8.98 5.36 -5.26
N LEU A 49 8.00 4.77 -4.57
CA LEU A 49 6.80 5.47 -4.08
C LEU A 49 7.05 5.99 -2.66
N LYS A 50 7.06 7.31 -2.50
CA LYS A 50 7.56 7.99 -1.29
C LYS A 50 6.42 8.70 -0.56
N PHE A 51 6.02 8.16 0.61
CA PHE A 51 4.90 8.63 1.44
C PHE A 51 5.31 8.62 2.92
N ARG A 52 4.45 9.10 3.84
CA ARG A 52 4.83 9.24 5.29
C ARG A 52 4.07 8.23 6.19
N PRO A 53 4.60 7.94 7.44
CA PRO A 53 3.88 7.19 8.49
C PRO A 53 2.42 7.68 8.73
N ASP A 54 2.23 8.89 9.25
CA ASP A 54 0.88 9.37 9.64
C ASP A 54 0.08 9.87 8.42
N ASP A 55 0.62 9.61 7.23
CA ASP A 55 -0.05 9.88 5.94
C ASP A 55 -0.90 8.67 5.52
N LEU A 56 -0.33 7.45 5.66
CA LEU A 56 -0.91 6.21 5.09
C LEU A 56 -1.76 5.41 6.09
N GLN A 57 -2.45 4.40 5.53
CA GLN A 57 -3.35 3.47 6.25
C GLN A 57 -2.65 2.76 7.43
N ALA A 58 -1.73 1.84 7.06
CA ALA A 58 -1.07 0.92 8.00
C ALA A 58 -0.21 1.67 9.02
N THR A 59 0.53 2.62 8.48
CA THR A 59 1.61 3.32 9.18
C THR A 59 1.10 4.43 10.11
N TYR A 60 -0.24 4.66 10.11
CA TYR A 60 -0.87 5.74 10.86
C TYR A 60 -0.76 5.49 12.38
N GLY A 61 0.12 6.26 13.05
CA GLY A 61 0.40 6.09 14.47
C GLY A 61 1.28 4.87 14.78
N ALA A 62 1.89 4.29 13.73
CA ALA A 62 2.82 3.15 13.87
C ALA A 62 4.25 3.67 14.05
N THR A 63 4.97 3.07 14.99
CA THR A 63 6.33 3.48 15.35
C THR A 63 7.36 3.01 14.28
N PRO A 64 8.51 3.75 14.10
CA PRO A 64 9.54 3.43 13.07
C PRO A 64 10.09 1.98 13.16
N GLU A 65 10.04 1.38 14.36
CA GLU A 65 10.50 -0.01 14.61
C GLU A 65 9.57 -1.03 13.88
N GLN A 66 8.26 -0.75 13.91
CA GLN A 66 7.21 -1.56 13.24
C GLN A 66 7.26 -1.34 11.73
N LEU A 67 7.85 -0.20 11.33
CA LEU A 67 8.02 0.21 9.92
C LEU A 67 9.42 -0.20 9.42
N ARG A 68 10.01 -1.19 10.14
CA ARG A 68 11.16 -1.97 9.67
C ARG A 68 10.73 -3.45 9.59
N GLU A 69 9.91 -3.87 10.57
CA GLU A 69 9.34 -5.22 10.66
C GLU A 69 8.15 -5.34 9.69
N ILE A 70 8.48 -5.65 8.44
CA ILE A 70 7.56 -5.50 7.29
C ILE A 70 7.54 -6.79 6.42
N GLU A 71 6.34 -7.07 5.84
CA GLU A 71 6.15 -8.11 4.81
C GLU A 71 5.45 -7.46 3.61
N ILE A 72 5.57 -8.04 2.39
CA ILE A 72 4.84 -7.57 1.18
C ILE A 72 3.36 -8.05 1.24
N SER A 73 2.44 -7.41 0.46
CA SER A 73 1.00 -7.79 0.40
C SER A 73 0.79 -9.31 0.17
N PRO A 74 -0.34 -9.91 0.69
CA PRO A 74 -0.71 -11.30 0.37
C PRO A 74 -1.03 -11.47 -1.14
N SER A 75 -1.48 -10.36 -1.77
CA SER A 75 -1.74 -10.29 -3.22
C SER A 75 -0.48 -9.83 -3.99
N GLY A 76 0.60 -9.50 -3.25
CA GLY A 76 1.89 -9.11 -3.85
C GLY A 76 1.99 -7.65 -4.26
N LEU A 77 0.82 -7.01 -4.53
CA LEU A 77 0.73 -5.60 -5.00
C LEU A 77 1.55 -4.63 -4.14
N GLY A 78 1.02 -4.29 -2.97
CA GLY A 78 1.64 -3.31 -2.09
C GLY A 78 2.42 -3.97 -1.00
N VAL A 79 2.02 -3.70 0.22
CA VAL A 79 2.72 -4.18 1.39
C VAL A 79 1.71 -4.66 2.44
N TYR A 80 2.14 -5.59 3.27
CA TYR A 80 1.37 -6.07 4.42
C TYR A 80 2.29 -6.07 5.64
N PHE A 81 2.19 -5.02 6.47
CA PHE A 81 2.93 -4.95 7.72
C PHE A 81 2.31 -5.92 8.71
N GLU A 82 2.96 -7.09 8.79
CA GLU A 82 2.49 -8.26 9.53
C GLU A 82 2.42 -7.96 11.04
N THR A 83 3.34 -7.10 11.49
CA THR A 83 3.39 -6.59 12.88
C THR A 83 2.12 -5.78 13.22
N LEU A 84 1.60 -5.04 12.23
CA LEU A 84 0.38 -4.19 12.40
C LEU A 84 -0.88 -4.96 11.98
N GLU A 85 -0.68 -6.08 11.24
CA GLU A 85 -1.77 -6.83 10.55
C GLU A 85 -2.55 -5.92 9.57
N GLU A 86 -1.84 -4.89 9.06
CA GLU A 86 -2.37 -3.88 8.16
C GLU A 86 -1.67 -3.96 6.79
N ASP A 87 -2.35 -3.42 5.77
CA ASP A 87 -1.89 -3.47 4.37
C ASP A 87 -1.93 -2.06 3.77
N VAL A 88 -0.80 -1.62 3.18
CA VAL A 88 -0.74 -0.39 2.37
C VAL A 88 -0.80 -0.82 0.89
N SER A 89 -2.03 -0.75 0.32
CA SER A 89 -2.30 -1.16 -1.06
C SER A 89 -1.53 -0.27 -2.06
N LEU A 90 -0.75 -0.93 -2.95
CA LEU A 90 0.03 -0.25 -4.00
C LEU A 90 -0.88 0.56 -4.91
N ILE A 91 -2.01 -0.05 -5.28
CA ILE A 91 -3.01 0.56 -6.15
C ILE A 91 -3.57 1.82 -5.49
N GLY A 92 -3.82 1.72 -4.17
CA GLY A 92 -4.25 2.87 -3.36
C GLY A 92 -3.28 4.06 -3.45
N LEU A 93 -1.96 3.76 -3.42
CA LEU A 93 -0.89 4.76 -3.54
C LEU A 93 -0.94 5.44 -4.93
N LEU A 94 -1.24 4.63 -5.96
CA LEU A 94 -1.37 5.08 -7.36
C LEU A 94 -2.65 5.92 -7.57
N GLU A 95 -3.69 5.63 -6.77
CA GLU A 95 -4.97 6.38 -6.78
C GLU A 95 -4.90 7.64 -5.88
N GLY A 96 -3.86 7.70 -5.03
CA GLY A 96 -3.71 8.78 -4.05
C GLY A 96 -4.45 8.48 -2.74
N ARG A 97 -5.20 7.35 -2.73
CA ARG A 97 -5.87 6.83 -1.52
C ARG A 97 -4.81 6.30 -0.53
N ARG A 98 -4.44 7.15 0.43
CA ARG A 98 -3.41 6.83 1.43
C ARG A 98 -3.90 5.67 2.33
N GLY A 99 -5.19 5.75 2.69
CA GLY A 99 -5.97 4.63 3.21
C GLY A 99 -7.19 4.40 2.35
N SER A 100 -8.30 3.98 2.97
CA SER A 100 -9.60 3.92 2.27
C SER A 100 -10.22 5.34 2.25
N ALA A 101 -11.22 5.56 1.37
CA ALA A 101 -11.93 6.86 1.26
C ALA A 101 -12.56 7.26 2.60
N LYS A 102 -13.27 6.28 3.21
CA LYS A 102 -13.88 6.43 4.53
C LYS A 102 -12.82 6.80 5.59
N TRP A 103 -11.65 6.11 5.54
CA TRP A 103 -10.54 6.34 6.49
C TRP A 103 -10.04 7.79 6.43
N MET A 104 -9.92 8.33 5.20
CA MET A 104 -9.44 9.71 4.97
C MET A 104 -10.47 10.75 5.42
N ALA A 105 -11.77 10.34 5.53
CA ALA A 105 -12.85 11.21 6.01
C ALA A 105 -12.90 11.21 7.55
N GLU A 106 -12.63 10.03 8.13
CA GLU A 106 -12.65 9.80 9.60
C GLU A 106 -11.30 10.19 10.23
N HIS A 107 -10.26 10.26 9.39
CA HIS A 107 -8.91 10.70 9.77
C HIS A 107 -8.43 11.69 8.68
N PRO A 108 -8.94 12.97 8.69
CA PRO A 108 -8.45 14.01 7.75
C PRO A 108 -6.93 14.22 7.87
N LEU A 109 -6.22 14.19 6.73
CA LEU A 109 -4.75 14.19 6.68
C LEU A 109 -4.14 15.43 7.37
N ALA A 110 -3.05 15.20 8.15
CA ALA A 110 -2.27 16.26 8.80
C ALA A 110 -1.52 17.08 7.73
N SER A 111 -2.22 18.07 7.17
CA SER A 111 -1.68 18.97 6.15
C SER A 111 -2.32 20.37 6.35
N MET A 3 -27.14 -5.94 -11.75
CA MET A 3 -28.59 -5.96 -12.13
C MET A 3 -29.00 -7.35 -12.65
N GLU A 4 -28.05 -8.30 -12.63
CA GLU A 4 -28.16 -9.60 -13.30
C GLU A 4 -27.51 -10.69 -12.45
N VAL A 5 -27.47 -11.92 -12.97
CA VAL A 5 -26.87 -13.07 -12.28
C VAL A 5 -25.33 -12.99 -12.42
N SER A 6 -24.72 -12.18 -11.56
CA SER A 6 -23.26 -12.02 -11.48
C SER A 6 -22.64 -13.17 -10.68
N ALA A 7 -23.36 -13.55 -9.59
CA ALA A 7 -23.11 -14.79 -8.79
C ALA A 7 -21.72 -14.83 -8.13
N ASN A 8 -20.99 -13.70 -8.17
CA ASN A 8 -19.58 -13.56 -7.71
C ASN A 8 -18.60 -14.45 -8.55
N GLU A 9 -19.13 -15.12 -9.60
CA GLU A 9 -18.36 -16.05 -10.45
C GLU A 9 -17.51 -15.28 -11.48
N LEU A 10 -17.88 -14.00 -11.68
CA LEU A 10 -17.10 -13.06 -12.53
C LEU A 10 -15.64 -12.95 -12.05
N GLU A 11 -15.42 -13.18 -10.73
CA GLU A 11 -14.10 -13.12 -10.03
C GLU A 11 -13.26 -11.89 -10.44
N ALA A 12 -13.99 -10.80 -10.76
CA ALA A 12 -13.44 -9.62 -11.42
C ALA A 12 -12.37 -8.93 -10.57
N ALA A 13 -12.62 -8.82 -9.25
CA ALA A 13 -11.70 -8.18 -8.29
C ALA A 13 -10.35 -8.91 -8.24
N SER A 14 -10.41 -10.26 -8.15
CA SER A 14 -9.21 -11.13 -8.07
C SER A 14 -8.40 -11.06 -9.38
N SER A 15 -9.13 -11.15 -10.50
CA SER A 15 -8.55 -11.06 -11.86
C SER A 15 -7.84 -9.73 -12.05
N ARG A 16 -8.49 -8.64 -11.58
CA ARG A 16 -7.98 -7.27 -11.66
C ARG A 16 -6.66 -7.13 -10.89
N MET A 17 -6.57 -7.74 -9.68
CA MET A 17 -5.35 -7.70 -8.84
C MET A 17 -4.14 -8.22 -9.64
N GLU A 18 -4.33 -9.39 -10.27
CA GLU A 18 -3.30 -10.07 -11.09
C GLU A 18 -2.94 -9.26 -12.35
N MET A 19 -3.97 -8.64 -12.95
CA MET A 19 -3.80 -7.75 -14.12
C MET A 19 -2.92 -6.54 -13.78
N LEU A 20 -3.18 -5.94 -12.61
CA LEU A 20 -2.47 -4.72 -12.14
C LEU A 20 -1.01 -5.02 -11.75
N GLN A 21 -0.76 -6.29 -11.30
CA GLN A 21 0.59 -6.81 -11.00
C GLN A 21 1.46 -6.75 -12.26
N ARG A 22 1.00 -7.45 -13.31
CA ARG A 22 1.75 -7.59 -14.56
C ARG A 22 1.70 -6.31 -15.41
N GLU A 23 0.67 -5.47 -15.20
CA GLU A 23 0.49 -4.23 -15.98
C GLU A 23 1.46 -3.15 -15.46
N TYR A 24 1.16 -2.60 -14.26
CA TYR A 24 1.92 -1.49 -13.68
C TYR A 24 3.19 -2.05 -13.02
N SER A 25 3.04 -2.56 -11.78
CA SER A 25 4.15 -3.05 -10.96
C SER A 25 3.61 -3.84 -9.77
N THR A 26 4.52 -4.63 -9.19
CA THR A 26 4.39 -5.17 -7.84
C THR A 26 5.39 -4.42 -6.94
N LEU A 27 5.34 -4.66 -5.64
CA LEU A 27 6.32 -4.10 -4.70
C LEU A 27 7.39 -5.17 -4.39
N ARG A 28 8.68 -4.79 -4.39
CA ARG A 28 9.79 -5.74 -4.16
C ARG A 28 10.42 -5.55 -2.78
N SER A 29 10.54 -4.29 -2.33
CA SER A 29 11.23 -3.93 -1.08
C SER A 29 10.65 -2.63 -0.51
N VAL A 30 10.86 -2.40 0.80
CA VAL A 30 10.47 -1.18 1.50
C VAL A 30 11.59 -0.78 2.48
N GLN A 31 11.84 0.53 2.60
CA GLN A 31 12.82 1.10 3.51
C GLN A 31 12.17 2.31 4.22
N TYR A 32 12.22 2.33 5.55
CA TYR A 32 11.75 3.47 6.33
C TYR A 32 12.91 4.47 6.50
N ARG A 33 12.82 5.63 5.82
CA ARG A 33 13.78 6.71 5.94
C ARG A 33 13.30 7.72 7.01
N SER A 34 13.86 7.59 8.22
CA SER A 34 13.59 8.49 9.36
C SER A 34 14.14 9.92 9.08
N GLU A 35 15.03 10.03 8.07
CA GLU A 35 15.56 11.31 7.56
C GLU A 35 14.41 12.28 7.19
N GLU A 36 13.49 11.81 6.35
CA GLU A 36 12.27 12.56 5.97
C GLU A 36 11.06 12.11 6.79
N GLY A 37 11.24 11.06 7.62
CA GLY A 37 10.15 10.47 8.40
C GLY A 37 9.09 9.85 7.50
N VAL A 38 9.56 9.19 6.42
CA VAL A 38 8.71 8.61 5.37
C VAL A 38 9.01 7.12 5.16
N ILE A 39 7.98 6.36 4.80
CA ILE A 39 8.09 4.98 4.33
C ILE A 39 8.27 5.00 2.80
N VAL A 40 9.48 4.67 2.34
CA VAL A 40 9.84 4.63 0.92
C VAL A 40 9.62 3.22 0.35
N PHE A 41 8.61 3.08 -0.52
CA PHE A 41 8.23 1.82 -1.16
C PHE A 41 9.01 1.62 -2.48
N ILE A 42 10.00 0.71 -2.47
CA ILE A 42 10.78 0.38 -3.67
C ILE A 42 9.96 -0.60 -4.56
N LEU A 43 9.45 -0.07 -5.68
CA LEU A 43 8.69 -0.84 -6.70
C LEU A 43 9.56 -1.93 -7.34
N ALA A 44 8.91 -2.86 -8.03
CA ALA A 44 9.57 -3.94 -8.78
C ALA A 44 10.46 -3.36 -9.90
N ASN A 45 9.98 -2.24 -10.49
CA ASN A 45 10.73 -1.47 -11.51
C ASN A 45 11.80 -0.53 -10.88
N ASP A 46 11.98 -0.65 -9.54
CA ASP A 46 12.99 0.08 -8.72
C ASP A 46 12.66 1.57 -8.53
N ARG A 47 11.42 1.97 -8.87
CA ARG A 47 10.95 3.34 -8.64
C ARG A 47 10.51 3.48 -7.17
N GLU A 48 11.06 4.48 -6.48
CA GLU A 48 10.77 4.71 -5.07
C GLU A 48 9.53 5.61 -4.90
N LEU A 49 8.45 5.04 -4.35
CA LEU A 49 7.30 5.79 -3.82
C LEU A 49 7.68 6.31 -2.43
N LYS A 50 7.08 7.43 -2.02
CA LYS A 50 7.44 8.14 -0.79
C LYS A 50 6.18 8.66 -0.11
N PHE A 51 5.78 7.99 0.98
CA PHE A 51 4.60 8.35 1.79
C PHE A 51 4.96 8.21 3.26
N ARG A 52 4.61 9.22 4.09
CA ARG A 52 4.87 9.18 5.55
C ARG A 52 4.00 8.07 6.21
N PRO A 53 4.41 7.51 7.39
CA PRO A 53 3.53 6.64 8.19
C PRO A 53 2.17 7.31 8.52
N ASP A 54 2.22 8.63 8.79
CA ASP A 54 1.03 9.44 9.13
C ASP A 54 0.11 9.65 7.89
N ASP A 55 0.67 9.47 6.68
CA ASP A 55 -0.08 9.55 5.41
C ASP A 55 -0.88 8.26 5.16
N LEU A 56 -0.45 7.15 5.78
CA LEU A 56 -0.92 5.81 5.43
C LEU A 56 -1.88 5.24 6.47
N GLN A 57 -2.91 4.54 5.97
CA GLN A 57 -3.92 3.86 6.78
C GLN A 57 -3.30 2.73 7.64
N ALA A 58 -2.25 2.08 7.10
CA ALA A 58 -1.52 1.01 7.84
C ALA A 58 -0.90 1.56 9.12
N THR A 59 -0.25 2.71 8.98
CA THR A 59 0.77 3.16 9.93
C THR A 59 0.45 4.50 10.60
N TYR A 60 -0.84 4.83 10.65
CA TYR A 60 -1.31 6.05 11.31
C TYR A 60 -1.21 5.86 12.84
N GLY A 61 -0.03 6.22 13.39
CA GLY A 61 0.26 6.03 14.82
C GLY A 61 1.17 4.83 15.09
N ALA A 62 1.72 4.20 14.03
CA ALA A 62 2.63 3.04 14.15
C ALA A 62 4.05 3.50 14.51
N THR A 63 4.75 2.66 15.28
CA THR A 63 6.12 2.94 15.74
C THR A 63 7.14 2.52 14.65
N PRO A 64 8.30 3.26 14.51
CA PRO A 64 9.33 2.98 13.45
C PRO A 64 9.95 1.57 13.53
N GLU A 65 9.87 0.92 14.71
CA GLU A 65 10.33 -0.49 14.92
C GLU A 65 9.51 -1.47 14.06
N GLN A 66 8.21 -1.18 13.92
CA GLN A 66 7.25 -1.98 13.14
C GLN A 66 7.45 -1.76 11.63
N LEU A 67 8.08 -0.63 11.30
CA LEU A 67 8.35 -0.19 9.91
C LEU A 67 9.77 -0.60 9.49
N ARG A 68 10.39 -1.49 10.30
CA ARG A 68 11.60 -2.21 9.94
C ARG A 68 11.18 -3.58 9.37
N GLU A 69 10.43 -4.32 10.20
CA GLU A 69 9.95 -5.67 9.88
C GLU A 69 8.66 -5.58 9.02
N ILE A 70 8.88 -5.68 7.71
CA ILE A 70 7.88 -5.43 6.67
C ILE A 70 7.90 -6.57 5.62
N GLU A 71 6.72 -7.07 5.25
CA GLU A 71 6.54 -8.07 4.16
C GLU A 71 5.74 -7.41 3.01
N ILE A 72 5.71 -8.04 1.82
CA ILE A 72 4.87 -7.60 0.68
C ILE A 72 3.40 -8.10 0.87
N SER A 73 2.43 -7.44 0.17
CA SER A 73 0.98 -7.75 0.26
C SER A 73 0.65 -9.26 0.10
N PRO A 74 -0.50 -9.75 0.70
CA PRO A 74 -1.02 -11.10 0.44
C PRO A 74 -1.61 -11.26 -0.99
N SER A 75 -1.72 -10.13 -1.71
CA SER A 75 -2.08 -10.09 -3.15
C SER A 75 -0.84 -9.83 -4.03
N GLY A 76 0.32 -9.55 -3.39
CA GLY A 76 1.59 -9.29 -4.09
C GLY A 76 1.75 -7.86 -4.65
N LEU A 77 0.63 -7.11 -4.74
CA LEU A 77 0.62 -5.72 -5.25
C LEU A 77 1.48 -4.80 -4.37
N GLY A 78 0.95 -4.45 -3.17
CA GLY A 78 1.58 -3.46 -2.31
C GLY A 78 2.42 -4.07 -1.23
N VAL A 79 2.09 -3.76 0.02
CA VAL A 79 2.84 -4.18 1.17
C VAL A 79 1.90 -4.79 2.21
N TYR A 80 2.45 -5.51 3.18
CA TYR A 80 1.74 -6.03 4.34
C TYR A 80 2.67 -5.95 5.55
N PHE A 81 2.44 -4.96 6.40
CA PHE A 81 3.18 -4.80 7.65
C PHE A 81 2.54 -5.74 8.69
N GLU A 82 3.22 -6.86 8.90
CA GLU A 82 2.71 -8.02 9.66
C GLU A 82 2.52 -7.67 11.16
N THR A 83 3.43 -6.83 11.66
CA THR A 83 3.50 -6.42 13.07
C THR A 83 2.21 -5.68 13.53
N LEU A 84 1.59 -4.97 12.58
CA LEU A 84 0.35 -4.18 12.80
C LEU A 84 -0.85 -4.85 12.11
N GLU A 85 -0.62 -6.07 11.57
CA GLU A 85 -1.65 -6.91 10.89
C GLU A 85 -2.34 -6.15 9.73
N GLU A 86 -1.64 -5.18 9.14
CA GLU A 86 -2.26 -4.21 8.21
C GLU A 86 -1.40 -4.01 6.96
N ASP A 87 -2.06 -3.74 5.83
CA ASP A 87 -1.40 -3.63 4.51
C ASP A 87 -1.50 -2.19 3.98
N VAL A 88 -0.63 -1.86 3.01
CA VAL A 88 -0.74 -0.61 2.22
C VAL A 88 -0.86 -1.01 0.74
N SER A 89 -2.04 -0.76 0.14
CA SER A 89 -2.34 -1.11 -1.25
C SER A 89 -1.55 -0.22 -2.22
N LEU A 90 -0.75 -0.86 -3.09
CA LEU A 90 0.14 -0.19 -4.07
C LEU A 90 -0.63 0.72 -5.01
N ILE A 91 -1.74 0.19 -5.53
CA ILE A 91 -2.59 0.88 -6.52
C ILE A 91 -3.13 2.18 -5.93
N GLY A 92 -3.53 2.12 -4.65
CA GLY A 92 -3.97 3.30 -3.90
C GLY A 92 -2.89 4.39 -3.84
N LEU A 93 -1.62 3.96 -3.64
CA LEU A 93 -0.46 4.88 -3.60
C LEU A 93 -0.28 5.60 -4.95
N LEU A 94 -0.48 4.83 -6.03
CA LEU A 94 -0.36 5.32 -7.42
C LEU A 94 -1.52 6.30 -7.76
N GLU A 95 -2.70 6.10 -7.14
CA GLU A 95 -3.89 6.96 -7.34
C GLU A 95 -3.85 8.22 -6.46
N GLY A 96 -3.13 8.13 -5.33
CA GLY A 96 -3.18 9.18 -4.28
C GLY A 96 -4.09 8.79 -3.11
N ARG A 97 -4.76 7.63 -3.25
CA ARG A 97 -5.65 7.05 -2.23
C ARG A 97 -4.77 6.24 -1.20
N ARG A 98 -3.96 7.00 -0.44
CA ARG A 98 -2.97 6.45 0.54
C ARG A 98 -3.65 5.76 1.75
N GLY A 99 -4.94 6.05 1.92
CA GLY A 99 -5.83 5.28 2.79
C GLY A 99 -7.19 5.14 2.12
N SER A 100 -8.15 4.46 2.78
CA SER A 100 -9.53 4.38 2.26
C SER A 100 -10.17 5.79 2.29
N ALA A 101 -11.21 6.01 1.46
CA ALA A 101 -11.95 7.30 1.40
C ALA A 101 -12.58 7.62 2.77
N LYS A 102 -13.00 6.55 3.48
CA LYS A 102 -13.49 6.63 4.87
C LYS A 102 -12.38 7.18 5.77
N TRP A 103 -11.20 6.50 5.74
CA TRP A 103 -10.03 6.86 6.58
C TRP A 103 -9.57 8.31 6.29
N MET A 104 -9.58 8.72 5.02
CA MET A 104 -9.09 10.05 4.59
C MET A 104 -10.09 11.16 4.95
N ALA A 105 -11.38 10.79 5.17
CA ALA A 105 -12.42 11.74 5.59
C ALA A 105 -12.37 11.93 7.12
N GLU A 106 -12.16 10.82 7.82
CA GLU A 106 -12.21 10.75 9.30
C GLU A 106 -10.84 11.08 9.92
N HIS A 107 -9.78 10.89 9.14
CA HIS A 107 -8.38 11.15 9.56
C HIS A 107 -7.67 11.91 8.42
N PRO A 108 -7.99 13.23 8.22
CA PRO A 108 -7.35 14.04 7.18
C PRO A 108 -5.99 14.61 7.63
N LEU A 109 -5.26 15.15 6.66
CA LEU A 109 -3.98 15.85 6.90
C LEU A 109 -4.20 17.37 6.79
N ALA A 110 -3.12 18.12 7.06
CA ALA A 110 -3.06 19.57 6.81
C ALA A 110 -3.05 19.86 5.29
N SER A 111 -2.66 18.84 4.50
CA SER A 111 -2.67 18.88 3.03
C SER A 111 -4.12 18.92 2.51
N MET A 3 -18.17 -6.15 -23.50
CA MET A 3 -18.88 -5.85 -22.24
C MET A 3 -19.02 -7.15 -21.43
N GLU A 4 -17.94 -7.53 -20.71
CA GLU A 4 -17.89 -8.76 -19.91
C GLU A 4 -18.53 -8.49 -18.54
N VAL A 5 -19.53 -9.31 -18.16
CA VAL A 5 -20.23 -9.17 -16.88
C VAL A 5 -19.29 -9.61 -15.72
N SER A 6 -19.15 -8.75 -14.70
CA SER A 6 -18.28 -9.03 -13.54
C SER A 6 -19.05 -9.86 -12.52
N ALA A 7 -19.17 -11.17 -12.82
CA ALA A 7 -19.85 -12.16 -11.96
C ALA A 7 -18.85 -12.81 -10.99
N ASN A 8 -19.37 -13.57 -10.01
CA ASN A 8 -18.53 -14.31 -9.03
C ASN A 8 -17.76 -15.45 -9.73
N GLU A 9 -18.38 -16.02 -10.80
CA GLU A 9 -17.75 -17.06 -11.65
C GLU A 9 -16.57 -16.47 -12.46
N LEU A 10 -16.62 -15.15 -12.73
CA LEU A 10 -15.55 -14.42 -13.42
C LEU A 10 -14.34 -14.16 -12.49
N GLU A 11 -14.52 -14.40 -11.17
CA GLU A 11 -13.51 -14.19 -10.10
C GLU A 11 -12.77 -12.84 -10.27
N ALA A 12 -13.53 -11.81 -10.67
CA ALA A 12 -13.00 -10.54 -11.19
C ALA A 12 -12.26 -9.70 -10.12
N ALA A 13 -12.39 -10.07 -8.82
CA ALA A 13 -11.61 -9.43 -7.72
C ALA A 13 -10.17 -9.96 -7.71
N SER A 14 -10.04 -11.31 -7.70
CA SER A 14 -8.74 -11.99 -7.72
C SER A 14 -8.03 -11.74 -9.07
N SER A 15 -8.83 -11.73 -10.15
CA SER A 15 -8.37 -11.44 -11.52
C SER A 15 -7.88 -9.98 -11.64
N ARG A 16 -8.58 -9.05 -10.94
CA ARG A 16 -8.23 -7.60 -10.96
C ARG A 16 -6.82 -7.40 -10.39
N MET A 17 -6.54 -8.04 -9.24
CA MET A 17 -5.22 -8.01 -8.58
C MET A 17 -4.11 -8.48 -9.53
N GLU A 18 -4.35 -9.64 -10.20
CA GLU A 18 -3.41 -10.22 -11.19
C GLU A 18 -3.11 -9.22 -12.35
N MET A 19 -4.19 -8.56 -12.82
CA MET A 19 -4.12 -7.55 -13.89
C MET A 19 -3.28 -6.34 -13.45
N LEU A 20 -3.54 -5.85 -12.23
CA LEU A 20 -2.90 -4.64 -11.66
C LEU A 20 -1.39 -4.85 -11.46
N GLN A 21 -1.01 -6.11 -11.13
CA GLN A 21 0.40 -6.55 -10.98
C GLN A 21 1.16 -6.36 -12.30
N ARG A 22 0.60 -6.92 -13.39
CA ARG A 22 1.24 -6.90 -14.72
C ARG A 22 1.03 -5.55 -15.44
N GLU A 23 0.02 -4.77 -15.00
CA GLU A 23 -0.35 -3.50 -15.65
C GLU A 23 0.56 -2.36 -15.16
N TYR A 24 0.39 -1.97 -13.87
CA TYR A 24 1.13 -0.85 -13.27
C TYR A 24 2.50 -1.35 -12.78
N SER A 25 2.50 -1.97 -11.58
CA SER A 25 3.72 -2.42 -10.90
C SER A 25 3.35 -3.46 -9.82
N THR A 26 4.36 -4.25 -9.43
CA THR A 26 4.39 -4.99 -8.16
C THR A 26 5.37 -4.29 -7.22
N LEU A 27 5.26 -4.54 -5.91
CA LEU A 27 6.21 -4.00 -4.93
C LEU A 27 7.26 -5.08 -4.63
N ARG A 28 8.56 -4.74 -4.78
CA ARG A 28 9.65 -5.71 -4.54
C ARG A 28 10.15 -5.63 -3.08
N SER A 29 10.22 -4.39 -2.53
CA SER A 29 10.82 -4.12 -1.21
C SER A 29 10.31 -2.79 -0.62
N VAL A 30 10.64 -2.55 0.67
CA VAL A 30 10.35 -1.31 1.40
C VAL A 30 11.55 -0.98 2.32
N GLN A 31 11.83 0.33 2.46
CA GLN A 31 12.86 0.87 3.36
C GLN A 31 12.30 2.13 4.05
N TYR A 32 12.07 2.03 5.37
CA TYR A 32 11.69 3.20 6.18
C TYR A 32 12.93 4.09 6.36
N ARG A 33 12.99 5.18 5.57
CA ARG A 33 14.08 6.16 5.63
C ARG A 33 13.76 7.20 6.70
N SER A 34 14.29 6.97 7.92
CA SER A 34 14.17 7.90 9.07
C SER A 34 14.95 9.22 8.78
N GLU A 35 15.80 9.19 7.73
CA GLU A 35 16.45 10.39 7.14
C GLU A 35 15.40 11.47 6.81
N GLU A 36 14.31 11.01 6.19
CA GLU A 36 13.19 11.88 5.74
C GLU A 36 11.97 11.70 6.66
N GLY A 37 11.99 10.65 7.51
CA GLY A 37 10.87 10.26 8.35
C GLY A 37 9.71 9.68 7.54
N VAL A 38 10.05 9.00 6.43
CA VAL A 38 9.08 8.44 5.46
C VAL A 38 9.31 6.92 5.27
N ILE A 39 8.23 6.23 4.90
CA ILE A 39 8.25 4.84 4.45
C ILE A 39 8.36 4.85 2.90
N VAL A 40 9.49 4.33 2.38
CA VAL A 40 9.75 4.29 0.94
C VAL A 40 9.47 2.87 0.38
N PHE A 41 8.47 2.78 -0.49
CA PHE A 41 8.04 1.55 -1.15
C PHE A 41 8.77 1.39 -2.49
N ILE A 42 9.79 0.52 -2.52
CA ILE A 42 10.59 0.26 -3.73
C ILE A 42 9.81 -0.66 -4.68
N LEU A 43 9.39 -0.08 -5.82
CA LEU A 43 8.68 -0.80 -6.89
C LEU A 43 9.60 -1.84 -7.56
N ALA A 44 8.98 -2.77 -8.32
CA ALA A 44 9.68 -3.79 -9.13
C ALA A 44 10.52 -3.15 -10.26
N ASN A 45 10.10 -1.94 -10.67
CA ASN A 45 10.82 -1.11 -11.66
C ASN A 45 11.90 -0.21 -10.98
N ASP A 46 12.06 -0.39 -9.65
CA ASP A 46 13.07 0.28 -8.77
C ASP A 46 12.72 1.75 -8.47
N ARG A 47 11.44 2.13 -8.64
CA ARG A 47 10.97 3.50 -8.31
C ARG A 47 10.62 3.60 -6.82
N GLU A 48 11.12 4.64 -6.16
CA GLU A 48 10.84 4.91 -4.74
C GLU A 48 9.52 5.69 -4.57
N LEU A 49 8.48 5.00 -4.04
CA LEU A 49 7.23 5.62 -3.60
C LEU A 49 7.40 6.14 -2.17
N LYS A 50 7.33 7.44 -2.01
CA LYS A 50 7.70 8.14 -0.78
C LYS A 50 6.46 8.70 -0.08
N PHE A 51 6.07 8.05 1.02
CA PHE A 51 4.92 8.48 1.87
C PHE A 51 5.32 8.39 3.34
N ARG A 52 4.74 9.27 4.16
CA ARG A 52 5.01 9.34 5.61
C ARG A 52 4.14 8.29 6.34
N PRO A 53 4.53 7.85 7.59
CA PRO A 53 3.67 7.00 8.45
C PRO A 53 2.27 7.64 8.68
N ASP A 54 2.27 8.93 9.03
CA ASP A 54 1.03 9.68 9.33
C ASP A 54 0.20 9.98 8.06
N ASP A 55 0.81 9.82 6.87
CA ASP A 55 0.06 9.83 5.59
C ASP A 55 -0.90 8.63 5.56
N LEU A 56 -0.32 7.43 5.77
CA LEU A 56 -0.94 6.15 5.39
C LEU A 56 -1.88 5.57 6.46
N GLN A 57 -2.82 4.74 5.97
CA GLN A 57 -3.85 4.07 6.78
C GLN A 57 -3.25 3.04 7.76
N ALA A 58 -2.28 2.25 7.26
CA ALA A 58 -1.58 1.22 8.07
C ALA A 58 -0.89 1.81 9.29
N THR A 59 -0.25 2.96 9.07
CA THR A 59 0.80 3.47 9.94
C THR A 59 0.46 4.81 10.59
N TYR A 60 -0.83 5.16 10.58
CA TYR A 60 -1.30 6.37 11.24
C TYR A 60 -1.25 6.16 12.77
N GLY A 61 -0.14 6.61 13.37
CA GLY A 61 0.12 6.44 14.79
C GLY A 61 0.95 5.19 15.10
N ALA A 62 1.63 4.62 14.08
CA ALA A 62 2.51 3.45 14.25
C ALA A 62 3.94 3.88 14.60
N THR A 63 4.64 3.02 15.35
CA THR A 63 6.02 3.28 15.79
C THR A 63 7.02 2.78 14.72
N PRO A 64 8.19 3.49 14.52
CA PRO A 64 9.20 3.15 13.47
C PRO A 64 9.78 1.71 13.61
N GLU A 65 9.68 1.12 14.82
CA GLU A 65 10.13 -0.26 15.09
C GLU A 65 9.28 -1.28 14.30
N GLN A 66 8.00 -0.98 14.15
CA GLN A 66 7.02 -1.80 13.41
C GLN A 66 7.19 -1.61 11.89
N LEU A 67 7.85 -0.50 11.52
CA LEU A 67 8.06 -0.08 10.12
C LEU A 67 9.48 -0.48 9.66
N ARG A 68 10.16 -1.31 10.48
CA ARG A 68 11.36 -2.04 10.06
C ARG A 68 10.89 -3.41 9.53
N GLU A 69 10.09 -4.06 10.40
CA GLU A 69 9.57 -5.43 10.18
C GLU A 69 8.32 -5.37 9.30
N ILE A 70 8.60 -5.43 7.99
CA ILE A 70 7.64 -5.22 6.90
C ILE A 70 7.77 -6.36 5.88
N GLU A 71 6.64 -6.85 5.35
CA GLU A 71 6.62 -7.82 4.24
C GLU A 71 5.73 -7.24 3.11
N ILE A 72 5.85 -7.78 1.88
CA ILE A 72 5.01 -7.37 0.72
C ILE A 72 3.56 -7.92 0.89
N SER A 73 2.57 -7.31 0.17
CA SER A 73 1.15 -7.74 0.17
C SER A 73 1.02 -9.26 -0.14
N PRO A 74 -0.02 -9.95 0.45
CA PRO A 74 -0.33 -11.36 0.09
C PRO A 74 -0.85 -11.47 -1.37
N SER A 75 -1.31 -10.35 -1.94
CA SER A 75 -1.64 -10.24 -3.39
C SER A 75 -0.35 -10.02 -4.22
N GLY A 76 0.67 -9.40 -3.59
CA GLY A 76 1.93 -9.06 -4.26
C GLY A 76 1.90 -7.68 -4.92
N LEU A 77 0.78 -6.94 -4.74
CA LEU A 77 0.63 -5.56 -5.22
C LEU A 77 1.48 -4.61 -4.36
N GLY A 78 0.97 -4.22 -3.18
CA GLY A 78 1.60 -3.22 -2.33
C GLY A 78 2.39 -3.86 -1.23
N VAL A 79 2.00 -3.57 0.01
CA VAL A 79 2.72 -4.02 1.19
C VAL A 79 1.73 -4.60 2.21
N TYR A 80 2.25 -5.44 3.09
CA TYR A 80 1.52 -5.98 4.24
C TYR A 80 2.45 -5.92 5.47
N PHE A 81 2.20 -4.94 6.35
CA PHE A 81 2.94 -4.80 7.61
C PHE A 81 2.37 -5.84 8.59
N GLU A 82 3.11 -6.94 8.74
CA GLU A 82 2.69 -8.13 9.50
C GLU A 82 2.51 -7.79 10.99
N THR A 83 3.37 -6.90 11.48
CA THR A 83 3.33 -6.39 12.86
C THR A 83 1.99 -5.68 13.14
N LEU A 84 1.51 -4.91 12.14
CA LEU A 84 0.26 -4.14 12.23
C LEU A 84 -0.93 -4.99 11.77
N GLU A 85 -0.61 -6.10 11.05
CA GLU A 85 -1.58 -6.93 10.30
C GLU A 85 -2.47 -6.06 9.40
N GLU A 86 -1.84 -5.05 8.77
CA GLU A 86 -2.53 -4.08 7.91
C GLU A 86 -1.77 -3.94 6.59
N ASP A 87 -2.52 -3.72 5.51
CA ASP A 87 -2.03 -3.75 4.13
C ASP A 87 -2.13 -2.33 3.54
N VAL A 88 -1.05 -1.84 2.89
CA VAL A 88 -1.07 -0.57 2.15
C VAL A 88 -1.08 -0.90 0.65
N SER A 89 -2.25 -0.66 0.00
CA SER A 89 -2.46 -0.92 -1.43
C SER A 89 -1.50 -0.10 -2.30
N LEU A 90 -0.80 -0.78 -3.22
CA LEU A 90 0.10 -0.13 -4.18
C LEU A 90 -0.66 0.82 -5.09
N ILE A 91 -1.87 0.39 -5.46
CA ILE A 91 -2.78 1.13 -6.34
C ILE A 91 -3.06 2.51 -5.72
N GLY A 92 -3.34 2.48 -4.41
CA GLY A 92 -3.51 3.70 -3.63
C GLY A 92 -2.26 4.60 -3.65
N LEU A 93 -1.08 3.99 -3.45
CA LEU A 93 0.23 4.71 -3.41
C LEU A 93 0.54 5.42 -4.75
N LEU A 94 0.13 4.76 -5.85
CA LEU A 94 0.32 5.30 -7.22
C LEU A 94 -0.70 6.42 -7.51
N GLU A 95 -1.90 6.28 -6.91
CA GLU A 95 -3.02 7.22 -7.12
C GLU A 95 -3.04 8.34 -6.05
N GLY A 96 -2.10 8.32 -5.10
CA GLY A 96 -2.04 9.32 -4.01
C GLY A 96 -3.02 9.03 -2.84
N ARG A 97 -3.83 7.97 -3.02
CA ARG A 97 -4.80 7.46 -2.03
C ARG A 97 -4.03 6.78 -0.87
N ARG A 98 -4.12 7.37 0.32
CA ARG A 98 -3.41 6.92 1.53
C ARG A 98 -4.10 5.71 2.19
N GLY A 99 -5.33 5.46 1.76
CA GLY A 99 -6.11 4.30 2.19
C GLY A 99 -7.47 4.32 1.51
N SER A 100 -8.50 3.94 2.25
CA SER A 100 -9.90 4.03 1.79
C SER A 100 -10.38 5.49 1.87
N ALA A 101 -11.35 5.85 1.01
CA ALA A 101 -12.01 7.19 1.03
C ALA A 101 -12.72 7.41 2.38
N LYS A 102 -13.20 6.30 2.96
CA LYS A 102 -13.79 6.24 4.32
C LYS A 102 -12.78 6.75 5.35
N TRP A 103 -11.60 6.09 5.41
CA TRP A 103 -10.52 6.41 6.35
C TRP A 103 -10.06 7.87 6.18
N MET A 104 -9.78 8.27 4.93
CA MET A 104 -9.23 9.61 4.61
C MET A 104 -10.24 10.74 4.92
N ALA A 105 -11.54 10.42 4.89
CA ALA A 105 -12.61 11.42 5.13
C ALA A 105 -12.81 11.67 6.64
N GLU A 106 -12.61 10.61 7.44
CA GLU A 106 -12.82 10.64 8.91
C GLU A 106 -11.50 10.95 9.64
N HIS A 107 -10.36 10.67 8.96
CA HIS A 107 -9.01 10.89 9.48
C HIS A 107 -8.27 11.80 8.47
N PRO A 108 -8.42 13.16 8.60
CA PRO A 108 -7.73 14.12 7.70
C PRO A 108 -6.21 14.09 7.86
N LEU A 109 -5.51 14.57 6.83
CA LEU A 109 -4.03 14.66 6.81
C LEU A 109 -3.60 16.05 7.34
N ALA A 110 -2.41 16.09 7.98
CA ALA A 110 -1.76 17.33 8.41
C ALA A 110 -1.22 18.08 7.17
N SER A 111 -2.09 18.91 6.56
CA SER A 111 -1.82 19.62 5.31
C SER A 111 -2.92 20.70 5.08
N MET A 3 -15.98 -7.14 -21.02
CA MET A 3 -17.00 -7.83 -20.21
C MET A 3 -16.41 -8.13 -18.82
N GLU A 4 -17.05 -7.57 -17.78
CA GLU A 4 -16.65 -7.75 -16.37
C GLU A 4 -17.90 -8.00 -15.50
N VAL A 5 -17.94 -9.17 -14.83
CA VAL A 5 -19.02 -9.55 -13.91
C VAL A 5 -18.49 -9.52 -12.46
N SER A 6 -18.90 -8.49 -11.70
CA SER A 6 -18.50 -8.34 -10.30
C SER A 6 -19.35 -9.27 -9.41
N ALA A 7 -18.80 -10.44 -9.07
CA ALA A 7 -19.49 -11.43 -8.20
C ALA A 7 -18.46 -12.20 -7.36
N ASN A 8 -18.93 -12.74 -6.21
CA ASN A 8 -18.09 -13.49 -5.25
C ASN A 8 -17.54 -14.78 -5.87
N GLU A 9 -18.42 -15.49 -6.59
CA GLU A 9 -18.07 -16.73 -7.30
C GLU A 9 -17.18 -16.44 -8.52
N LEU A 10 -17.37 -15.24 -9.12
CA LEU A 10 -16.56 -14.77 -10.27
C LEU A 10 -15.17 -14.31 -9.83
N GLU A 11 -14.93 -14.25 -8.48
CA GLU A 11 -13.64 -13.84 -7.85
C GLU A 11 -13.02 -12.61 -8.55
N ALA A 12 -13.90 -11.64 -8.86
CA ALA A 12 -13.55 -10.46 -9.68
C ALA A 12 -12.41 -9.63 -9.06
N ALA A 13 -12.31 -9.69 -7.72
CA ALA A 13 -11.21 -9.07 -6.96
C ALA A 13 -9.84 -9.72 -7.31
N SER A 14 -9.81 -11.06 -7.40
CA SER A 14 -8.60 -11.84 -7.76
C SER A 14 -8.18 -11.56 -9.22
N SER A 15 -9.21 -11.43 -10.09
CA SER A 15 -9.03 -11.05 -11.50
C SER A 15 -8.41 -9.64 -11.59
N ARG A 16 -8.88 -8.73 -10.71
CA ARG A 16 -8.35 -7.36 -10.60
C ARG A 16 -6.87 -7.39 -10.16
N MET A 17 -6.52 -8.27 -9.18
CA MET A 17 -5.14 -8.38 -8.66
C MET A 17 -4.16 -8.73 -9.80
N GLU A 18 -4.56 -9.73 -10.61
CA GLU A 18 -3.84 -10.17 -11.82
C GLU A 18 -3.63 -8.99 -12.79
N MET A 19 -4.74 -8.28 -13.09
CA MET A 19 -4.73 -7.13 -14.02
C MET A 19 -3.78 -6.02 -13.52
N LEU A 20 -3.84 -5.72 -12.22
CA LEU A 20 -3.08 -4.63 -11.59
C LEU A 20 -1.56 -4.91 -11.57
N GLN A 21 -1.19 -6.22 -11.54
CA GLN A 21 0.21 -6.67 -11.66
C GLN A 21 0.75 -6.38 -13.07
N ARG A 22 0.04 -6.93 -14.08
CA ARG A 22 0.45 -6.86 -15.50
C ARG A 22 0.23 -5.46 -16.11
N GLU A 23 -0.60 -4.63 -15.47
CA GLU A 23 -0.94 -3.29 -15.97
C GLU A 23 0.07 -2.26 -15.44
N TYR A 24 0.26 -2.25 -14.10
CA TYR A 24 1.11 -1.28 -13.42
C TYR A 24 2.44 -1.91 -13.01
N SER A 25 2.45 -2.53 -11.81
CA SER A 25 3.70 -2.91 -11.13
C SER A 25 3.41 -3.72 -9.86
N THR A 26 4.48 -4.30 -9.30
CA THR A 26 4.48 -5.00 -8.01
C THR A 26 5.61 -4.45 -7.13
N LEU A 27 5.42 -4.49 -5.81
CA LEU A 27 6.40 -3.98 -4.84
C LEU A 27 7.41 -5.08 -4.49
N ARG A 28 8.68 -4.70 -4.18
CA ARG A 28 9.74 -5.68 -3.85
C ARG A 28 10.31 -5.46 -2.44
N SER A 29 10.55 -4.19 -2.07
CA SER A 29 11.25 -3.81 -0.84
C SER A 29 10.63 -2.54 -0.25
N VAL A 30 10.78 -2.37 1.08
CA VAL A 30 10.33 -1.17 1.82
C VAL A 30 11.39 -0.83 2.88
N GLN A 31 11.67 0.48 3.04
CA GLN A 31 12.58 0.99 4.06
C GLN A 31 11.97 2.27 4.67
N TYR A 32 11.99 2.36 6.00
CA TYR A 32 11.56 3.57 6.71
C TYR A 32 12.77 4.51 6.85
N ARG A 33 12.73 5.64 6.12
CA ARG A 33 13.75 6.68 6.23
C ARG A 33 13.44 7.59 7.43
N SER A 34 14.17 7.36 8.54
CA SER A 34 14.01 8.12 9.80
C SER A 34 14.50 9.58 9.62
N GLU A 35 15.49 9.77 8.74
CA GLU A 35 16.03 11.10 8.36
C GLU A 35 14.92 12.03 7.83
N GLU A 36 14.01 11.43 7.05
CA GLU A 36 12.90 12.14 6.40
C GLU A 36 11.60 11.99 7.22
N GLY A 37 11.54 10.95 8.06
CA GLY A 37 10.32 10.58 8.77
C GLY A 37 9.24 10.02 7.83
N VAL A 38 9.69 9.34 6.75
CA VAL A 38 8.82 8.79 5.70
C VAL A 38 9.09 7.28 5.50
N ILE A 39 8.08 6.59 4.97
CA ILE A 39 8.19 5.20 4.51
C ILE A 39 8.36 5.20 2.99
N VAL A 40 9.43 4.56 2.51
CA VAL A 40 9.77 4.49 1.08
C VAL A 40 9.59 3.05 0.55
N PHE A 41 8.63 2.91 -0.37
CA PHE A 41 8.28 1.65 -1.02
C PHE A 41 9.10 1.50 -2.32
N ILE A 42 10.17 0.70 -2.25
CA ILE A 42 11.03 0.38 -3.40
C ILE A 42 10.32 -0.64 -4.31
N LEU A 43 10.09 -0.24 -5.55
CA LEU A 43 9.35 -1.02 -6.55
C LEU A 43 10.24 -2.00 -7.30
N ALA A 44 9.61 -3.06 -7.83
CA ALA A 44 10.26 -4.06 -8.69
C ALA A 44 10.69 -3.43 -10.02
N ASN A 45 9.97 -2.34 -10.40
CA ASN A 45 10.25 -1.54 -11.60
C ASN A 45 11.22 -0.37 -11.29
N ASP A 46 11.97 -0.50 -10.17
CA ASP A 46 13.09 0.38 -9.80
C ASP A 46 12.63 1.84 -9.61
N ARG A 47 11.57 2.00 -8.80
CA ARG A 47 11.00 3.33 -8.42
C ARG A 47 10.77 3.43 -6.91
N GLU A 48 11.20 4.55 -6.31
CA GLU A 48 11.03 4.80 -4.87
C GLU A 48 9.77 5.66 -4.61
N LEU A 49 8.67 5.03 -4.17
CA LEU A 49 7.47 5.74 -3.70
C LEU A 49 7.72 6.22 -2.26
N LYS A 50 7.32 7.45 -1.95
CA LYS A 50 7.74 8.14 -0.71
C LYS A 50 6.56 8.87 -0.08
N PHE A 51 6.04 8.30 1.02
CA PHE A 51 4.91 8.84 1.81
C PHE A 51 5.21 8.64 3.32
N ARG A 52 4.81 9.61 4.15
CA ARG A 52 4.95 9.53 5.63
C ARG A 52 4.04 8.42 6.19
N PRO A 53 4.36 7.85 7.40
CA PRO A 53 3.44 6.92 8.10
C PRO A 53 2.06 7.59 8.42
N ASP A 54 2.08 8.92 8.66
CA ASP A 54 0.86 9.73 8.94
C ASP A 54 -0.07 9.79 7.72
N ASP A 55 0.52 9.68 6.52
CA ASP A 55 -0.23 9.64 5.25
C ASP A 55 -0.99 8.32 5.11
N LEU A 56 -0.33 7.24 5.51
CA LEU A 56 -0.77 5.87 5.20
C LEU A 56 -1.67 5.32 6.30
N GLN A 57 -2.75 4.66 5.86
CA GLN A 57 -3.76 4.05 6.75
C GLN A 57 -3.13 2.97 7.66
N ALA A 58 -2.18 2.17 7.09
CA ALA A 58 -1.51 1.07 7.82
C ALA A 58 -0.80 1.59 9.06
N THR A 59 -0.19 2.76 8.91
CA THR A 59 0.86 3.25 9.80
C THR A 59 0.52 4.59 10.44
N TYR A 60 -0.76 4.95 10.44
CA TYR A 60 -1.21 6.22 11.03
C TYR A 60 -0.99 6.17 12.57
N GLY A 61 0.21 6.65 12.96
CA GLY A 61 0.68 6.58 14.34
C GLY A 61 1.32 5.24 14.70
N ALA A 62 2.15 4.70 13.77
CA ALA A 62 2.92 3.44 14.01
C ALA A 62 4.41 3.75 14.26
N THR A 63 5.04 3.01 15.19
CA THR A 63 6.46 3.18 15.56
C THR A 63 7.42 2.64 14.47
N PRO A 64 8.63 3.28 14.29
CA PRO A 64 9.65 2.87 13.28
C PRO A 64 10.08 1.38 13.37
N GLU A 65 10.05 0.80 14.59
CA GLU A 65 10.38 -0.64 14.81
C GLU A 65 9.36 -1.57 14.13
N GLN A 66 8.09 -1.14 14.09
CA GLN A 66 7.00 -1.85 13.38
C GLN A 66 7.14 -1.72 11.85
N LEU A 67 7.96 -0.74 11.43
CA LEU A 67 8.22 -0.41 10.02
C LEU A 67 9.62 -0.96 9.62
N ARG A 68 10.06 -2.02 10.33
CA ARG A 68 11.29 -2.76 10.00
C ARG A 68 10.91 -4.17 9.54
N GLU A 69 10.14 -4.88 10.41
CA GLU A 69 9.61 -6.22 10.10
C GLU A 69 8.34 -6.09 9.24
N ILE A 70 8.59 -6.04 7.94
CA ILE A 70 7.62 -5.79 6.88
C ILE A 70 7.63 -6.98 5.88
N GLU A 71 6.50 -7.21 5.20
CA GLU A 71 6.40 -8.15 4.07
C GLU A 71 5.62 -7.47 2.94
N ILE A 72 5.73 -7.97 1.70
CA ILE A 72 4.90 -7.50 0.55
C ILE A 72 3.45 -8.05 0.70
N SER A 73 2.45 -7.42 0.02
CA SER A 73 1.02 -7.85 0.06
C SER A 73 0.84 -9.36 -0.23
N PRO A 74 -0.18 -10.03 0.37
CA PRO A 74 -0.52 -11.43 0.02
C PRO A 74 -1.05 -11.58 -1.43
N SER A 75 -1.45 -10.42 -2.03
CA SER A 75 -1.79 -10.31 -3.47
C SER A 75 -0.51 -10.05 -4.31
N GLY A 76 0.56 -9.60 -3.62
CA GLY A 76 1.86 -9.30 -4.25
C GLY A 76 1.95 -7.92 -4.88
N LEU A 77 0.89 -7.11 -4.72
CA LEU A 77 0.81 -5.74 -5.28
C LEU A 77 1.59 -4.75 -4.41
N GLY A 78 1.01 -4.40 -3.24
CA GLY A 78 1.59 -3.38 -2.36
C GLY A 78 2.42 -3.99 -1.27
N VAL A 79 2.05 -3.71 -0.03
CA VAL A 79 2.77 -4.18 1.14
C VAL A 79 1.78 -4.80 2.14
N TYR A 80 2.31 -5.53 3.11
CA TYR A 80 1.57 -6.06 4.26
C TYR A 80 2.50 -6.04 5.48
N PHE A 81 2.32 -5.03 6.34
CA PHE A 81 3.06 -4.92 7.60
C PHE A 81 2.51 -5.92 8.62
N GLU A 82 3.34 -6.93 8.91
CA GLU A 82 2.96 -8.09 9.74
C GLU A 82 2.66 -7.67 11.18
N THR A 83 3.50 -6.75 11.68
CA THR A 83 3.41 -6.20 13.05
C THR A 83 2.06 -5.50 13.28
N LEU A 84 1.58 -4.83 12.23
CA LEU A 84 0.34 -4.04 12.27
C LEU A 84 -0.87 -4.89 11.86
N GLU A 85 -0.60 -6.06 11.24
CA GLU A 85 -1.61 -6.93 10.60
C GLU A 85 -2.40 -6.13 9.53
N GLU A 86 -1.69 -5.22 8.84
CA GLU A 86 -2.33 -4.23 7.94
C GLU A 86 -1.49 -4.06 6.66
N ASP A 87 -2.15 -3.68 5.55
CA ASP A 87 -1.50 -3.51 4.24
C ASP A 87 -1.45 -2.03 3.84
N VAL A 88 -0.56 -1.69 2.89
CA VAL A 88 -0.58 -0.41 2.15
C VAL A 88 -0.71 -0.76 0.66
N SER A 89 -1.88 -0.47 0.08
CA SER A 89 -2.19 -0.77 -1.33
C SER A 89 -1.30 0.06 -2.28
N LEU A 90 -0.52 -0.64 -3.12
CA LEU A 90 0.39 -0.01 -4.11
C LEU A 90 -0.38 0.91 -5.07
N ILE A 91 -1.52 0.39 -5.53
CA ILE A 91 -2.41 1.08 -6.47
C ILE A 91 -2.87 2.41 -5.85
N GLY A 92 -3.18 2.36 -4.54
CA GLY A 92 -3.52 3.55 -3.77
C GLY A 92 -2.39 4.60 -3.77
N LEU A 93 -1.14 4.14 -3.60
CA LEU A 93 0.06 5.02 -3.62
C LEU A 93 0.22 5.71 -4.99
N LEU A 94 -0.09 4.94 -6.05
CA LEU A 94 -0.03 5.40 -7.45
C LEU A 94 -1.18 6.38 -7.77
N GLU A 95 -2.34 6.18 -7.12
CA GLU A 95 -3.53 7.06 -7.28
C GLU A 95 -3.39 8.35 -6.43
N GLY A 96 -2.56 8.26 -5.38
CA GLY A 96 -2.51 9.29 -4.33
C GLY A 96 -3.42 8.97 -3.15
N ARG A 97 -4.25 7.91 -3.32
CA ARG A 97 -5.19 7.37 -2.32
C ARG A 97 -4.39 6.53 -1.28
N ARG A 98 -3.60 7.25 -0.49
CA ARG A 98 -2.64 6.70 0.51
C ARG A 98 -3.33 5.82 1.58
N GLY A 99 -4.59 6.14 1.85
CA GLY A 99 -5.53 5.27 2.57
C GLY A 99 -6.85 5.26 1.81
N SER A 100 -7.82 4.43 2.25
CA SER A 100 -9.14 4.37 1.61
C SER A 100 -9.85 5.74 1.71
N ALA A 101 -10.77 6.03 0.76
CA ALA A 101 -11.53 7.31 0.74
C ALA A 101 -12.38 7.45 2.02
N LYS A 102 -12.86 6.31 2.53
CA LYS A 102 -13.57 6.21 3.83
C LYS A 102 -12.66 6.70 4.98
N TRP A 103 -11.43 6.12 5.03
CA TRP A 103 -10.42 6.46 6.06
C TRP A 103 -10.07 7.97 6.02
N MET A 104 -9.86 8.50 4.80
CA MET A 104 -9.48 9.91 4.60
C MET A 104 -10.64 10.88 4.92
N ALA A 105 -11.89 10.37 4.83
CA ALA A 105 -13.10 11.17 5.09
C ALA A 105 -13.33 11.34 6.59
N GLU A 106 -12.94 10.31 7.36
CA GLU A 106 -13.17 10.26 8.82
C GLU A 106 -11.90 10.66 9.60
N HIS A 107 -10.74 10.50 8.95
CA HIS A 107 -9.43 10.86 9.50
C HIS A 107 -8.79 11.86 8.54
N PRO A 108 -8.97 13.20 8.80
CA PRO A 108 -8.35 14.25 7.98
C PRO A 108 -6.83 14.15 7.98
N LEU A 109 -6.24 14.38 6.81
CA LEU A 109 -4.80 14.32 6.63
C LEU A 109 -4.16 15.63 7.09
N ALA A 110 -3.03 15.51 7.79
CA ALA A 110 -2.22 16.66 8.22
C ALA A 110 -1.62 17.37 6.99
N SER A 111 -2.39 18.33 6.45
CA SER A 111 -2.04 19.12 5.27
C SER A 111 -2.66 20.53 5.43
N MET A 3 -16.56 -10.82 -20.05
CA MET A 3 -15.96 -10.76 -18.69
C MET A 3 -16.52 -9.57 -17.88
N GLU A 4 -17.37 -8.74 -18.51
CA GLU A 4 -17.99 -7.56 -17.90
C GLU A 4 -19.06 -7.95 -16.85
N VAL A 5 -19.68 -9.12 -17.05
CA VAL A 5 -20.69 -9.67 -16.12
C VAL A 5 -20.08 -9.91 -14.71
N SER A 6 -20.55 -9.13 -13.73
CA SER A 6 -20.08 -9.21 -12.34
C SER A 6 -20.84 -10.33 -11.57
N ALA A 7 -20.13 -11.44 -11.31
CA ALA A 7 -20.65 -12.57 -10.52
C ALA A 7 -19.49 -13.32 -9.86
N ASN A 8 -19.77 -14.00 -8.72
CA ASN A 8 -18.74 -14.68 -7.89
C ASN A 8 -17.91 -15.71 -8.69
N GLU A 9 -18.58 -16.39 -9.64
CA GLU A 9 -17.96 -17.44 -10.49
C GLU A 9 -16.86 -16.86 -11.42
N LEU A 10 -17.00 -15.57 -11.82
CA LEU A 10 -16.03 -14.91 -12.71
C LEU A 10 -14.66 -14.74 -12.03
N GLU A 11 -14.68 -14.59 -10.68
CA GLU A 11 -13.49 -14.27 -9.83
C GLU A 11 -12.62 -13.15 -10.45
N ALA A 12 -13.30 -12.18 -11.09
CA ALA A 12 -12.67 -11.09 -11.87
C ALA A 12 -11.86 -10.14 -10.98
N ALA A 13 -12.11 -10.18 -9.64
CA ALA A 13 -11.31 -9.45 -8.63
C ALA A 13 -9.89 -10.03 -8.55
N SER A 14 -9.79 -11.37 -8.52
CA SER A 14 -8.50 -12.10 -8.44
C SER A 14 -7.74 -11.95 -9.79
N SER A 15 -8.49 -12.08 -10.90
CA SER A 15 -7.97 -11.89 -12.27
C SER A 15 -7.47 -10.44 -12.45
N ARG A 16 -8.18 -9.48 -11.82
CA ARG A 16 -7.81 -8.06 -11.84
C ARG A 16 -6.46 -7.86 -11.16
N MET A 17 -6.30 -8.44 -9.95
CA MET A 17 -5.07 -8.29 -9.15
C MET A 17 -3.83 -8.80 -9.93
N GLU A 18 -4.00 -9.95 -10.61
CA GLU A 18 -2.97 -10.54 -11.48
C GLU A 18 -2.62 -9.59 -12.66
N MET A 19 -3.67 -8.97 -13.25
CA MET A 19 -3.50 -7.98 -14.35
C MET A 19 -2.71 -6.75 -13.86
N LEU A 20 -3.01 -6.29 -12.64
CA LEU A 20 -2.38 -5.09 -12.04
C LEU A 20 -0.88 -5.34 -11.76
N GLN A 21 -0.57 -6.59 -11.38
CA GLN A 21 0.81 -7.07 -11.13
C GLN A 21 1.65 -7.00 -12.43
N ARG A 22 1.09 -7.59 -13.51
CA ARG A 22 1.80 -7.77 -14.80
C ARG A 22 1.78 -6.48 -15.65
N GLU A 23 0.77 -5.60 -15.42
CA GLU A 23 0.58 -4.37 -16.21
C GLU A 23 1.50 -3.26 -15.67
N TYR A 24 1.23 -2.83 -14.42
CA TYR A 24 1.91 -1.69 -13.78
C TYR A 24 3.21 -2.17 -13.13
N SER A 25 3.11 -2.62 -11.86
CA SER A 25 4.28 -3.05 -11.07
C SER A 25 3.81 -3.79 -9.82
N THR A 26 4.68 -4.67 -9.35
CA THR A 26 4.60 -5.26 -8.02
C THR A 26 5.63 -4.55 -7.12
N LEU A 27 5.36 -4.52 -5.82
CA LEU A 27 6.25 -3.93 -4.84
C LEU A 27 7.40 -4.92 -4.54
N ARG A 28 8.66 -4.48 -4.71
CA ARG A 28 9.84 -5.36 -4.50
C ARG A 28 10.41 -5.22 -3.08
N SER A 29 10.48 -3.97 -2.59
CA SER A 29 11.14 -3.64 -1.32
C SER A 29 10.47 -2.41 -0.69
N VAL A 30 10.55 -2.33 0.65
CA VAL A 30 10.10 -1.17 1.43
C VAL A 30 11.18 -0.84 2.48
N GLN A 31 11.52 0.44 2.57
CA GLN A 31 12.52 0.95 3.52
C GLN A 31 11.93 2.16 4.26
N TYR A 32 12.05 2.17 5.60
CA TYR A 32 11.71 3.35 6.40
C TYR A 32 12.95 4.23 6.50
N ARG A 33 12.98 5.32 5.70
CA ARG A 33 14.05 6.33 5.78
C ARG A 33 13.75 7.25 6.96
N SER A 34 14.36 6.95 8.12
CA SER A 34 14.26 7.77 9.34
C SER A 34 14.96 9.14 9.15
N GLU A 35 15.88 9.18 8.15
CA GLU A 35 16.50 10.43 7.66
C GLU A 35 15.43 11.43 7.20
N GLU A 36 14.40 10.88 6.55
CA GLU A 36 13.27 11.64 5.99
C GLU A 36 12.08 11.66 6.95
N GLY A 37 12.00 10.61 7.79
CA GLY A 37 10.81 10.32 8.60
C GLY A 37 9.64 9.81 7.76
N VAL A 38 9.97 9.18 6.60
CA VAL A 38 8.98 8.68 5.63
C VAL A 38 9.24 7.19 5.33
N ILE A 39 8.20 6.52 4.84
CA ILE A 39 8.27 5.16 4.31
C ILE A 39 8.36 5.24 2.77
N VAL A 40 9.33 4.53 2.20
CA VAL A 40 9.58 4.47 0.76
C VAL A 40 9.27 3.06 0.22
N PHE A 41 8.26 3.01 -0.65
CA PHE A 41 7.79 1.78 -1.31
C PHE A 41 8.47 1.66 -2.68
N ILE A 42 9.57 0.89 -2.72
CA ILE A 42 10.37 0.68 -3.93
C ILE A 42 9.66 -0.34 -4.86
N LEU A 43 9.37 0.08 -6.11
CA LEU A 43 8.66 -0.75 -7.11
C LEU A 43 9.61 -1.61 -7.95
N ALA A 44 9.02 -2.52 -8.74
CA ALA A 44 9.76 -3.38 -9.69
C ALA A 44 10.47 -2.55 -10.78
N ASN A 45 9.90 -1.37 -11.10
CA ASN A 45 10.51 -0.39 -12.03
C ASN A 45 11.42 0.61 -11.27
N ASP A 46 11.64 0.34 -9.96
CA ASP A 46 12.52 1.10 -9.05
C ASP A 46 11.96 2.53 -8.76
N ARG A 47 10.62 2.66 -8.77
CA ARG A 47 9.92 3.90 -8.37
C ARG A 47 9.80 3.97 -6.83
N GLU A 48 10.35 5.04 -6.25
CA GLU A 48 10.31 5.30 -4.81
C GLU A 48 9.00 6.04 -4.46
N LEU A 49 8.05 5.35 -3.82
CA LEU A 49 6.80 5.96 -3.35
C LEU A 49 6.97 6.48 -1.91
N LYS A 50 6.92 7.81 -1.79
CA LYS A 50 7.28 8.53 -0.56
C LYS A 50 6.02 8.97 0.18
N PHE A 51 5.69 8.27 1.28
CA PHE A 51 4.53 8.55 2.13
C PHE A 51 4.95 8.45 3.61
N ARG A 52 4.54 9.42 4.44
CA ARG A 52 4.80 9.42 5.89
C ARG A 52 3.89 8.38 6.59
N PRO A 53 4.24 7.93 7.84
CA PRO A 53 3.34 7.08 8.66
C PRO A 53 1.92 7.67 8.87
N ASP A 54 1.83 9.00 9.04
CA ASP A 54 0.54 9.71 9.23
C ASP A 54 -0.27 9.83 7.91
N ASP A 55 0.40 9.59 6.76
CA ASP A 55 -0.27 9.52 5.44
C ASP A 55 -1.10 8.25 5.32
N LEU A 56 -0.57 7.14 5.86
CA LEU A 56 -1.05 5.78 5.55
C LEU A 56 -1.96 5.25 6.66
N GLN A 57 -3.03 4.55 6.24
CA GLN A 57 -3.98 3.89 7.17
C GLN A 57 -3.29 2.77 7.96
N ALA A 58 -2.26 2.13 7.36
CA ALA A 58 -1.47 1.09 8.03
C ALA A 58 -0.79 1.65 9.27
N THR A 59 -0.09 2.75 9.07
CA THR A 59 0.97 3.22 9.96
C THR A 59 0.57 4.43 10.80
N TYR A 60 -0.70 4.83 10.72
CA TYR A 60 -1.25 5.91 11.53
C TYR A 60 -1.30 5.46 13.00
N GLY A 61 -0.26 5.84 13.75
CA GLY A 61 -0.08 5.37 15.13
C GLY A 61 0.68 4.05 15.20
N ALA A 62 1.70 3.90 14.34
CA ALA A 62 2.61 2.72 14.34
C ALA A 62 4.06 3.19 14.51
N THR A 63 4.83 2.49 15.37
CA THR A 63 6.23 2.85 15.70
C THR A 63 7.21 2.43 14.58
N PRO A 64 8.43 3.10 14.48
CA PRO A 64 9.44 2.82 13.43
C PRO A 64 9.95 1.36 13.42
N GLU A 65 9.98 0.70 14.60
CA GLU A 65 10.38 -0.72 14.72
C GLU A 65 9.38 -1.64 13.98
N GLN A 66 8.09 -1.26 14.03
CA GLN A 66 7.01 -1.98 13.32
C GLN A 66 7.11 -1.74 11.79
N LEU A 67 7.82 -0.67 11.43
CA LEU A 67 8.10 -0.26 10.03
C LEU A 67 9.50 -0.76 9.62
N ARG A 68 9.96 -1.83 10.29
CA ARG A 68 11.12 -2.64 9.87
C ARG A 68 10.64 -4.04 9.49
N GLU A 69 9.71 -4.59 10.31
CA GLU A 69 9.14 -5.93 10.07
C GLU A 69 8.01 -5.82 9.04
N ILE A 70 8.43 -5.82 7.78
CA ILE A 70 7.60 -5.54 6.62
C ILE A 70 7.71 -6.68 5.60
N GLU A 71 6.57 -7.03 4.96
CA GLU A 71 6.52 -8.03 3.87
C GLU A 71 5.54 -7.52 2.79
N ILE A 72 5.69 -8.00 1.54
CA ILE A 72 4.81 -7.62 0.40
C ILE A 72 3.38 -8.20 0.60
N SER A 73 2.36 -7.47 0.10
CA SER A 73 0.91 -7.75 0.35
C SER A 73 0.48 -9.20 -0.01
N PRO A 74 -0.68 -9.69 0.57
CA PRO A 74 -1.30 -10.97 0.15
C PRO A 74 -1.90 -10.89 -1.28
N SER A 75 -2.02 -9.67 -1.81
CA SER A 75 -2.40 -9.42 -3.22
C SER A 75 -1.15 -9.42 -4.13
N GLY A 76 0.05 -9.29 -3.52
CA GLY A 76 1.33 -9.20 -4.23
C GLY A 76 1.56 -7.84 -4.91
N LEU A 77 0.62 -6.92 -4.70
CA LEU A 77 0.67 -5.56 -5.26
C LEU A 77 1.41 -4.64 -4.32
N GLY A 78 0.77 -4.35 -3.17
CA GLY A 78 1.31 -3.40 -2.20
C GLY A 78 2.12 -4.05 -1.14
N VAL A 79 1.82 -3.74 0.11
CA VAL A 79 2.57 -4.22 1.25
C VAL A 79 1.62 -4.76 2.32
N TYR A 80 2.18 -5.43 3.31
CA TYR A 80 1.51 -5.93 4.49
C TYR A 80 2.52 -5.85 5.66
N PHE A 81 2.30 -4.89 6.55
CA PHE A 81 3.16 -4.70 7.72
C PHE A 81 2.70 -5.63 8.85
N GLU A 82 3.59 -6.53 9.26
CA GLU A 82 3.23 -7.71 10.08
C GLU A 82 2.97 -7.34 11.55
N THR A 83 3.84 -6.47 12.11
CA THR A 83 3.83 -6.11 13.55
C THR A 83 2.54 -5.32 13.96
N LEU A 84 1.85 -4.77 12.94
CA LEU A 84 0.57 -4.05 13.09
C LEU A 84 -0.57 -4.83 12.39
N GLU A 85 -0.18 -5.86 11.59
CA GLU A 85 -1.09 -6.71 10.79
C GLU A 85 -1.97 -5.86 9.83
N GLU A 86 -1.42 -4.73 9.42
CA GLU A 86 -2.14 -3.70 8.65
C GLU A 86 -1.37 -3.43 7.34
N ASP A 87 -2.09 -3.41 6.22
CA ASP A 87 -1.49 -3.36 4.87
C ASP A 87 -1.58 -1.96 4.26
N VAL A 88 -0.76 -1.71 3.21
CA VAL A 88 -0.82 -0.51 2.37
C VAL A 88 -0.92 -0.97 0.92
N SER A 89 -2.15 -0.93 0.35
CA SER A 89 -2.42 -1.39 -1.03
C SER A 89 -1.77 -0.44 -2.06
N LEU A 90 -1.02 -1.03 -3.03
CA LEU A 90 -0.18 -0.28 -3.99
C LEU A 90 -1.01 0.59 -4.94
N ILE A 91 -2.06 -0.03 -5.51
CA ILE A 91 -2.92 0.60 -6.52
C ILE A 91 -3.50 1.91 -5.98
N GLY A 92 -3.81 1.89 -4.68
CA GLY A 92 -4.21 3.08 -3.96
C GLY A 92 -3.14 4.17 -4.01
N LEU A 93 -1.88 3.80 -3.65
CA LEU A 93 -0.73 4.75 -3.59
C LEU A 93 -0.46 5.38 -4.97
N LEU A 94 -0.64 4.56 -6.03
CA LEU A 94 -0.43 4.95 -7.43
C LEU A 94 -1.47 6.00 -7.86
N GLU A 95 -2.70 5.85 -7.34
CA GLU A 95 -3.83 6.74 -7.65
C GLU A 95 -3.90 7.96 -6.69
N GLY A 96 -3.22 7.85 -5.52
CA GLY A 96 -3.22 8.92 -4.49
C GLY A 96 -3.94 8.52 -3.20
N ARG A 97 -4.67 7.40 -3.23
CA ARG A 97 -5.38 6.81 -2.08
C ARG A 97 -4.35 6.23 -1.05
N ARG A 98 -4.14 6.96 0.05
CA ARG A 98 -3.14 6.61 1.09
C ARG A 98 -3.78 5.72 2.18
N GLY A 99 -5.07 5.96 2.42
CA GLY A 99 -5.95 5.10 3.21
C GLY A 99 -7.32 5.06 2.57
N SER A 100 -8.33 4.48 3.25
CA SER A 100 -9.72 4.49 2.72
C SER A 100 -10.25 5.94 2.63
N ALA A 101 -11.21 6.20 1.72
CA ALA A 101 -11.75 7.55 1.46
C ALA A 101 -12.36 8.16 2.73
N LYS A 102 -13.08 7.32 3.49
CA LYS A 102 -13.66 7.71 4.79
C LYS A 102 -12.52 8.12 5.77
N TRP A 103 -11.46 7.31 5.84
CA TRP A 103 -10.32 7.52 6.76
C TRP A 103 -9.62 8.87 6.46
N MET A 104 -9.38 9.13 5.17
CA MET A 104 -8.68 10.36 4.72
C MET A 104 -9.57 11.62 4.92
N ALA A 105 -10.89 11.42 5.02
CA ALA A 105 -11.84 12.54 5.23
C ALA A 105 -11.91 12.92 6.71
N GLU A 106 -11.73 11.89 7.58
CA GLU A 106 -11.88 12.02 9.05
C GLU A 106 -10.53 12.31 9.73
N HIS A 107 -9.45 11.93 9.03
CA HIS A 107 -8.07 12.18 9.46
C HIS A 107 -7.41 13.09 8.40
N PRO A 108 -7.48 14.46 8.59
CA PRO A 108 -6.85 15.43 7.67
C PRO A 108 -5.32 15.26 7.62
N LEU A 109 -4.73 15.70 6.52
CA LEU A 109 -3.30 15.52 6.24
C LEU A 109 -2.71 16.82 5.70
N ALA A 110 -1.38 16.97 5.80
CA ALA A 110 -0.64 18.15 5.27
C ALA A 110 -0.28 17.95 3.78
N SER A 111 -1.04 17.08 3.10
CA SER A 111 -0.83 16.71 1.70
C SER A 111 -2.16 16.20 1.09
N MET A 3 -20.10 -5.50 -19.35
CA MET A 3 -20.81 -5.28 -18.06
C MET A 3 -21.73 -6.49 -17.77
N GLU A 4 -22.44 -6.44 -16.61
CA GLU A 4 -23.27 -7.55 -16.09
C GLU A 4 -22.40 -8.82 -15.84
N VAL A 5 -21.08 -8.60 -15.68
CA VAL A 5 -20.09 -9.66 -15.42
C VAL A 5 -19.71 -9.73 -13.94
N SER A 6 -20.37 -8.89 -13.10
CA SER A 6 -20.14 -8.88 -11.66
C SER A 6 -20.71 -10.17 -11.04
N ALA A 7 -19.89 -11.24 -11.12
CA ALA A 7 -20.26 -12.59 -10.69
C ALA A 7 -19.03 -13.27 -10.08
N ASN A 8 -19.27 -14.14 -9.09
CA ASN A 8 -18.22 -14.89 -8.39
C ASN A 8 -17.49 -15.88 -9.33
N GLU A 9 -18.24 -16.40 -10.33
CA GLU A 9 -17.72 -17.31 -11.36
C GLU A 9 -16.78 -16.55 -12.33
N LEU A 10 -17.06 -15.25 -12.55
CA LEU A 10 -16.21 -14.38 -13.38
C LEU A 10 -14.93 -13.98 -12.62
N GLU A 11 -14.97 -14.11 -11.25
CA GLU A 11 -13.85 -13.80 -10.31
C GLU A 11 -13.14 -12.47 -10.64
N ALA A 12 -13.97 -11.49 -11.09
CA ALA A 12 -13.50 -10.22 -11.66
C ALA A 12 -12.62 -9.41 -10.69
N ALA A 13 -12.79 -9.64 -9.37
CA ALA A 13 -11.97 -9.01 -8.32
C ALA A 13 -10.52 -9.53 -8.38
N SER A 14 -10.36 -10.86 -8.25
CA SER A 14 -9.03 -11.52 -8.21
C SER A 14 -8.29 -11.34 -9.55
N SER A 15 -9.07 -11.44 -10.64
CA SER A 15 -8.59 -11.24 -12.02
C SER A 15 -8.03 -9.82 -12.20
N ARG A 16 -8.77 -8.81 -11.68
CA ARG A 16 -8.37 -7.39 -11.75
C ARG A 16 -7.03 -7.15 -11.06
N MET A 17 -6.90 -7.67 -9.82
CA MET A 17 -5.71 -7.46 -8.97
C MET A 17 -4.44 -7.98 -9.68
N GLU A 18 -4.58 -9.14 -10.33
CA GLU A 18 -3.50 -9.78 -11.10
C GLU A 18 -3.13 -8.94 -12.35
N MET A 19 -4.16 -8.39 -13.04
CA MET A 19 -3.95 -7.49 -14.21
C MET A 19 -3.19 -6.21 -13.78
N LEU A 20 -3.51 -5.72 -12.57
CA LEU A 20 -2.87 -4.52 -11.97
C LEU A 20 -1.38 -4.78 -11.66
N GLN A 21 -1.04 -6.04 -11.30
CA GLN A 21 0.35 -6.47 -11.02
C GLN A 21 1.23 -6.38 -12.29
N ARG A 22 0.68 -6.87 -13.41
CA ARG A 22 1.41 -6.90 -14.70
C ARG A 22 1.28 -5.57 -15.48
N GLU A 23 0.28 -4.74 -15.11
CA GLU A 23 0.04 -3.43 -15.74
C GLU A 23 1.00 -2.38 -15.15
N TYR A 24 0.78 -2.03 -13.88
CA TYR A 24 1.54 -0.96 -13.22
C TYR A 24 2.88 -1.52 -12.71
N SER A 25 2.81 -2.30 -11.62
CA SER A 25 3.99 -2.86 -10.93
C SER A 25 3.56 -3.70 -9.73
N THR A 26 4.49 -4.53 -9.24
CA THR A 26 4.42 -5.15 -7.92
C THR A 26 5.48 -4.50 -7.03
N LEU A 27 5.35 -4.61 -5.71
CA LEU A 27 6.32 -4.06 -4.77
C LEU A 27 7.39 -5.13 -4.43
N ARG A 28 8.69 -4.78 -4.54
CA ARG A 28 9.80 -5.74 -4.28
C ARG A 28 10.38 -5.57 -2.86
N SER A 29 10.45 -4.31 -2.37
CA SER A 29 11.03 -4.00 -1.04
C SER A 29 10.47 -2.68 -0.48
N VAL A 30 10.71 -2.47 0.83
CA VAL A 30 10.36 -1.23 1.55
C VAL A 30 11.51 -0.88 2.52
N GLN A 31 11.73 0.43 2.72
CA GLN A 31 12.77 0.97 3.61
C GLN A 31 12.26 2.28 4.22
N TYR A 32 12.03 2.27 5.54
CA TYR A 32 11.67 3.48 6.29
C TYR A 32 12.92 4.37 6.45
N ARG A 33 13.00 5.44 5.64
CA ARG A 33 14.07 6.42 5.74
C ARG A 33 13.76 7.41 6.88
N SER A 34 14.37 7.14 8.05
CA SER A 34 14.23 7.94 9.29
C SER A 34 14.92 9.32 9.17
N GLU A 35 15.77 9.48 8.13
CA GLU A 35 16.38 10.77 7.77
C GLU A 35 15.30 11.82 7.49
N GLU A 36 14.24 11.38 6.81
CA GLU A 36 13.18 12.24 6.27
C GLU A 36 11.85 11.97 7.01
N GLY A 37 11.74 10.79 7.62
CA GLY A 37 10.50 10.33 8.23
C GLY A 37 9.49 9.86 7.18
N VAL A 38 10.00 9.19 6.13
CA VAL A 38 9.15 8.65 5.03
C VAL A 38 9.40 7.13 4.86
N ILE A 39 8.30 6.39 4.68
CA ILE A 39 8.33 4.99 4.24
C ILE A 39 8.51 4.96 2.71
N VAL A 40 9.62 4.36 2.26
CA VAL A 40 9.97 4.31 0.83
C VAL A 40 9.70 2.91 0.26
N PHE A 41 8.67 2.85 -0.58
CA PHE A 41 8.22 1.63 -1.26
C PHE A 41 9.01 1.43 -2.59
N ILE A 42 10.01 0.54 -2.57
CA ILE A 42 10.80 0.20 -3.78
C ILE A 42 9.99 -0.74 -4.70
N LEU A 43 9.56 -0.21 -5.87
CA LEU A 43 8.81 -0.97 -6.88
C LEU A 43 9.68 -2.02 -7.60
N ALA A 44 9.02 -2.93 -8.35
CA ALA A 44 9.70 -3.96 -9.17
C ALA A 44 10.63 -3.31 -10.22
N ASN A 45 10.15 -2.16 -10.74
CA ASN A 45 10.88 -1.28 -11.68
C ASN A 45 11.77 -0.24 -10.94
N ASP A 46 12.07 -0.55 -9.66
CA ASP A 46 13.03 0.19 -8.80
C ASP A 46 12.63 1.65 -8.53
N ARG A 47 11.36 2.00 -8.81
CA ARG A 47 10.81 3.34 -8.56
C ARG A 47 10.45 3.47 -7.08
N GLU A 48 11.06 4.44 -6.40
CA GLU A 48 10.85 4.68 -4.97
C GLU A 48 9.60 5.56 -4.74
N LEU A 49 8.49 4.92 -4.33
CA LEU A 49 7.29 5.62 -3.87
C LEU A 49 7.53 6.11 -2.43
N LYS A 50 7.15 7.36 -2.17
CA LYS A 50 7.60 8.11 -0.99
C LYS A 50 6.37 8.65 -0.26
N PHE A 51 6.06 8.04 0.90
CA PHE A 51 4.90 8.41 1.73
C PHE A 51 5.29 8.36 3.21
N ARG A 52 4.86 9.36 4.00
CA ARG A 52 5.07 9.37 5.45
C ARG A 52 4.17 8.33 6.16
N PRO A 53 4.60 7.78 7.34
CA PRO A 53 3.74 6.89 8.19
C PRO A 53 2.39 7.55 8.55
N ASP A 54 2.45 8.81 9.02
CA ASP A 54 1.28 9.58 9.46
C ASP A 54 0.42 10.05 8.26
N ASP A 55 0.90 9.81 7.03
CA ASP A 55 0.12 10.03 5.81
C ASP A 55 -0.70 8.78 5.45
N LEU A 56 -0.24 7.58 5.83
CA LEU A 56 -0.83 6.30 5.37
C LEU A 56 -1.80 5.68 6.39
N GLN A 57 -2.75 4.87 5.87
CA GLN A 57 -3.76 4.17 6.67
C GLN A 57 -3.13 3.11 7.58
N ALA A 58 -2.20 2.32 6.99
CA ALA A 58 -1.50 1.22 7.71
C ALA A 58 -0.82 1.75 8.98
N THR A 59 -0.21 2.92 8.84
CA THR A 59 0.78 3.42 9.78
C THR A 59 0.36 4.73 10.45
N TYR A 60 -0.95 5.01 10.48
CA TYR A 60 -1.47 6.23 11.11
C TYR A 60 -1.47 6.05 12.64
N GLY A 61 -0.30 6.32 13.25
CA GLY A 61 -0.07 6.11 14.68
C GLY A 61 1.00 5.05 14.98
N ALA A 62 1.37 4.26 13.95
CA ALA A 62 2.36 3.16 14.09
C ALA A 62 3.77 3.72 14.37
N THR A 63 4.51 3.02 15.24
CA THR A 63 5.87 3.39 15.64
C THR A 63 6.91 2.86 14.62
N PRO A 64 8.11 3.53 14.45
CA PRO A 64 9.15 3.13 13.46
C PRO A 64 9.71 1.70 13.70
N GLU A 65 9.59 1.20 14.95
CA GLU A 65 9.99 -0.17 15.31
C GLU A 65 9.08 -1.22 14.63
N GLN A 66 7.80 -0.86 14.45
CA GLN A 66 6.81 -1.69 13.75
C GLN A 66 7.02 -1.62 12.21
N LEU A 67 7.72 -0.56 11.78
CA LEU A 67 8.04 -0.28 10.35
C LEU A 67 9.43 -0.84 10.02
N ARG A 68 9.83 -1.86 10.80
CA ARG A 68 10.97 -2.71 10.51
C ARG A 68 10.45 -4.07 10.01
N GLU A 69 9.44 -4.61 10.72
CA GLU A 69 8.83 -5.91 10.38
C GLU A 69 7.79 -5.68 9.30
N ILE A 70 8.27 -5.74 8.05
CA ILE A 70 7.52 -5.41 6.86
C ILE A 70 7.65 -6.55 5.83
N GLU A 71 6.51 -7.10 5.42
CA GLU A 71 6.41 -8.06 4.29
C GLU A 71 5.69 -7.35 3.13
N ILE A 72 5.70 -7.95 1.94
CA ILE A 72 4.87 -7.48 0.79
C ILE A 72 3.41 -7.99 0.95
N SER A 73 2.43 -7.32 0.29
CA SER A 73 1.00 -7.72 0.34
C SER A 73 0.80 -9.22 0.04
N PRO A 74 -0.23 -9.89 0.63
CA PRO A 74 -0.58 -11.28 0.27
C PRO A 74 -1.07 -11.39 -1.20
N SER A 75 -1.49 -10.24 -1.76
CA SER A 75 -1.82 -10.09 -3.19
C SER A 75 -0.54 -9.93 -4.05
N GLY A 76 0.53 -9.43 -3.42
CA GLY A 76 1.80 -9.16 -4.11
C GLY A 76 1.88 -7.75 -4.69
N LEU A 77 0.76 -7.00 -4.60
CA LEU A 77 0.68 -5.61 -5.08
C LEU A 77 1.52 -4.66 -4.21
N GLY A 78 0.99 -4.31 -3.02
CA GLY A 78 1.63 -3.31 -2.16
C GLY A 78 2.45 -3.93 -1.07
N VAL A 79 2.03 -3.70 0.17
CA VAL A 79 2.79 -4.12 1.35
C VAL A 79 1.84 -4.70 2.40
N TYR A 80 2.39 -5.54 3.29
CA TYR A 80 1.69 -6.03 4.47
C TYR A 80 2.67 -5.96 5.66
N PHE A 81 2.55 -4.88 6.45
CA PHE A 81 3.37 -4.66 7.65
C PHE A 81 2.94 -5.65 8.75
N GLU A 82 3.89 -6.47 9.20
CA GLU A 82 3.60 -7.68 10.00
C GLU A 82 3.17 -7.36 11.45
N THR A 83 3.93 -6.47 12.14
CA THR A 83 3.70 -6.15 13.58
C THR A 83 2.28 -5.59 13.85
N LEU A 84 1.80 -4.82 12.87
CA LEU A 84 0.51 -4.12 12.92
C LEU A 84 -0.54 -4.86 12.08
N GLU A 85 -0.06 -5.81 11.23
CA GLU A 85 -0.90 -6.62 10.32
C GLU A 85 -1.69 -5.73 9.34
N GLU A 86 -1.12 -4.56 9.03
CA GLU A 86 -1.77 -3.55 8.19
C GLU A 86 -1.16 -3.53 6.79
N ASP A 87 -2.04 -3.37 5.80
CA ASP A 87 -1.70 -3.43 4.37
C ASP A 87 -1.72 -2.01 3.77
N VAL A 88 -0.68 -1.64 3.01
CA VAL A 88 -0.69 -0.42 2.18
C VAL A 88 -0.80 -0.88 0.71
N SER A 89 -2.01 -0.81 0.16
CA SER A 89 -2.28 -1.23 -1.23
C SER A 89 -1.54 -0.30 -2.21
N LEU A 90 -0.75 -0.91 -3.10
CA LEU A 90 0.09 -0.20 -4.07
C LEU A 90 -0.73 0.66 -5.03
N ILE A 91 -1.86 0.10 -5.48
CA ILE A 91 -2.73 0.73 -6.47
C ILE A 91 -3.33 2.02 -5.92
N GLY A 92 -3.66 2.01 -4.62
CA GLY A 92 -4.10 3.20 -3.91
C GLY A 92 -3.07 4.33 -3.95
N LEU A 93 -1.78 3.98 -3.76
CA LEU A 93 -0.65 4.94 -3.82
C LEU A 93 -0.50 5.54 -5.23
N LEU A 94 -0.74 4.69 -6.24
CA LEU A 94 -0.69 5.06 -7.67
C LEU A 94 -1.93 5.91 -8.07
N GLU A 95 -3.02 5.78 -7.29
CA GLU A 95 -4.24 6.61 -7.41
C GLU A 95 -4.13 7.91 -6.58
N GLY A 96 -3.13 7.95 -5.67
CA GLY A 96 -2.94 9.09 -4.76
C GLY A 96 -3.67 8.93 -3.43
N ARG A 97 -4.49 7.86 -3.33
CA ARG A 97 -5.26 7.51 -2.14
C ARG A 97 -4.33 6.85 -1.11
N ARG A 98 -4.28 7.44 0.10
CA ARG A 98 -3.37 7.02 1.19
C ARG A 98 -3.91 5.83 2.01
N GLY A 99 -4.92 5.14 1.48
CA GLY A 99 -5.54 4.00 2.15
C GLY A 99 -6.95 3.79 1.65
N SER A 100 -7.93 3.93 2.54
CA SER A 100 -9.35 3.96 2.19
C SER A 100 -9.82 5.43 2.08
N ALA A 101 -10.82 5.68 1.23
CA ALA A 101 -11.50 6.99 1.13
C ALA A 101 -12.27 7.30 2.43
N LYS A 102 -12.81 6.21 3.03
CA LYS A 102 -13.46 6.22 4.34
C LYS A 102 -12.47 6.69 5.43
N TRP A 103 -11.27 6.07 5.40
CA TRP A 103 -10.16 6.42 6.33
C TRP A 103 -9.81 7.91 6.22
N MET A 104 -9.56 8.40 4.99
CA MET A 104 -9.10 9.78 4.74
C MET A 104 -10.12 10.82 5.24
N ALA A 105 -11.42 10.48 5.15
CA ALA A 105 -12.51 11.38 5.53
C ALA A 105 -12.61 11.53 7.07
N GLU A 106 -12.38 10.42 7.78
CA GLU A 106 -12.58 10.35 9.26
C GLU A 106 -11.28 10.55 10.03
N HIS A 107 -10.13 10.42 9.31
CA HIS A 107 -8.79 10.58 9.87
C HIS A 107 -8.08 11.68 9.07
N PRO A 108 -8.27 12.99 9.46
CA PRO A 108 -7.74 14.16 8.73
C PRO A 108 -6.20 14.22 8.69
N LEU A 109 -5.70 14.91 7.67
CA LEU A 109 -4.26 15.04 7.40
C LEU A 109 -3.95 16.52 7.07
N ALA A 110 -2.77 16.99 7.49
CA ALA A 110 -2.26 18.31 7.09
C ALA A 110 -1.76 18.24 5.63
N SER A 111 -2.67 18.54 4.70
CA SER A 111 -2.44 18.46 3.25
C SER A 111 -3.46 19.38 2.53
N MET A 3 -13.62 -8.46 -20.64
CA MET A 3 -13.05 -8.80 -19.31
C MET A 3 -13.53 -7.83 -18.22
N GLU A 4 -13.99 -6.63 -18.66
CA GLU A 4 -14.47 -5.59 -17.74
C GLU A 4 -15.90 -5.91 -17.28
N VAL A 5 -15.97 -6.59 -16.13
CA VAL A 5 -17.22 -6.98 -15.51
C VAL A 5 -17.03 -7.09 -14.00
N SER A 6 -17.84 -6.36 -13.23
CA SER A 6 -17.91 -6.52 -11.78
C SER A 6 -18.68 -7.83 -11.46
N ALA A 7 -17.96 -8.96 -11.53
CA ALA A 7 -18.51 -10.30 -11.29
C ALA A 7 -17.51 -11.12 -10.46
N ASN A 8 -17.74 -11.11 -9.14
CA ASN A 8 -16.93 -11.86 -8.16
C ASN A 8 -17.14 -13.38 -8.33
N GLU A 9 -18.35 -13.76 -8.82
CA GLU A 9 -18.68 -15.17 -9.16
C GLU A 9 -17.86 -15.67 -10.36
N LEU A 10 -17.44 -14.73 -11.25
CA LEU A 10 -16.61 -15.02 -12.43
C LEU A 10 -15.11 -14.88 -12.05
N GLU A 11 -14.86 -14.53 -10.76
CA GLU A 11 -13.52 -14.24 -10.16
C GLU A 11 -12.80 -13.07 -10.86
N ALA A 12 -13.58 -12.22 -11.57
CA ALA A 12 -13.05 -11.09 -12.37
C ALA A 12 -12.24 -10.09 -11.51
N ALA A 13 -12.58 -10.01 -10.21
CA ALA A 13 -11.85 -9.18 -9.23
C ALA A 13 -10.46 -9.79 -8.91
N SER A 14 -10.42 -11.11 -8.61
CA SER A 14 -9.16 -11.86 -8.35
C SER A 14 -8.19 -11.77 -9.56
N SER A 15 -8.79 -12.01 -10.75
CA SER A 15 -8.12 -11.89 -12.05
C SER A 15 -7.52 -10.48 -12.21
N ARG A 16 -8.34 -9.47 -11.83
CA ARG A 16 -7.99 -8.04 -11.92
C ARG A 16 -6.79 -7.71 -11.02
N MET A 17 -6.74 -8.32 -9.82
CA MET A 17 -5.61 -8.10 -8.85
C MET A 17 -4.28 -8.47 -9.52
N GLU A 18 -4.27 -9.64 -10.20
CA GLU A 18 -3.09 -10.17 -10.91
C GLU A 18 -2.78 -9.38 -12.21
N MET A 19 -3.84 -8.84 -12.84
CA MET A 19 -3.71 -7.94 -14.00
C MET A 19 -2.94 -6.66 -13.59
N LEU A 20 -3.33 -6.10 -12.43
CA LEU A 20 -2.74 -4.85 -11.89
C LEU A 20 -1.26 -5.05 -11.50
N GLN A 21 -0.92 -6.26 -11.01
CA GLN A 21 0.47 -6.67 -10.66
C GLN A 21 1.40 -6.51 -11.87
N ARG A 22 1.00 -7.14 -12.98
CA ARG A 22 1.79 -7.16 -14.21
C ARG A 22 1.59 -5.88 -15.07
N GLU A 23 0.49 -5.14 -14.82
CA GLU A 23 0.13 -3.93 -15.59
C GLU A 23 1.05 -2.75 -15.22
N TYR A 24 1.07 -2.41 -13.92
CA TYR A 24 1.82 -1.26 -13.40
C TYR A 24 3.16 -1.75 -12.84
N SER A 25 3.12 -2.30 -11.62
CA SER A 25 4.30 -2.86 -10.93
C SER A 25 3.85 -3.70 -9.73
N THR A 26 4.74 -4.57 -9.29
CA THR A 26 4.65 -5.24 -8.00
C THR A 26 5.65 -4.59 -7.04
N LEU A 27 5.31 -4.55 -5.75
CA LEU A 27 6.22 -4.05 -4.71
C LEU A 27 7.26 -5.12 -4.38
N ARG A 28 8.55 -4.78 -4.47
CA ARG A 28 9.65 -5.75 -4.23
C ARG A 28 10.22 -5.57 -2.81
N SER A 29 10.34 -4.31 -2.36
CA SER A 29 11.01 -3.95 -1.10
C SER A 29 10.39 -2.68 -0.49
N VAL A 30 10.59 -2.50 0.82
CA VAL A 30 10.21 -1.29 1.58
C VAL A 30 11.35 -0.92 2.54
N GLN A 31 11.56 0.39 2.73
CA GLN A 31 12.58 0.94 3.62
C GLN A 31 12.04 2.22 4.28
N TYR A 32 11.99 2.24 5.61
CA TYR A 32 11.65 3.45 6.37
C TYR A 32 12.90 4.35 6.39
N ARG A 33 12.94 5.35 5.49
CA ARG A 33 14.03 6.33 5.44
C ARG A 33 13.80 7.40 6.51
N SER A 34 14.38 7.17 7.70
CA SER A 34 14.33 8.11 8.85
C SER A 34 15.10 9.41 8.52
N GLU A 35 16.00 9.32 7.52
CA GLU A 35 16.66 10.49 6.90
C GLU A 35 15.61 11.50 6.40
N GLU A 36 14.56 10.97 5.75
CA GLU A 36 13.45 11.76 5.20
C GLU A 36 12.24 11.76 6.15
N GLY A 37 12.25 10.83 7.14
CA GLY A 37 11.13 10.63 8.09
C GLY A 37 9.90 10.00 7.44
N VAL A 38 10.12 9.30 6.31
CA VAL A 38 9.05 8.70 5.48
C VAL A 38 9.26 7.18 5.31
N ILE A 39 8.18 6.50 4.90
CA ILE A 39 8.19 5.12 4.44
C ILE A 39 8.30 5.12 2.91
N VAL A 40 9.31 4.44 2.39
CA VAL A 40 9.57 4.35 0.94
C VAL A 40 9.28 2.93 0.44
N PHE A 41 8.50 2.85 -0.63
CA PHE A 41 8.06 1.60 -1.25
C PHE A 41 8.81 1.38 -2.57
N ILE A 42 9.89 0.58 -2.53
CA ILE A 42 10.71 0.27 -3.72
C ILE A 42 9.96 -0.72 -4.64
N LEU A 43 9.63 -0.26 -5.84
CA LEU A 43 8.99 -1.09 -6.88
C LEU A 43 10.00 -1.93 -7.64
N ALA A 44 9.48 -2.92 -8.38
CA ALA A 44 10.30 -3.78 -9.26
C ALA A 44 10.95 -2.98 -10.41
N ASN A 45 10.40 -1.77 -10.70
CA ASN A 45 10.99 -0.83 -11.69
C ASN A 45 11.93 0.21 -11.00
N ASP A 46 12.30 -0.08 -9.72
CA ASP A 46 13.19 0.78 -8.87
C ASP A 46 12.53 2.12 -8.47
N ARG A 47 11.18 2.17 -8.49
CA ARG A 47 10.42 3.39 -8.17
C ARG A 47 10.16 3.49 -6.65
N GLU A 48 10.77 4.50 -6.02
CA GLU A 48 10.58 4.79 -4.59
C GLU A 48 9.31 5.62 -4.35
N LEU A 49 8.22 4.97 -3.93
CA LEU A 49 6.98 5.66 -3.53
C LEU A 49 7.13 6.19 -2.10
N LYS A 50 7.11 7.51 -1.97
CA LYS A 50 7.49 8.23 -0.75
C LYS A 50 6.25 8.79 -0.04
N PHE A 51 5.89 8.17 1.10
CA PHE A 51 4.73 8.55 1.92
C PHE A 51 5.11 8.43 3.41
N ARG A 52 4.74 9.41 4.23
CA ARG A 52 5.03 9.43 5.68
C ARG A 52 4.18 8.36 6.42
N PRO A 53 4.61 7.94 7.67
CA PRO A 53 3.76 7.11 8.55
C PRO A 53 2.37 7.74 8.82
N ASP A 54 2.35 9.06 9.05
CA ASP A 54 1.13 9.82 9.38
C ASP A 54 0.24 10.07 8.15
N ASP A 55 0.70 9.65 6.96
CA ASP A 55 -0.08 9.72 5.71
C ASP A 55 -0.88 8.43 5.52
N LEU A 56 -0.28 7.29 5.89
CA LEU A 56 -0.75 5.95 5.53
C LEU A 56 -1.69 5.35 6.57
N GLN A 57 -2.69 4.60 6.08
CA GLN A 57 -3.73 3.93 6.91
C GLN A 57 -3.13 2.88 7.85
N ALA A 58 -2.08 2.18 7.38
CA ALA A 58 -1.38 1.14 8.19
C ALA A 58 -0.68 1.77 9.39
N THR A 59 -0.01 2.89 9.14
CA THR A 59 1.07 3.39 10.01
C THR A 59 0.72 4.71 10.71
N TYR A 60 -0.55 5.10 10.63
CA TYR A 60 -1.06 6.29 11.31
C TYR A 60 -1.09 6.02 12.83
N GLY A 61 -0.01 6.41 13.50
CA GLY A 61 0.18 6.09 14.92
C GLY A 61 1.02 4.83 15.13
N ALA A 62 2.00 4.59 14.22
CA ALA A 62 2.97 3.48 14.35
C ALA A 62 4.39 4.03 14.51
N THR A 63 5.21 3.30 15.29
CA THR A 63 6.63 3.63 15.53
C THR A 63 7.53 2.97 14.44
N PRO A 64 8.75 3.55 14.16
CA PRO A 64 9.70 2.99 13.15
C PRO A 64 10.07 1.51 13.41
N GLU A 65 9.93 1.05 14.68
CA GLU A 65 10.20 -0.35 15.08
C GLU A 65 9.31 -1.31 14.28
N GLN A 66 8.02 -0.96 14.24
CA GLN A 66 6.96 -1.72 13.54
C GLN A 66 7.11 -1.61 12.00
N LEU A 67 7.97 -0.68 11.56
CA LEU A 67 8.23 -0.37 10.14
C LEU A 67 9.64 -0.89 9.75
N ARG A 68 10.20 -1.80 10.59
CA ARG A 68 11.44 -2.53 10.27
C ARG A 68 11.06 -3.95 9.85
N GLU A 69 10.07 -4.52 10.58
CA GLU A 69 9.47 -5.82 10.28
C GLU A 69 8.24 -5.61 9.38
N ILE A 70 8.51 -5.71 8.07
CA ILE A 70 7.56 -5.44 6.99
C ILE A 70 7.56 -6.64 6.00
N GLU A 71 6.38 -6.98 5.47
CA GLU A 71 6.22 -8.01 4.41
C GLU A 71 5.44 -7.39 3.23
N ILE A 72 5.61 -7.93 2.00
CA ILE A 72 4.83 -7.49 0.82
C ILE A 72 3.36 -7.98 0.95
N SER A 73 2.41 -7.29 0.29
CA SER A 73 0.97 -7.64 0.30
C SER A 73 0.72 -9.10 -0.16
N PRO A 74 -0.37 -9.77 0.33
CA PRO A 74 -0.73 -11.14 -0.14
C PRO A 74 -1.14 -11.15 -1.63
N SER A 75 -1.65 -10.01 -2.13
CA SER A 75 -1.95 -9.81 -3.57
C SER A 75 -0.70 -9.37 -4.36
N GLY A 76 0.42 -9.13 -3.64
CA GLY A 76 1.71 -8.81 -4.27
C GLY A 76 1.79 -7.40 -4.89
N LEU A 77 0.66 -6.65 -4.81
CA LEU A 77 0.56 -5.28 -5.29
C LEU A 77 1.39 -4.36 -4.38
N GLY A 78 0.85 -4.09 -3.18
CA GLY A 78 1.46 -3.17 -2.23
C GLY A 78 2.20 -3.89 -1.15
N VAL A 79 1.91 -3.53 0.10
CA VAL A 79 2.62 -4.06 1.26
C VAL A 79 1.61 -4.58 2.27
N TYR A 80 2.05 -5.52 3.11
CA TYR A 80 1.32 -5.99 4.27
C TYR A 80 2.24 -5.94 5.50
N PHE A 81 2.07 -4.91 6.33
CA PHE A 81 2.77 -4.82 7.62
C PHE A 81 2.07 -5.77 8.59
N GLU A 82 2.68 -6.95 8.72
CA GLU A 82 2.14 -8.08 9.51
C GLU A 82 2.05 -7.70 11.00
N THR A 83 3.03 -6.90 11.43
CA THR A 83 3.10 -6.32 12.79
C THR A 83 1.84 -5.50 13.11
N LEU A 84 1.37 -4.75 12.11
CA LEU A 84 0.17 -3.88 12.22
C LEU A 84 -1.09 -4.63 11.79
N GLU A 85 -0.88 -5.82 11.17
CA GLU A 85 -1.91 -6.65 10.52
C GLU A 85 -2.67 -5.85 9.44
N GLU A 86 -2.00 -4.84 8.87
CA GLU A 86 -2.62 -3.88 7.95
C GLU A 86 -1.84 -3.80 6.62
N ASP A 87 -2.57 -3.47 5.56
CA ASP A 87 -2.08 -3.48 4.18
C ASP A 87 -2.07 -2.04 3.61
N VAL A 88 -0.95 -1.64 2.99
CA VAL A 88 -0.88 -0.38 2.22
C VAL A 88 -0.86 -0.74 0.72
N SER A 89 -2.06 -0.75 0.13
CA SER A 89 -2.27 -1.16 -1.28
C SER A 89 -1.55 -0.20 -2.25
N LEU A 90 -0.77 -0.79 -3.17
CA LEU A 90 0.05 -0.04 -4.13
C LEU A 90 -0.81 0.81 -5.06
N ILE A 91 -1.92 0.19 -5.53
CA ILE A 91 -2.87 0.83 -6.45
C ILE A 91 -3.36 2.15 -5.84
N GLY A 92 -3.71 2.09 -4.53
CA GLY A 92 -4.11 3.28 -3.77
C GLY A 92 -3.02 4.36 -3.79
N LEU A 93 -1.75 3.95 -3.57
CA LEU A 93 -0.59 4.88 -3.56
C LEU A 93 -0.40 5.56 -4.93
N LEU A 94 -0.73 4.80 -6.01
CA LEU A 94 -0.66 5.29 -7.40
C LEU A 94 -1.83 6.25 -7.69
N GLU A 95 -3.01 5.99 -7.07
CA GLU A 95 -4.21 6.85 -7.19
C GLU A 95 -4.07 8.15 -6.35
N GLY A 96 -3.07 8.16 -5.44
CA GLY A 96 -2.88 9.25 -4.47
C GLY A 96 -3.67 9.01 -3.17
N ARG A 97 -4.38 7.88 -3.15
CA ARG A 97 -5.22 7.43 -2.04
C ARG A 97 -4.33 6.75 -0.96
N ARG A 98 -3.88 7.56 0.02
CA ARG A 98 -2.90 7.15 1.05
C ARG A 98 -3.50 6.11 2.03
N GLY A 99 -4.82 6.18 2.18
CA GLY A 99 -5.61 5.17 2.90
C GLY A 99 -7.01 5.10 2.30
N SER A 100 -7.90 4.32 2.92
CA SER A 100 -9.33 4.23 2.50
C SER A 100 -9.95 5.65 2.45
N ALA A 101 -10.78 5.95 1.43
CA ALA A 101 -11.44 7.28 1.27
C ALA A 101 -12.29 7.62 2.51
N LYS A 102 -12.97 6.58 3.02
CA LYS A 102 -13.72 6.63 4.29
C LYS A 102 -12.78 7.02 5.44
N TRP A 103 -11.65 6.28 5.57
CA TRP A 103 -10.64 6.47 6.63
C TRP A 103 -10.07 7.91 6.61
N MET A 104 -9.74 8.42 5.40
CA MET A 104 -9.12 9.75 5.23
C MET A 104 -10.13 10.88 5.53
N ALA A 105 -11.44 10.55 5.43
CA ALA A 105 -12.53 11.50 5.73
C ALA A 105 -12.71 11.65 7.26
N GLU A 106 -12.49 10.52 7.98
CA GLU A 106 -12.66 10.44 9.45
C GLU A 106 -11.38 10.85 10.19
N HIS A 107 -10.23 10.60 9.54
CA HIS A 107 -8.89 10.89 10.09
C HIS A 107 -8.25 11.96 9.19
N PRO A 108 -8.46 13.28 9.50
CA PRO A 108 -7.89 14.40 8.70
C PRO A 108 -6.35 14.34 8.62
N LEU A 109 -5.84 14.66 7.44
CA LEU A 109 -4.40 14.56 7.13
C LEU A 109 -3.64 15.82 7.60
N ALA A 110 -2.38 15.64 8.02
CA ALA A 110 -1.50 16.74 8.47
C ALA A 110 -1.28 17.77 7.35
N SER A 111 -1.20 17.24 6.12
CA SER A 111 -1.12 18.05 4.90
C SER A 111 -2.52 18.66 4.61
N MET A 3 -16.04 -4.61 -19.63
CA MET A 3 -15.83 -5.64 -20.68
C MET A 3 -16.41 -7.01 -20.25
N GLU A 4 -16.26 -7.37 -18.96
CA GLU A 4 -16.87 -8.58 -18.35
C GLU A 4 -17.29 -8.30 -16.90
N VAL A 5 -18.23 -9.12 -16.38
CA VAL A 5 -18.65 -9.02 -14.97
C VAL A 5 -17.53 -9.52 -14.04
N SER A 6 -16.80 -8.56 -13.45
CA SER A 6 -15.67 -8.82 -12.55
C SER A 6 -16.19 -8.95 -11.09
N ALA A 7 -17.01 -9.99 -10.87
CA ALA A 7 -17.79 -10.18 -9.63
C ALA A 7 -17.08 -11.09 -8.61
N ASN A 8 -17.67 -11.17 -7.40
CA ASN A 8 -17.19 -12.02 -6.30
C ASN A 8 -17.27 -13.52 -6.66
N GLU A 9 -18.38 -13.87 -7.34
CA GLU A 9 -18.63 -15.23 -7.86
C GLU A 9 -17.55 -15.65 -8.89
N LEU A 10 -17.05 -14.65 -9.66
CA LEU A 10 -15.98 -14.86 -10.67
C LEU A 10 -14.59 -15.00 -10.02
N GLU A 11 -14.49 -14.71 -8.70
CA GLU A 11 -13.20 -14.57 -7.92
C GLU A 11 -12.25 -13.56 -8.60
N ALA A 12 -12.85 -12.65 -9.37
CA ALA A 12 -12.16 -11.79 -10.32
C ALA A 12 -11.26 -10.73 -9.64
N ALA A 13 -11.38 -10.59 -8.29
CA ALA A 13 -10.49 -9.72 -7.49
C ALA A 13 -9.02 -10.15 -7.66
N SER A 14 -8.78 -11.46 -7.42
CA SER A 14 -7.43 -12.06 -7.53
C SER A 14 -6.94 -11.99 -8.99
N SER A 15 -7.81 -12.44 -9.92
CA SER A 15 -7.50 -12.50 -11.37
C SER A 15 -7.17 -11.09 -11.94
N ARG A 16 -7.90 -10.07 -11.43
CA ARG A 16 -7.70 -8.66 -11.80
C ARG A 16 -6.31 -8.21 -11.33
N MET A 17 -6.02 -8.47 -10.05
CA MET A 17 -4.76 -8.06 -9.39
C MET A 17 -3.54 -8.74 -10.03
N GLU A 18 -3.72 -9.98 -10.51
CA GLU A 18 -2.68 -10.72 -11.26
C GLU A 18 -2.38 -10.01 -12.60
N MET A 19 -3.44 -9.51 -13.24
CA MET A 19 -3.31 -8.70 -14.46
C MET A 19 -2.67 -7.33 -14.13
N LEU A 20 -3.00 -6.74 -12.95
CA LEU A 20 -2.46 -5.43 -12.53
C LEU A 20 -0.97 -5.52 -12.18
N GLN A 21 -0.53 -6.74 -11.81
CA GLN A 21 0.89 -7.08 -11.61
C GLN A 21 1.66 -6.93 -12.94
N ARG A 22 1.16 -7.67 -13.96
CA ARG A 22 1.78 -7.70 -15.31
C ARG A 22 1.45 -6.44 -16.14
N GLU A 23 0.52 -5.61 -15.64
CA GLU A 23 0.09 -4.36 -16.33
C GLU A 23 0.85 -3.16 -15.75
N TYR A 24 0.51 -2.78 -14.50
CA TYR A 24 1.00 -1.53 -13.88
C TYR A 24 2.38 -1.73 -13.26
N SER A 25 2.43 -2.45 -12.12
CA SER A 25 3.64 -2.55 -11.28
C SER A 25 3.38 -3.51 -10.10
N THR A 26 4.48 -4.07 -9.55
CA THR A 26 4.48 -4.85 -8.30
C THR A 26 5.47 -4.22 -7.32
N LEU A 27 5.20 -4.32 -6.02
CA LEU A 27 6.09 -3.80 -4.98
C LEU A 27 7.13 -4.86 -4.64
N ARG A 28 8.41 -4.57 -4.89
CA ARG A 28 9.51 -5.52 -4.64
C ARG A 28 10.02 -5.43 -3.20
N SER A 29 10.15 -4.19 -2.68
CA SER A 29 10.82 -3.92 -1.40
C SER A 29 10.21 -2.66 -0.75
N VAL A 30 10.31 -2.59 0.58
CA VAL A 30 9.96 -1.39 1.37
C VAL A 30 11.02 -1.18 2.46
N GLN A 31 11.56 0.05 2.53
CA GLN A 31 12.51 0.46 3.56
C GLN A 31 11.93 1.70 4.28
N TYR A 32 12.10 1.77 5.60
CA TYR A 32 11.80 2.99 6.36
C TYR A 32 13.08 3.85 6.42
N ARG A 33 12.92 5.15 6.20
CA ARG A 33 14.01 6.14 6.32
C ARG A 33 13.67 7.08 7.48
N SER A 34 14.42 6.92 8.58
CA SER A 34 14.17 7.60 9.87
C SER A 34 14.60 9.06 9.84
N GLU A 35 15.75 9.33 9.21
CA GLU A 35 16.28 10.71 9.06
C GLU A 35 15.42 11.55 8.09
N GLU A 36 14.74 10.85 7.18
CA GLU A 36 13.77 11.45 6.25
C GLU A 36 12.36 11.49 6.86
N GLY A 37 12.12 10.60 7.85
CA GLY A 37 10.82 10.47 8.51
C GLY A 37 9.71 9.95 7.59
N VAL A 38 10.12 9.23 6.51
CA VAL A 38 9.20 8.73 5.46
C VAL A 38 9.41 7.23 5.25
N ILE A 39 8.37 6.54 4.75
CA ILE A 39 8.43 5.14 4.32
C ILE A 39 8.57 5.11 2.79
N VAL A 40 9.63 4.48 2.29
CA VAL A 40 9.92 4.36 0.86
C VAL A 40 9.52 2.96 0.35
N PHE A 41 8.47 2.94 -0.48
CA PHE A 41 7.97 1.74 -1.16
C PHE A 41 8.70 1.60 -2.51
N ILE A 42 9.75 0.77 -2.52
CA ILE A 42 10.57 0.53 -3.71
C ILE A 42 9.81 -0.39 -4.69
N LEU A 43 9.44 0.19 -5.85
CA LEU A 43 8.75 -0.53 -6.93
C LEU A 43 9.72 -1.39 -7.74
N ALA A 44 9.18 -2.46 -8.35
CA ALA A 44 9.93 -3.37 -9.25
C ALA A 44 10.38 -2.64 -10.54
N ASN A 45 9.65 -1.58 -10.87
CA ASN A 45 9.95 -0.66 -12.00
C ASN A 45 10.87 0.50 -11.55
N ASP A 46 11.50 0.34 -10.36
CA ASP A 46 12.47 1.31 -9.78
C ASP A 46 11.84 2.71 -9.59
N ARG A 47 10.70 2.75 -8.90
CA ARG A 47 10.07 3.99 -8.45
C ARG A 47 9.91 3.97 -6.92
N GLU A 48 10.59 4.90 -6.24
CA GLU A 48 10.58 5.02 -4.78
C GLU A 48 9.36 5.86 -4.36
N LEU A 49 8.28 5.21 -3.89
CA LEU A 49 7.07 5.91 -3.40
C LEU A 49 7.28 6.38 -1.95
N LYS A 50 7.32 7.69 -1.78
CA LYS A 50 7.61 8.36 -0.50
C LYS A 50 6.29 8.74 0.18
N PHE A 51 5.96 8.05 1.28
CA PHE A 51 4.77 8.33 2.10
C PHE A 51 5.15 8.18 3.59
N ARG A 52 4.96 9.25 4.39
CA ARG A 52 5.27 9.25 5.84
C ARG A 52 4.37 8.25 6.60
N PRO A 53 4.83 7.76 7.80
CA PRO A 53 3.98 6.95 8.72
C PRO A 53 2.66 7.66 9.10
N ASP A 54 2.75 8.97 9.35
CA ASP A 54 1.60 9.79 9.76
C ASP A 54 0.74 10.25 8.55
N ASP A 55 1.13 9.81 7.33
CA ASP A 55 0.32 9.98 6.11
C ASP A 55 -0.60 8.76 5.91
N LEU A 56 -0.04 7.58 6.16
CA LEU A 56 -0.67 6.27 5.84
C LEU A 56 -1.52 5.77 7.00
N GLN A 57 -2.64 5.10 6.64
CA GLN A 57 -3.57 4.49 7.63
C GLN A 57 -2.89 3.35 8.41
N ALA A 58 -2.12 2.50 7.68
CA ALA A 58 -1.41 1.32 8.25
C ALA A 58 -0.55 1.72 9.45
N THR A 59 0.12 2.87 9.30
CA THR A 59 1.25 3.29 10.11
C THR A 59 0.95 4.52 10.97
N TYR A 60 -0.32 4.95 10.96
CA TYR A 60 -0.78 6.13 11.71
C TYR A 60 -0.87 5.76 13.21
N GLY A 61 0.22 6.01 13.94
CA GLY A 61 0.36 5.62 15.35
C GLY A 61 1.23 4.39 15.56
N ALA A 62 1.96 3.97 14.50
CA ALA A 62 2.93 2.86 14.56
C ALA A 62 4.34 3.41 14.84
N THR A 63 5.19 2.58 15.47
CA THR A 63 6.59 2.92 15.74
C THR A 63 7.48 2.52 14.54
N PRO A 64 8.64 3.25 14.35
CA PRO A 64 9.65 2.95 13.28
C PRO A 64 10.11 1.47 13.24
N GLU A 65 10.04 0.82 14.42
CA GLU A 65 10.48 -0.59 14.63
C GLU A 65 9.63 -1.55 13.79
N GLN A 66 8.31 -1.28 13.82
CA GLN A 66 7.30 -2.09 13.12
C GLN A 66 7.32 -1.84 11.60
N LEU A 67 8.00 -0.75 11.20
CA LEU A 67 8.12 -0.31 9.79
C LEU A 67 9.48 -0.78 9.24
N ARG A 68 10.10 -1.72 9.95
CA ARG A 68 11.31 -2.42 9.49
C ARG A 68 10.89 -3.86 9.11
N GLU A 69 10.10 -4.47 10.02
CA GLU A 69 9.51 -5.79 9.80
C GLU A 69 8.22 -5.66 8.97
N ILE A 70 8.43 -5.72 7.66
CA ILE A 70 7.42 -5.48 6.62
C ILE A 70 7.43 -6.66 5.62
N GLU A 71 6.24 -7.02 5.13
CA GLU A 71 6.06 -8.05 4.07
C GLU A 71 5.34 -7.39 2.87
N ILE A 72 5.45 -7.99 1.66
CA ILE A 72 4.67 -7.57 0.47
C ILE A 72 3.23 -8.15 0.57
N SER A 73 2.25 -7.45 -0.04
CA SER A 73 0.80 -7.79 0.03
C SER A 73 0.51 -9.26 -0.40
N PRO A 74 -0.62 -9.87 0.11
CA PRO A 74 -1.06 -11.23 -0.32
C PRO A 74 -1.49 -11.26 -1.82
N SER A 75 -1.75 -10.07 -2.39
CA SER A 75 -2.07 -9.90 -3.81
C SER A 75 -0.79 -9.67 -4.65
N GLY A 76 0.33 -9.33 -3.98
CA GLY A 76 1.62 -9.08 -4.63
C GLY A 76 1.73 -7.70 -5.29
N LEU A 77 0.67 -6.88 -5.13
CA LEU A 77 0.65 -5.49 -5.63
C LEU A 77 1.36 -4.60 -4.62
N GLY A 78 0.69 -4.32 -3.49
CA GLY A 78 1.18 -3.38 -2.49
C GLY A 78 1.98 -4.03 -1.41
N VAL A 79 1.66 -3.70 -0.17
CA VAL A 79 2.39 -4.16 1.00
C VAL A 79 1.42 -4.75 2.02
N TYR A 80 1.95 -5.56 2.94
CA TYR A 80 1.23 -6.04 4.12
C TYR A 80 2.16 -5.92 5.33
N PHE A 81 1.92 -4.91 6.17
CA PHE A 81 2.63 -4.76 7.44
C PHE A 81 1.97 -5.69 8.46
N GLU A 82 2.57 -6.87 8.58
CA GLU A 82 2.06 -7.98 9.40
C GLU A 82 1.99 -7.57 10.88
N THR A 83 3.05 -6.88 11.31
CA THR A 83 3.20 -6.37 12.69
C THR A 83 2.04 -5.42 13.08
N LEU A 84 1.52 -4.68 12.08
CA LEU A 84 0.42 -3.71 12.27
C LEU A 84 -0.94 -4.35 12.01
N GLU A 85 -0.92 -5.57 11.41
CA GLU A 85 -2.12 -6.31 10.97
C GLU A 85 -2.86 -5.51 9.88
N GLU A 86 -2.10 -4.67 9.14
CA GLU A 86 -2.68 -3.74 8.16
C GLU A 86 -1.82 -3.71 6.89
N ASP A 87 -2.46 -3.40 5.76
CA ASP A 87 -1.79 -3.33 4.45
C ASP A 87 -1.78 -1.88 3.95
N VAL A 88 -0.97 -1.63 2.92
CA VAL A 88 -0.99 -0.37 2.15
C VAL A 88 -1.02 -0.75 0.67
N SER A 89 -2.20 -0.57 0.04
CA SER A 89 -2.45 -0.94 -1.35
C SER A 89 -1.57 -0.12 -2.31
N LEU A 90 -0.93 -0.80 -3.27
CA LEU A 90 -0.08 -0.15 -4.28
C LEU A 90 -0.91 0.75 -5.17
N ILE A 91 -2.04 0.17 -5.64
CA ILE A 91 -3.03 0.87 -6.47
C ILE A 91 -3.48 2.15 -5.76
N GLY A 92 -3.70 2.01 -4.43
CA GLY A 92 -4.01 3.14 -3.57
C GLY A 92 -2.94 4.23 -3.63
N LEU A 93 -1.67 3.84 -3.45
CA LEU A 93 -0.52 4.79 -3.44
C LEU A 93 -0.38 5.51 -4.79
N LEU A 94 -0.65 4.78 -5.89
CA LEU A 94 -0.61 5.30 -7.26
C LEU A 94 -1.74 6.34 -7.48
N GLU A 95 -2.93 6.05 -6.91
CA GLU A 95 -4.13 6.93 -7.04
C GLU A 95 -4.13 8.06 -5.98
N GLY A 96 -3.18 8.01 -5.02
CA GLY A 96 -3.10 8.99 -3.93
C GLY A 96 -3.92 8.58 -2.70
N ARG A 97 -4.63 7.44 -2.82
CA ARG A 97 -5.43 6.83 -1.75
C ARG A 97 -4.49 6.20 -0.68
N ARG A 98 -3.97 7.04 0.23
CA ARG A 98 -2.95 6.65 1.24
C ARG A 98 -3.59 6.00 2.49
N GLY A 99 -4.93 6.05 2.53
CA GLY A 99 -5.74 5.34 3.51
C GLY A 99 -7.11 5.02 2.92
N SER A 100 -8.08 4.68 3.77
CA SER A 100 -9.48 4.55 3.34
C SER A 100 -10.02 5.93 2.88
N ALA A 101 -10.84 5.95 1.82
CA ALA A 101 -11.49 7.18 1.33
C ALA A 101 -12.33 7.84 2.45
N LYS A 102 -12.99 6.98 3.25
CA LYS A 102 -13.77 7.42 4.43
C LYS A 102 -12.84 7.99 5.52
N TRP A 103 -11.76 7.25 5.82
CA TRP A 103 -10.77 7.63 6.84
C TRP A 103 -10.16 9.02 6.55
N MET A 104 -9.89 9.29 5.26
CA MET A 104 -9.31 10.57 4.80
C MET A 104 -10.39 11.67 4.68
N ALA A 105 -11.67 11.27 4.54
CA ALA A 105 -12.79 12.24 4.43
C ALA A 105 -13.14 12.80 5.81
N GLU A 106 -13.11 11.92 6.83
CA GLU A 106 -13.45 12.27 8.22
C GLU A 106 -12.22 12.82 8.95
N HIS A 107 -11.04 12.29 8.59
CA HIS A 107 -9.74 12.69 9.16
C HIS A 107 -8.79 13.10 8.01
N PRO A 108 -8.90 14.39 7.51
CA PRO A 108 -8.01 14.86 6.44
C PRO A 108 -6.54 14.99 6.88
N LEU A 109 -5.64 14.84 5.92
CA LEU A 109 -4.19 15.02 6.12
C LEU A 109 -3.79 16.47 5.80
N ALA A 110 -2.67 16.93 6.37
CA ALA A 110 -2.02 18.19 5.98
C ALA A 110 -1.46 18.02 4.56
N SER A 111 -2.33 18.27 3.57
CA SER A 111 -2.09 17.95 2.16
C SER A 111 -2.84 18.98 1.29
N MET A 3 -13.57 -8.11 -23.89
CA MET A 3 -14.01 -9.51 -23.70
C MET A 3 -13.97 -9.90 -22.21
N GLU A 4 -14.16 -8.90 -21.31
CA GLU A 4 -14.14 -9.11 -19.85
C GLU A 4 -15.52 -8.78 -19.24
N VAL A 5 -15.88 -9.53 -18.18
CA VAL A 5 -17.08 -9.28 -17.36
C VAL A 5 -16.69 -9.34 -15.87
N SER A 6 -16.52 -8.15 -15.25
CA SER A 6 -16.17 -8.02 -13.81
C SER A 6 -17.36 -8.48 -12.93
N ALA A 7 -17.31 -9.76 -12.51
CA ALA A 7 -18.34 -10.40 -11.67
C ALA A 7 -17.68 -11.24 -10.57
N ASN A 8 -18.48 -11.62 -9.56
CA ASN A 8 -18.00 -12.44 -8.42
C ASN A 8 -17.55 -13.84 -8.88
N GLU A 9 -18.25 -14.41 -9.88
CA GLU A 9 -17.91 -15.71 -10.49
C GLU A 9 -16.57 -15.64 -11.26
N LEU A 10 -16.20 -14.43 -11.73
CA LEU A 10 -14.91 -14.19 -12.43
C LEU A 10 -13.77 -13.90 -11.45
N GLU A 11 -14.05 -14.02 -10.12
CA GLU A 11 -13.11 -13.71 -9.00
C GLU A 11 -12.36 -12.39 -9.25
N ALA A 12 -13.10 -11.42 -9.80
CA ALA A 12 -12.57 -10.20 -10.45
C ALA A 12 -11.63 -9.38 -9.54
N ALA A 13 -11.80 -9.48 -8.21
CA ALA A 13 -10.88 -8.83 -7.24
C ALA A 13 -9.46 -9.40 -7.37
N SER A 14 -9.34 -10.74 -7.22
CA SER A 14 -8.05 -11.47 -7.30
C SER A 14 -7.46 -11.40 -8.72
N SER A 15 -8.34 -11.48 -9.72
CA SER A 15 -7.97 -11.37 -11.13
C SER A 15 -7.28 -10.02 -11.39
N ARG A 16 -7.92 -8.92 -10.93
CA ARG A 16 -7.36 -7.55 -11.09
C ARG A 16 -6.07 -7.37 -10.26
N MET A 17 -5.91 -8.12 -9.16
CA MET A 17 -4.65 -8.07 -8.37
C MET A 17 -3.48 -8.56 -9.24
N GLU A 18 -3.63 -9.77 -9.80
CA GLU A 18 -2.61 -10.39 -10.67
C GLU A 18 -2.37 -9.54 -11.95
N MET A 19 -3.48 -9.00 -12.50
CA MET A 19 -3.47 -8.15 -13.72
C MET A 19 -2.67 -6.87 -13.46
N LEU A 20 -2.95 -6.18 -12.35
CA LEU A 20 -2.31 -4.89 -12.03
C LEU A 20 -0.81 -5.07 -11.68
N GLN A 21 -0.42 -6.30 -11.24
CA GLN A 21 0.99 -6.69 -11.04
C GLN A 21 1.76 -6.58 -12.37
N ARG A 22 1.21 -7.24 -13.40
CA ARG A 22 1.82 -7.30 -14.74
C ARG A 22 1.48 -6.05 -15.58
N GLU A 23 0.48 -5.26 -15.11
CA GLU A 23 0.03 -4.02 -15.79
C GLU A 23 0.98 -2.86 -15.46
N TYR A 24 1.07 -2.53 -14.16
CA TYR A 24 1.99 -1.50 -13.64
C TYR A 24 3.28 -2.16 -13.16
N SER A 25 3.26 -2.66 -11.91
CA SER A 25 4.42 -3.26 -11.23
C SER A 25 3.98 -3.86 -9.89
N THR A 26 4.86 -4.70 -9.34
CA THR A 26 4.73 -5.23 -7.98
C THR A 26 5.63 -4.44 -7.06
N LEU A 27 5.33 -4.47 -5.76
CA LEU A 27 6.20 -3.91 -4.73
C LEU A 27 7.30 -4.94 -4.42
N ARG A 28 8.57 -4.57 -4.65
CA ARG A 28 9.71 -5.50 -4.44
C ARG A 28 10.33 -5.32 -3.04
N SER A 29 10.36 -4.06 -2.56
CA SER A 29 11.05 -3.71 -1.29
C SER A 29 10.38 -2.49 -0.65
N VAL A 30 10.50 -2.42 0.69
CA VAL A 30 10.09 -1.26 1.51
C VAL A 30 11.21 -0.95 2.52
N GLN A 31 11.55 0.34 2.66
CA GLN A 31 12.58 0.82 3.58
C GLN A 31 12.06 2.08 4.30
N TYR A 32 11.97 2.02 5.63
CA TYR A 32 11.63 3.20 6.44
C TYR A 32 12.89 4.02 6.68
N ARG A 33 12.96 5.20 6.03
CA ARG A 33 14.06 6.15 6.24
C ARG A 33 13.71 7.09 7.39
N SER A 34 14.32 6.81 8.56
CA SER A 34 14.23 7.64 9.78
C SER A 34 14.90 9.02 9.57
N GLU A 35 15.84 9.07 8.59
CA GLU A 35 16.50 10.31 8.15
C GLU A 35 15.49 11.38 7.71
N GLU A 36 14.42 10.92 7.05
CA GLU A 36 13.38 11.78 6.46
C GLU A 36 12.06 11.63 7.22
N GLY A 37 11.90 10.50 7.93
CA GLY A 37 10.64 10.13 8.57
C GLY A 37 9.58 9.73 7.56
N VAL A 38 10.00 8.98 6.51
CA VAL A 38 9.11 8.51 5.42
C VAL A 38 9.31 7.00 5.16
N ILE A 39 8.22 6.37 4.72
CA ILE A 39 8.23 4.98 4.23
C ILE A 39 8.43 5.02 2.69
N VAL A 40 9.57 4.50 2.23
CA VAL A 40 9.94 4.49 0.80
C VAL A 40 9.63 3.10 0.20
N PHE A 41 8.69 3.08 -0.76
CA PHE A 41 8.22 1.86 -1.42
C PHE A 41 8.97 1.65 -2.76
N ILE A 42 9.98 0.78 -2.76
CA ILE A 42 10.76 0.46 -3.98
C ILE A 42 9.95 -0.51 -4.88
N LEU A 43 9.71 -0.09 -6.13
CA LEU A 43 8.91 -0.86 -7.10
C LEU A 43 9.79 -1.75 -8.00
N ALA A 44 9.12 -2.73 -8.62
CA ALA A 44 9.75 -3.68 -9.56
C ALA A 44 10.14 -2.98 -10.89
N ASN A 45 9.55 -1.79 -11.15
CA ASN A 45 9.88 -0.97 -12.33
C ASN A 45 10.99 0.06 -11.98
N ASP A 46 11.57 -0.07 -10.76
CA ASP A 46 12.58 0.86 -10.20
C ASP A 46 12.00 2.28 -10.08
N ARG A 47 10.91 2.37 -9.33
CA ARG A 47 10.27 3.65 -8.95
C ARG A 47 10.00 3.62 -7.44
N GLU A 48 10.51 4.61 -6.72
CA GLU A 48 10.35 4.68 -5.26
C GLU A 48 9.23 5.67 -4.89
N LEU A 49 8.16 5.14 -4.27
CA LEU A 49 7.08 5.96 -3.69
C LEU A 49 7.54 6.49 -2.32
N LYS A 50 7.00 7.64 -1.91
CA LYS A 50 7.42 8.34 -0.70
C LYS A 50 6.19 8.85 0.05
N PHE A 51 5.78 8.12 1.08
CA PHE A 51 4.64 8.47 1.93
C PHE A 51 5.04 8.34 3.40
N ARG A 52 4.57 9.27 4.24
CA ARG A 52 4.93 9.31 5.68
C ARG A 52 4.10 8.26 6.47
N PRO A 53 4.59 7.80 7.66
CA PRO A 53 3.77 6.95 8.58
C PRO A 53 2.45 7.64 8.98
N ASP A 54 2.52 8.95 9.30
CA ASP A 54 1.34 9.77 9.65
C ASP A 54 0.57 10.24 8.40
N ASP A 55 0.91 9.67 7.25
CA ASP A 55 0.19 9.91 6.00
C ASP A 55 -0.67 8.68 5.66
N LEU A 56 -0.06 7.49 5.79
CA LEU A 56 -0.68 6.19 5.43
C LEU A 56 -1.64 5.69 6.52
N GLN A 57 -2.61 4.87 6.08
CA GLN A 57 -3.61 4.26 6.98
C GLN A 57 -3.01 3.16 7.85
N ALA A 58 -2.17 2.28 7.25
CA ALA A 58 -1.48 1.17 7.96
C ALA A 58 -0.74 1.67 9.21
N THR A 59 -0.07 2.80 9.02
CA THR A 59 0.98 3.29 9.93
C THR A 59 0.59 4.58 10.65
N TYR A 60 -0.72 4.90 10.65
CA TYR A 60 -1.22 6.15 11.20
C TYR A 60 -1.13 6.13 12.73
N GLY A 61 0.05 6.55 13.23
CA GLY A 61 0.39 6.44 14.64
C GLY A 61 1.12 5.15 14.98
N ALA A 62 2.03 4.72 14.07
CA ALA A 62 2.88 3.51 14.26
C ALA A 62 4.36 3.90 14.50
N THR A 63 5.08 3.05 15.26
CA THR A 63 6.49 3.25 15.61
C THR A 63 7.43 2.71 14.49
N PRO A 64 8.70 3.24 14.38
CA PRO A 64 9.67 2.81 13.33
C PRO A 64 10.01 1.30 13.38
N GLU A 65 10.02 0.70 14.59
CA GLU A 65 10.31 -0.75 14.77
C GLU A 65 9.27 -1.63 14.06
N GLN A 66 8.01 -1.17 14.09
CA GLN A 66 6.88 -1.83 13.42
C GLN A 66 7.01 -1.73 11.87
N LEU A 67 7.74 -0.68 11.43
CA LEU A 67 7.95 -0.35 10.00
C LEU A 67 9.33 -0.84 9.55
N ARG A 68 9.88 -1.80 10.29
CA ARG A 68 11.06 -2.58 9.89
C ARG A 68 10.66 -4.04 9.67
N GLU A 69 9.61 -4.48 10.39
CA GLU A 69 9.05 -5.84 10.25
C GLU A 69 7.88 -5.79 9.25
N ILE A 70 8.26 -5.80 7.97
CA ILE A 70 7.37 -5.59 6.83
C ILE A 70 7.48 -6.78 5.86
N GLU A 71 6.34 -7.16 5.26
CA GLU A 71 6.27 -8.13 4.15
C GLU A 71 5.45 -7.50 3.01
N ILE A 72 5.53 -8.04 1.78
CA ILE A 72 4.68 -7.60 0.65
C ILE A 72 3.24 -8.17 0.83
N SER A 73 2.24 -7.51 0.22
CA SER A 73 0.82 -7.90 0.30
C SER A 73 0.60 -9.36 -0.14
N PRO A 74 -0.45 -10.08 0.39
CA PRO A 74 -0.82 -11.45 -0.07
C PRO A 74 -1.43 -11.43 -1.50
N SER A 75 -1.65 -10.21 -2.04
CA SER A 75 -2.07 -9.99 -3.43
C SER A 75 -0.88 -9.53 -4.32
N GLY A 76 0.30 -9.35 -3.68
CA GLY A 76 1.57 -9.10 -4.39
C GLY A 76 1.73 -7.69 -4.97
N LEU A 77 0.68 -6.87 -4.89
CA LEU A 77 0.71 -5.47 -5.36
C LEU A 77 1.36 -4.58 -4.31
N GLY A 78 0.62 -4.34 -3.22
CA GLY A 78 1.04 -3.43 -2.17
C GLY A 78 1.90 -4.09 -1.13
N VAL A 79 1.58 -3.84 0.13
CA VAL A 79 2.39 -4.29 1.26
C VAL A 79 1.49 -4.89 2.33
N TYR A 80 2.04 -5.78 3.16
CA TYR A 80 1.38 -6.29 4.35
C TYR A 80 2.35 -6.17 5.54
N PHE A 81 2.18 -5.08 6.31
CA PHE A 81 2.96 -4.86 7.53
C PHE A 81 2.52 -5.85 8.60
N GLU A 82 3.43 -6.75 8.96
CA GLU A 82 3.13 -7.94 9.76
C GLU A 82 2.89 -7.57 11.24
N THR A 83 3.65 -6.58 11.74
CA THR A 83 3.51 -6.07 13.11
C THR A 83 2.14 -5.35 13.29
N LEU A 84 1.65 -4.73 12.21
CA LEU A 84 0.39 -3.99 12.21
C LEU A 84 -0.77 -4.88 11.74
N GLU A 85 -0.40 -6.03 11.10
CA GLU A 85 -1.35 -6.95 10.42
C GLU A 85 -2.21 -6.20 9.39
N GLU A 86 -1.62 -5.14 8.79
CA GLU A 86 -2.36 -4.17 7.96
C GLU A 86 -1.67 -4.01 6.58
N ASP A 87 -2.49 -3.70 5.56
CA ASP A 87 -2.07 -3.58 4.15
C ASP A 87 -2.01 -2.11 3.72
N VAL A 88 -1.04 -1.77 2.84
CA VAL A 88 -1.04 -0.50 2.09
C VAL A 88 -1.17 -0.84 0.60
N SER A 89 -2.36 -0.58 0.02
CA SER A 89 -2.66 -0.88 -1.39
C SER A 89 -1.78 -0.03 -2.32
N LEU A 90 -0.94 -0.71 -3.14
CA LEU A 90 0.00 -0.06 -4.07
C LEU A 90 -0.73 0.83 -5.09
N ILE A 91 -1.77 0.26 -5.70
CA ILE A 91 -2.56 0.93 -6.74
C ILE A 91 -3.26 2.15 -6.14
N GLY A 92 -3.67 2.02 -4.87
CA GLY A 92 -4.18 3.14 -4.08
C GLY A 92 -3.17 4.29 -3.99
N LEU A 93 -1.89 3.96 -3.75
CA LEU A 93 -0.79 4.96 -3.67
C LEU A 93 -0.59 5.65 -5.03
N LEU A 94 -0.74 4.87 -6.12
CA LEU A 94 -0.64 5.35 -7.51
C LEU A 94 -1.88 6.21 -7.89
N GLU A 95 -2.95 6.10 -7.09
CA GLU A 95 -4.18 6.92 -7.23
C GLU A 95 -4.20 8.09 -6.22
N GLY A 96 -3.25 8.09 -5.26
CA GLY A 96 -3.18 9.13 -4.21
C GLY A 96 -4.05 8.83 -2.99
N ARG A 97 -4.61 7.62 -2.95
CA ARG A 97 -5.37 7.10 -1.80
C ARG A 97 -4.43 6.25 -0.91
N ARG A 98 -3.75 6.94 0.01
CA ARG A 98 -2.92 6.32 1.08
C ARG A 98 -3.78 5.42 2.01
N GLY A 99 -5.03 5.85 2.18
CA GLY A 99 -6.12 5.05 2.72
C GLY A 99 -7.36 5.30 1.88
N SER A 100 -8.49 4.68 2.25
CA SER A 100 -9.76 4.87 1.52
C SER A 100 -10.24 6.33 1.63
N ALA A 101 -11.12 6.76 0.70
CA ALA A 101 -11.72 8.11 0.70
C ALA A 101 -12.50 8.36 2.01
N LYS A 102 -13.14 7.27 2.49
CA LYS A 102 -13.88 7.26 3.75
C LYS A 102 -12.92 7.48 4.94
N TRP A 103 -11.77 6.76 4.92
CA TRP A 103 -10.73 6.86 5.98
C TRP A 103 -10.20 8.29 6.11
N MET A 104 -9.83 8.90 4.96
CA MET A 104 -9.30 10.27 4.92
C MET A 104 -10.35 11.30 5.38
N ALA A 105 -11.64 10.96 5.17
CA ALA A 105 -12.79 11.83 5.55
C ALA A 105 -13.01 11.86 7.07
N GLU A 106 -12.90 10.70 7.73
CA GLU A 106 -13.17 10.56 9.19
C GLU A 106 -11.89 10.78 10.01
N HIS A 107 -10.73 10.56 9.39
CA HIS A 107 -9.41 10.77 10.03
C HIS A 107 -8.66 11.83 9.21
N PRO A 108 -8.79 13.15 9.59
CA PRO A 108 -8.17 14.28 8.84
C PRO A 108 -6.65 14.13 8.66
N LEU A 109 -6.22 14.40 7.44
CA LEU A 109 -4.82 14.36 7.04
C LEU A 109 -4.24 15.79 7.03
N ALA A 110 -2.90 15.92 6.98
CA ALA A 110 -2.23 17.21 6.78
C ALA A 110 -2.52 17.74 5.37
N SER A 111 -3.65 18.46 5.24
CA SER A 111 -4.14 19.02 3.98
C SER A 111 -4.77 20.40 4.29
N MET A 3 -14.51 -2.38 -17.60
CA MET A 3 -14.80 -3.21 -18.80
C MET A 3 -15.70 -4.41 -18.42
N GLU A 4 -15.23 -5.21 -17.45
CA GLU A 4 -15.96 -6.39 -16.94
C GLU A 4 -16.80 -6.01 -15.72
N VAL A 5 -17.75 -6.88 -15.33
CA VAL A 5 -18.63 -6.65 -14.17
C VAL A 5 -17.90 -7.05 -12.87
N SER A 6 -18.08 -6.22 -11.82
CA SER A 6 -17.49 -6.47 -10.49
C SER A 6 -18.42 -7.38 -9.67
N ALA A 7 -18.45 -8.67 -10.04
CA ALA A 7 -19.26 -9.69 -9.36
C ALA A 7 -18.36 -10.67 -8.58
N ASN A 8 -18.85 -11.12 -7.41
CA ASN A 8 -18.13 -12.05 -6.51
C ASN A 8 -17.84 -13.40 -7.22
N GLU A 9 -18.83 -13.84 -8.02
CA GLU A 9 -18.73 -15.04 -8.86
C GLU A 9 -17.69 -14.84 -9.99
N LEU A 10 -17.65 -13.61 -10.55
CA LEU A 10 -16.68 -13.25 -11.61
C LEU A 10 -15.25 -13.06 -11.06
N GLU A 11 -15.11 -13.11 -9.70
CA GLU A 11 -13.82 -12.96 -8.96
C GLU A 11 -12.96 -11.78 -9.49
N ALA A 12 -13.68 -10.74 -9.95
CA ALA A 12 -13.14 -9.66 -10.79
C ALA A 12 -12.02 -8.89 -10.09
N ALA A 13 -12.14 -8.72 -8.75
CA ALA A 13 -11.13 -8.03 -7.93
C ALA A 13 -9.77 -8.76 -7.96
N SER A 14 -9.82 -10.09 -7.83
CA SER A 14 -8.61 -10.96 -7.86
C SER A 14 -7.94 -10.88 -9.25
N SER A 15 -8.76 -11.00 -10.30
CA SER A 15 -8.30 -10.94 -11.71
C SER A 15 -7.70 -9.56 -12.04
N ARG A 16 -8.28 -8.50 -11.44
CA ARG A 16 -7.77 -7.13 -11.52
C ARG A 16 -6.35 -7.07 -10.94
N MET A 17 -6.20 -7.57 -9.70
CA MET A 17 -4.94 -7.49 -8.94
C MET A 17 -3.75 -8.03 -9.74
N GLU A 18 -3.94 -9.22 -10.34
CA GLU A 18 -2.92 -9.88 -11.21
C GLU A 18 -2.57 -9.00 -12.43
N MET A 19 -3.61 -8.50 -13.12
CA MET A 19 -3.44 -7.63 -14.30
C MET A 19 -2.73 -6.30 -13.93
N LEU A 20 -2.97 -5.80 -12.71
CA LEU A 20 -2.42 -4.53 -12.21
C LEU A 20 -0.96 -4.72 -11.71
N GLN A 21 -0.63 -5.97 -11.31
CA GLN A 21 0.75 -6.37 -10.93
C GLN A 21 1.69 -6.23 -12.12
N ARG A 22 1.20 -6.66 -13.30
CA ARG A 22 1.98 -6.57 -14.56
C ARG A 22 1.70 -5.23 -15.31
N GLU A 23 0.60 -4.53 -14.94
CA GLU A 23 0.25 -3.23 -15.55
C GLU A 23 1.20 -2.13 -15.05
N TYR A 24 1.11 -1.85 -13.73
CA TYR A 24 1.95 -0.87 -13.07
C TYR A 24 3.23 -1.56 -12.60
N SER A 25 3.15 -2.26 -11.44
CA SER A 25 4.31 -2.95 -10.82
C SER A 25 3.83 -3.88 -9.68
N THR A 26 4.78 -4.70 -9.23
CA THR A 26 4.70 -5.42 -7.95
C THR A 26 5.69 -4.77 -6.97
N LEU A 27 5.35 -4.76 -5.69
CA LEU A 27 6.24 -4.23 -4.63
C LEU A 27 7.26 -5.31 -4.26
N ARG A 28 8.57 -5.00 -4.40
CA ARG A 28 9.64 -5.97 -4.08
C ARG A 28 10.14 -5.78 -2.64
N SER A 29 10.35 -4.51 -2.24
CA SER A 29 11.04 -4.16 -0.99
C SER A 29 10.47 -2.86 -0.44
N VAL A 30 10.47 -2.74 0.89
CA VAL A 30 10.10 -1.53 1.62
C VAL A 30 11.18 -1.24 2.68
N GLN A 31 11.50 0.04 2.86
CA GLN A 31 12.54 0.51 3.77
C GLN A 31 12.11 1.86 4.38
N TYR A 32 12.14 1.95 5.71
CA TYR A 32 11.80 3.18 6.43
C TYR A 32 13.05 4.05 6.58
N ARG A 33 13.00 5.26 6.02
CA ARG A 33 14.04 6.28 6.16
C ARG A 33 13.70 7.21 7.35
N SER A 34 14.45 7.08 8.44
CA SER A 34 14.24 7.82 9.69
C SER A 34 14.58 9.31 9.53
N GLU A 35 15.74 9.63 8.90
CA GLU A 35 16.23 11.03 8.72
C GLU A 35 15.32 11.80 7.76
N GLU A 36 14.70 11.07 6.83
CA GLU A 36 13.74 11.62 5.87
C GLU A 36 12.32 11.68 6.46
N GLY A 37 12.07 10.80 7.46
CA GLY A 37 10.76 10.70 8.12
C GLY A 37 9.68 10.14 7.19
N VAL A 38 10.12 9.34 6.19
CA VAL A 38 9.24 8.76 5.16
C VAL A 38 9.49 7.24 5.04
N ILE A 39 8.45 6.54 4.61
CA ILE A 39 8.52 5.13 4.18
C ILE A 39 8.74 5.11 2.66
N VAL A 40 9.71 4.30 2.22
CA VAL A 40 10.07 4.16 0.80
C VAL A 40 9.69 2.76 0.29
N PHE A 41 8.76 2.73 -0.67
CA PHE A 41 8.22 1.50 -1.29
C PHE A 41 8.92 1.25 -2.63
N ILE A 42 9.97 0.42 -2.62
CA ILE A 42 10.74 0.09 -3.83
C ILE A 42 9.95 -0.91 -4.71
N LEU A 43 9.62 -0.48 -5.93
CA LEU A 43 8.92 -1.32 -6.93
C LEU A 43 9.90 -2.21 -7.70
N ALA A 44 9.32 -3.23 -8.38
CA ALA A 44 10.07 -4.21 -9.19
C ALA A 44 10.68 -3.55 -10.44
N ASN A 45 10.19 -2.35 -10.81
CA ASN A 45 10.73 -1.58 -11.95
C ASN A 45 11.77 -0.54 -11.46
N ASP A 46 12.17 -0.65 -10.17
CA ASP A 46 13.05 0.33 -9.48
C ASP A 46 12.39 1.72 -9.48
N ARG A 47 11.19 1.77 -8.89
CA ARG A 47 10.42 3.01 -8.71
C ARG A 47 10.01 3.14 -7.24
N GLU A 48 10.65 4.06 -6.52
CA GLU A 48 10.43 4.26 -5.08
C GLU A 48 9.24 5.20 -4.85
N LEU A 49 8.12 4.63 -4.37
CA LEU A 49 6.96 5.40 -3.90
C LEU A 49 7.26 5.92 -2.49
N LYS A 50 7.36 7.23 -2.38
CA LYS A 50 7.83 7.93 -1.17
C LYS A 50 6.64 8.59 -0.48
N PHE A 51 6.22 8.03 0.66
CA PHE A 51 5.09 8.55 1.46
C PHE A 51 5.44 8.54 2.94
N ARG A 52 4.75 9.39 3.72
CA ARG A 52 5.00 9.55 5.16
C ARG A 52 4.16 8.54 5.98
N PRO A 53 4.66 8.11 7.19
CA PRO A 53 3.86 7.26 8.12
C PRO A 53 2.51 7.91 8.51
N ASP A 54 2.59 9.19 8.92
CA ASP A 54 1.42 10.00 9.34
C ASP A 54 0.49 10.37 8.16
N ASP A 55 0.95 10.10 6.93
CA ASP A 55 0.12 10.25 5.72
C ASP A 55 -0.72 8.97 5.50
N LEU A 56 -0.07 7.80 5.66
CA LEU A 56 -0.64 6.49 5.31
C LEU A 56 -1.55 5.93 6.41
N GLN A 57 -2.52 5.11 5.98
CA GLN A 57 -3.48 4.43 6.87
C GLN A 57 -2.77 3.46 7.82
N ALA A 58 -1.91 2.60 7.23
CA ALA A 58 -1.21 1.51 7.96
C ALA A 58 -0.43 2.03 9.15
N THR A 59 0.15 3.20 8.97
CA THR A 59 1.24 3.71 9.81
C THR A 59 0.90 5.01 10.50
N TYR A 60 -0.40 5.35 10.51
CA TYR A 60 -0.89 6.54 11.19
C TYR A 60 -0.80 6.35 12.71
N GLY A 61 0.35 6.75 13.27
CA GLY A 61 0.66 6.54 14.69
C GLY A 61 1.31 5.18 14.97
N ALA A 62 2.07 4.65 14.00
CA ALA A 62 2.85 3.40 14.15
C ALA A 62 4.32 3.73 14.45
N THR A 63 4.96 2.87 15.26
CA THR A 63 6.35 3.06 15.69
C THR A 63 7.36 2.66 14.58
N PRO A 64 8.58 3.30 14.52
CA PRO A 64 9.58 3.06 13.45
C PRO A 64 10.11 1.61 13.41
N GLU A 65 10.07 0.91 14.56
CA GLU A 65 10.48 -0.51 14.66
C GLU A 65 9.46 -1.43 13.94
N GLN A 66 8.18 -1.04 13.97
CA GLN A 66 7.10 -1.78 13.28
C GLN A 66 7.09 -1.45 11.78
N LEU A 67 7.84 -0.39 11.40
CA LEU A 67 8.10 0.00 9.99
C LEU A 67 9.45 -0.60 9.55
N ARG A 68 9.90 -1.59 10.32
CA ARG A 68 10.96 -2.52 9.93
C ARG A 68 10.33 -3.92 9.79
N GLU A 69 9.29 -4.19 10.60
CA GLU A 69 8.54 -5.45 10.59
C GLU A 69 7.46 -5.40 9.50
N ILE A 70 7.92 -5.65 8.27
CA ILE A 70 7.14 -5.43 7.05
C ILE A 70 7.15 -6.70 6.17
N GLU A 71 6.00 -7.00 5.57
CA GLU A 71 5.85 -8.06 4.55
C GLU A 71 5.13 -7.45 3.32
N ILE A 72 5.30 -8.03 2.13
CA ILE A 72 4.57 -7.61 0.91
C ILE A 72 3.09 -8.08 1.00
N SER A 73 2.17 -7.38 0.28
CA SER A 73 0.71 -7.64 0.32
C SER A 73 0.37 -9.12 0.00
N PRO A 74 -0.79 -9.65 0.52
CA PRO A 74 -1.26 -11.03 0.21
C PRO A 74 -1.81 -11.18 -1.24
N SER A 75 -1.55 -10.18 -2.10
CA SER A 75 -1.74 -10.26 -3.56
C SER A 75 -0.37 -10.20 -4.28
N GLY A 76 0.55 -9.38 -3.72
CA GLY A 76 1.86 -9.11 -4.31
C GLY A 76 1.97 -7.70 -4.91
N LEU A 77 0.82 -6.99 -4.96
CA LEU A 77 0.75 -5.58 -5.40
C LEU A 77 1.46 -4.65 -4.40
N GLY A 78 0.77 -4.34 -3.28
CA GLY A 78 1.26 -3.35 -2.32
C GLY A 78 2.03 -3.99 -1.20
N VAL A 79 1.80 -3.51 0.01
CA VAL A 79 2.48 -4.02 1.20
C VAL A 79 1.42 -4.52 2.19
N TYR A 80 1.88 -5.26 3.18
CA TYR A 80 1.11 -5.68 4.34
C TYR A 80 2.05 -5.67 5.54
N PHE A 81 2.02 -4.59 6.32
CA PHE A 81 2.86 -4.45 7.51
C PHE A 81 2.41 -5.46 8.57
N GLU A 82 3.27 -6.46 8.77
CA GLU A 82 2.94 -7.73 9.42
C GLU A 82 2.54 -7.51 10.90
N THR A 83 3.37 -6.73 11.60
CA THR A 83 3.21 -6.41 13.03
C THR A 83 2.02 -5.45 13.26
N LEU A 84 1.71 -4.63 12.25
CA LEU A 84 0.54 -3.72 12.29
C LEU A 84 -0.74 -4.48 11.89
N GLU A 85 -0.54 -5.64 11.20
CA GLU A 85 -1.61 -6.41 10.53
C GLU A 85 -2.43 -5.51 9.58
N GLU A 86 -1.79 -4.44 9.07
CA GLU A 86 -2.44 -3.41 8.25
C GLU A 86 -1.64 -3.22 6.96
N ASP A 87 -2.33 -3.08 5.84
CA ASP A 87 -1.73 -2.98 4.50
C ASP A 87 -1.63 -1.52 4.03
N VAL A 88 -0.78 -1.30 3.02
CA VAL A 88 -0.75 -0.07 2.21
C VAL A 88 -0.89 -0.50 0.74
N SER A 89 -2.12 -0.39 0.20
CA SER A 89 -2.44 -0.76 -1.19
C SER A 89 -1.58 0.02 -2.19
N LEU A 90 -0.88 -0.71 -3.07
CA LEU A 90 -0.05 -0.09 -4.12
C LEU A 90 -0.92 0.73 -5.05
N ILE A 91 -2.02 0.11 -5.51
CA ILE A 91 -2.97 0.72 -6.44
C ILE A 91 -3.57 1.97 -5.80
N GLY A 92 -3.90 1.86 -4.49
CA GLY A 92 -4.37 3.00 -3.70
C GLY A 92 -3.43 4.21 -3.82
N LEU A 93 -2.11 3.97 -3.64
CA LEU A 93 -1.05 5.00 -3.76
C LEU A 93 -1.01 5.60 -5.18
N LEU A 94 -1.20 4.71 -6.17
CA LEU A 94 -1.18 5.07 -7.61
C LEU A 94 -2.49 5.81 -8.03
N GLU A 95 -3.54 5.67 -7.20
CA GLU A 95 -4.82 6.41 -7.37
C GLU A 95 -4.81 7.74 -6.59
N GLY A 96 -3.80 7.93 -5.70
CA GLY A 96 -3.69 9.14 -4.87
C GLY A 96 -4.20 8.94 -3.44
N ARG A 97 -4.78 7.74 -3.19
CA ARG A 97 -5.25 7.33 -1.85
C ARG A 97 -4.05 6.84 -1.01
N ARG A 98 -4.08 7.14 0.29
CA ARG A 98 -3.05 6.66 1.26
C ARG A 98 -3.59 5.48 2.08
N GLY A 99 -4.84 5.09 1.77
CA GLY A 99 -5.52 3.99 2.41
C GLY A 99 -6.94 3.86 1.89
N SER A 100 -7.81 3.24 2.69
CA SER A 100 -9.24 3.12 2.39
C SER A 100 -9.90 4.51 2.44
N ALA A 101 -10.89 4.73 1.54
CA ALA A 101 -11.60 6.02 1.41
C ALA A 101 -12.32 6.40 2.71
N LYS A 102 -12.80 5.37 3.46
CA LYS A 102 -13.43 5.54 4.78
C LYS A 102 -12.46 6.22 5.77
N TRP A 103 -11.18 5.75 5.75
CA TRP A 103 -10.14 6.24 6.68
C TRP A 103 -9.85 7.72 6.41
N MET A 104 -9.78 8.10 5.13
CA MET A 104 -9.49 9.49 4.72
C MET A 104 -10.69 10.42 5.02
N ALA A 105 -11.91 9.85 5.06
CA ALA A 105 -13.15 10.62 5.27
C ALA A 105 -13.38 10.91 6.77
N GLU A 106 -12.97 9.97 7.63
CA GLU A 106 -13.21 10.03 9.09
C GLU A 106 -11.96 10.54 9.84
N HIS A 107 -10.78 10.17 9.29
CA HIS A 107 -9.45 10.57 9.82
C HIS A 107 -8.71 11.31 8.70
N PRO A 108 -9.02 12.62 8.45
CA PRO A 108 -8.34 13.40 7.39
C PRO A 108 -6.90 13.75 7.76
N LEU A 109 -6.09 13.99 6.74
CA LEU A 109 -4.70 14.44 6.90
C LEU A 109 -4.72 15.92 7.30
N ALA A 110 -3.84 16.32 8.25
CA ALA A 110 -3.73 17.72 8.71
C ALA A 110 -3.16 18.62 7.60
N SER A 111 -4.07 19.00 6.68
CA SER A 111 -3.78 19.80 5.49
C SER A 111 -5.13 20.04 4.75
N MET A 3 -22.54 -1.79 -8.57
CA MET A 3 -21.81 -0.80 -7.74
C MET A 3 -20.95 -1.55 -6.70
N GLU A 4 -19.80 -2.09 -7.19
CA GLU A 4 -18.81 -2.94 -6.44
C GLU A 4 -19.34 -4.35 -6.04
N VAL A 5 -20.60 -4.41 -5.56
CA VAL A 5 -21.23 -5.63 -5.05
C VAL A 5 -21.56 -6.58 -6.21
N SER A 6 -20.68 -7.57 -6.41
CA SER A 6 -20.81 -8.60 -7.45
C SER A 6 -20.66 -9.99 -6.83
N ALA A 7 -21.08 -11.02 -7.58
CA ALA A 7 -20.94 -12.42 -7.18
C ALA A 7 -19.48 -12.87 -7.38
N ASN A 8 -18.89 -13.55 -6.37
CA ASN A 8 -17.44 -13.95 -6.39
C ASN A 8 -17.09 -14.95 -7.52
N GLU A 9 -18.11 -15.43 -8.25
CA GLU A 9 -17.95 -16.30 -9.43
C GLU A 9 -17.02 -15.66 -10.49
N LEU A 10 -17.11 -14.33 -10.65
CA LEU A 10 -16.33 -13.57 -11.65
C LEU A 10 -14.91 -13.23 -11.15
N GLU A 11 -14.69 -13.40 -9.83
CA GLU A 11 -13.38 -13.25 -9.12
C GLU A 11 -12.65 -11.94 -9.48
N ALA A 12 -13.44 -10.89 -9.81
CA ALA A 12 -12.95 -9.64 -10.41
C ALA A 12 -11.96 -8.90 -9.51
N ALA A 13 -12.02 -9.14 -8.19
CA ALA A 13 -11.04 -8.58 -7.24
C ALA A 13 -9.64 -9.17 -7.48
N SER A 14 -9.57 -10.52 -7.56
CA SER A 14 -8.31 -11.27 -7.77
C SER A 14 -7.75 -11.01 -9.18
N SER A 15 -8.61 -11.21 -10.19
CA SER A 15 -8.22 -11.13 -11.61
C SER A 15 -7.72 -9.73 -11.98
N ARG A 16 -8.44 -8.69 -11.51
CA ARG A 16 -8.04 -7.27 -11.70
C ARG A 16 -6.64 -7.02 -11.13
N MET A 17 -6.42 -7.47 -9.86
CA MET A 17 -5.15 -7.26 -9.15
C MET A 17 -3.96 -7.91 -9.88
N GLU A 18 -4.20 -9.10 -10.46
CA GLU A 18 -3.18 -9.85 -11.23
C GLU A 18 -2.85 -9.15 -12.56
N MET A 19 -3.89 -8.57 -13.18
CA MET A 19 -3.72 -7.72 -14.38
C MET A 19 -2.91 -6.46 -14.02
N LEU A 20 -3.17 -5.89 -12.83
CA LEU A 20 -2.48 -4.67 -12.32
C LEU A 20 -1.00 -4.94 -12.01
N GLN A 21 -0.69 -6.20 -11.61
CA GLN A 21 0.69 -6.67 -11.37
C GLN A 21 1.52 -6.59 -12.65
N ARG A 22 0.94 -7.09 -13.75
CA ARG A 22 1.60 -7.12 -15.08
C ARG A 22 1.32 -5.82 -15.90
N GLU A 23 0.38 -4.98 -15.41
CA GLU A 23 0.03 -3.69 -16.04
C GLU A 23 1.05 -2.62 -15.62
N TYR A 24 0.99 -2.22 -14.33
CA TYR A 24 1.85 -1.17 -13.78
C TYR A 24 3.14 -1.80 -13.25
N SER A 25 3.12 -2.24 -11.98
CA SER A 25 4.29 -2.77 -11.28
C SER A 25 3.85 -3.57 -10.06
N THR A 26 4.76 -4.42 -9.57
CA THR A 26 4.64 -5.07 -8.26
C THR A 26 5.65 -4.40 -7.31
N LEU A 27 5.43 -4.56 -6.00
CA LEU A 27 6.34 -4.02 -4.97
C LEU A 27 7.37 -5.10 -4.61
N ARG A 28 8.68 -4.77 -4.70
CA ARG A 28 9.77 -5.74 -4.40
C ARG A 28 10.21 -5.63 -2.93
N SER A 29 10.34 -4.39 -2.43
CA SER A 29 10.92 -4.09 -1.11
C SER A 29 10.32 -2.80 -0.56
N VAL A 30 10.39 -2.64 0.76
CA VAL A 30 10.00 -1.41 1.46
C VAL A 30 11.05 -1.11 2.53
N GLN A 31 11.71 0.03 2.41
CA GLN A 31 12.69 0.52 3.39
C GLN A 31 12.14 1.79 4.04
N TYR A 32 12.08 1.81 5.36
CA TYR A 32 11.74 3.02 6.11
C TYR A 32 13.01 3.87 6.28
N ARG A 33 13.06 5.03 5.62
CA ARG A 33 14.15 5.99 5.76
C ARG A 33 13.89 6.84 7.02
N SER A 34 14.68 6.60 8.08
CA SER A 34 14.55 7.32 9.37
C SER A 34 15.16 8.73 9.28
N GLU A 35 16.13 8.89 8.37
CA GLU A 35 16.77 10.20 8.08
C GLU A 35 15.76 11.15 7.40
N GLU A 36 14.88 10.57 6.57
CA GLU A 36 13.84 11.32 5.86
C GLU A 36 12.50 11.27 6.61
N GLY A 37 12.38 10.31 7.56
CA GLY A 37 11.14 10.10 8.33
C GLY A 37 9.99 9.53 7.49
N VAL A 38 10.32 8.96 6.31
CA VAL A 38 9.33 8.48 5.33
C VAL A 38 9.42 6.96 5.13
N ILE A 39 8.32 6.35 4.71
CA ILE A 39 8.27 4.95 4.30
C ILE A 39 8.42 4.91 2.77
N VAL A 40 9.54 4.34 2.32
CA VAL A 40 9.84 4.18 0.90
C VAL A 40 9.42 2.78 0.41
N PHE A 41 8.59 2.76 -0.62
CA PHE A 41 8.08 1.55 -1.26
C PHE A 41 8.83 1.35 -2.59
N ILE A 42 9.89 0.54 -2.56
CA ILE A 42 10.72 0.26 -3.74
C ILE A 42 9.99 -0.72 -4.67
N LEU A 43 9.59 -0.22 -5.85
CA LEU A 43 8.95 -1.02 -6.91
C LEU A 43 9.93 -2.03 -7.52
N ALA A 44 9.38 -2.97 -8.30
CA ALA A 44 10.18 -3.95 -9.05
C ALA A 44 11.12 -3.24 -10.07
N ASN A 45 10.66 -2.08 -10.57
CA ASN A 45 11.46 -1.19 -11.47
C ASN A 45 12.34 -0.20 -10.65
N ASP A 46 12.46 -0.49 -9.33
CA ASP A 46 13.35 0.22 -8.37
C ASP A 46 12.91 1.68 -8.11
N ARG A 47 11.64 1.99 -8.38
CA ARG A 47 11.08 3.33 -8.13
C ARG A 47 10.69 3.45 -6.64
N GLU A 48 11.32 4.41 -5.94
CA GLU A 48 11.03 4.71 -4.55
C GLU A 48 9.74 5.56 -4.42
N LEU A 49 8.63 4.92 -3.99
CA LEU A 49 7.38 5.62 -3.63
C LEU A 49 7.48 6.13 -2.18
N LYS A 50 7.52 7.44 -2.03
CA LYS A 50 7.85 8.11 -0.77
C LYS A 50 6.58 8.66 -0.10
N PHE A 51 6.10 7.96 0.93
CA PHE A 51 4.89 8.32 1.68
C PHE A 51 5.18 8.17 3.19
N ARG A 52 4.80 9.17 3.99
CA ARG A 52 5.06 9.19 5.45
C ARG A 52 4.12 8.21 6.21
N PRO A 53 4.49 7.78 7.46
CA PRO A 53 3.61 6.99 8.34
C PRO A 53 2.19 7.59 8.49
N ASP A 54 2.11 8.83 8.95
CA ASP A 54 0.82 9.50 9.26
C ASP A 54 0.17 10.08 7.99
N ASP A 55 0.82 9.83 6.84
CA ASP A 55 0.29 10.15 5.51
C ASP A 55 -0.53 8.95 4.97
N LEU A 56 -0.33 7.76 5.57
CA LEU A 56 -0.98 6.49 5.15
C LEU A 56 -1.89 5.96 6.26
N GLN A 57 -2.82 5.05 5.86
CA GLN A 57 -3.78 4.42 6.78
C GLN A 57 -3.09 3.41 7.70
N ALA A 58 -2.33 2.48 7.07
CA ALA A 58 -1.63 1.37 7.77
C ALA A 58 -0.89 1.87 8.99
N THR A 59 -0.16 2.96 8.77
CA THR A 59 0.87 3.46 9.67
C THR A 59 0.50 4.81 10.31
N TYR A 60 -0.80 5.12 10.34
CA TYR A 60 -1.30 6.36 10.93
C TYR A 60 -1.11 6.33 12.46
N GLY A 61 0.06 6.82 12.90
CA GLY A 61 0.48 6.72 14.31
C GLY A 61 1.18 5.41 14.64
N ALA A 62 1.88 4.82 13.65
CA ALA A 62 2.73 3.62 13.87
C ALA A 62 4.20 4.03 14.02
N THR A 63 4.89 3.42 14.99
CA THR A 63 6.28 3.71 15.34
C THR A 63 7.26 3.05 14.32
N PRO A 64 8.49 3.64 14.11
CA PRO A 64 9.51 3.10 13.15
C PRO A 64 9.96 1.65 13.45
N GLU A 65 9.76 1.18 14.70
CA GLU A 65 10.07 -0.23 15.09
C GLU A 65 9.11 -1.22 14.40
N GLN A 66 7.89 -0.75 14.15
CA GLN A 66 6.83 -1.52 13.46
C GLN A 66 7.06 -1.53 11.93
N LEU A 67 7.85 -0.55 11.47
CA LEU A 67 8.19 -0.31 10.05
C LEU A 67 9.59 -0.89 9.75
N ARG A 68 10.03 -1.85 10.59
CA ARG A 68 11.22 -2.66 10.34
C ARG A 68 10.79 -3.98 9.69
N GLU A 69 9.94 -4.73 10.41
CA GLU A 69 9.44 -6.04 9.97
C GLU A 69 8.24 -5.86 9.04
N ILE A 70 8.58 -5.71 7.77
CA ILE A 70 7.65 -5.46 6.67
C ILE A 70 7.69 -6.65 5.68
N GLU A 71 6.53 -6.98 5.10
CA GLU A 71 6.39 -8.01 4.06
C GLU A 71 5.53 -7.42 2.92
N ILE A 72 5.65 -7.96 1.69
CA ILE A 72 4.81 -7.55 0.54
C ILE A 72 3.37 -8.09 0.72
N SER A 73 2.37 -7.39 0.14
CA SER A 73 0.93 -7.71 0.29
C SER A 73 0.60 -9.17 -0.10
N PRO A 74 -0.49 -9.77 0.49
CA PRO A 74 -0.99 -11.11 0.06
C PRO A 74 -1.60 -11.07 -1.37
N SER A 75 -1.88 -9.83 -1.85
CA SER A 75 -2.31 -9.56 -3.23
C SER A 75 -1.09 -9.48 -4.19
N GLY A 76 0.10 -9.21 -3.61
CA GLY A 76 1.37 -9.09 -4.37
C GLY A 76 1.52 -7.77 -5.12
N LEU A 77 0.60 -6.83 -4.88
CA LEU A 77 0.66 -5.48 -5.43
C LEU A 77 1.47 -4.59 -4.48
N GLY A 78 0.85 -4.27 -3.32
CA GLY A 78 1.41 -3.32 -2.36
C GLY A 78 2.17 -3.99 -1.27
N VAL A 79 1.81 -3.67 -0.02
CA VAL A 79 2.55 -4.14 1.15
C VAL A 79 1.58 -4.68 2.21
N TYR A 80 2.12 -5.45 3.14
CA TYR A 80 1.46 -5.88 4.38
C TYR A 80 2.47 -5.76 5.52
N PHE A 81 2.30 -4.75 6.38
CA PHE A 81 3.16 -4.53 7.54
C PHE A 81 2.74 -5.47 8.68
N GLU A 82 3.69 -6.30 9.12
CA GLU A 82 3.45 -7.46 9.98
C GLU A 82 3.04 -7.06 11.41
N THR A 83 3.77 -6.10 12.00
CA THR A 83 3.62 -5.70 13.42
C THR A 83 2.20 -5.17 13.71
N LEU A 84 1.73 -4.37 12.76
CA LEU A 84 0.47 -3.62 12.85
C LEU A 84 -0.67 -4.34 12.09
N GLU A 85 -0.29 -5.40 11.35
CA GLU A 85 -1.22 -6.26 10.57
C GLU A 85 -2.06 -5.43 9.57
N GLU A 86 -1.46 -4.38 9.04
CA GLU A 86 -2.13 -3.42 8.15
C GLU A 86 -1.39 -3.31 6.82
N ASP A 87 -2.17 -3.25 5.73
CA ASP A 87 -1.64 -3.21 4.36
C ASP A 87 -1.59 -1.76 3.85
N VAL A 88 -0.71 -1.50 2.89
CA VAL A 88 -0.71 -0.28 2.08
C VAL A 88 -0.79 -0.70 0.61
N SER A 89 -1.99 -0.60 0.01
CA SER A 89 -2.22 -0.96 -1.40
C SER A 89 -1.37 -0.09 -2.34
N LEU A 90 -0.66 -0.75 -3.28
CA LEU A 90 0.21 -0.07 -4.26
C LEU A 90 -0.63 0.82 -5.18
N ILE A 91 -1.81 0.31 -5.54
CA ILE A 91 -2.80 1.04 -6.36
C ILE A 91 -3.25 2.29 -5.60
N GLY A 92 -3.40 2.14 -4.27
CA GLY A 92 -3.73 3.26 -3.39
C GLY A 92 -2.65 4.34 -3.33
N LEU A 93 -1.38 3.93 -3.51
CA LEU A 93 -0.23 4.86 -3.56
C LEU A 93 -0.24 5.65 -4.89
N LEU A 94 -0.46 4.91 -6.00
CA LEU A 94 -0.48 5.46 -7.37
C LEU A 94 -1.70 6.37 -7.61
N GLU A 95 -2.83 6.06 -6.96
CA GLU A 95 -4.10 6.81 -7.15
C GLU A 95 -4.32 7.86 -6.04
N GLY A 96 -3.52 7.78 -4.97
CA GLY A 96 -3.68 8.68 -3.82
C GLY A 96 -4.77 8.24 -2.84
N ARG A 97 -5.26 6.99 -3.02
CA ARG A 97 -6.17 6.33 -2.06
C ARG A 97 -5.33 5.84 -0.87
N ARG A 98 -4.96 6.78 0.01
CA ARG A 98 -4.01 6.55 1.12
C ARG A 98 -4.55 5.57 2.17
N GLY A 99 -5.84 5.26 2.08
CA GLY A 99 -6.46 4.23 2.90
C GLY A 99 -7.85 3.90 2.41
N SER A 100 -8.75 3.64 3.36
CA SER A 100 -10.17 3.41 3.09
C SER A 100 -10.87 4.74 2.82
N ALA A 101 -11.98 4.70 2.05
CA ALA A 101 -12.79 5.90 1.73
C ALA A 101 -13.26 6.60 3.01
N LYS A 102 -13.75 5.79 3.96
CA LYS A 102 -14.20 6.24 5.28
C LYS A 102 -13.03 6.83 6.09
N TRP A 103 -11.86 6.14 6.09
CA TRP A 103 -10.67 6.62 6.81
C TRP A 103 -10.26 8.03 6.32
N MET A 104 -10.20 8.21 5.00
CA MET A 104 -9.77 9.46 4.37
C MET A 104 -10.81 10.59 4.56
N ALA A 105 -12.09 10.21 4.80
CA ALA A 105 -13.18 11.19 5.03
C ALA A 105 -13.25 11.62 6.50
N GLU A 106 -13.05 10.66 7.42
CA GLU A 106 -13.30 10.85 8.88
C GLU A 106 -12.01 11.12 9.66
N HIS A 107 -10.87 10.95 8.98
CA HIS A 107 -9.53 11.22 9.52
C HIS A 107 -8.82 12.10 8.49
N PRO A 108 -9.05 13.45 8.54
CA PRO A 108 -8.38 14.42 7.65
C PRO A 108 -6.84 14.26 7.68
N LEU A 109 -6.23 14.28 6.49
CA LEU A 109 -4.78 14.09 6.32
C LEU A 109 -4.00 15.27 6.97
N ALA A 110 -2.74 15.00 7.38
CA ALA A 110 -1.81 16.03 7.86
C ALA A 110 -1.43 16.99 6.71
N SER A 111 -2.34 17.92 6.41
CA SER A 111 -2.26 18.83 5.26
C SER A 111 -2.98 20.15 5.60
N MET A 3 -19.81 -12.03 -24.70
CA MET A 3 -20.07 -10.68 -24.18
C MET A 3 -19.93 -10.68 -22.65
N GLU A 4 -18.89 -9.99 -22.16
CA GLU A 4 -18.49 -9.96 -20.74
C GLU A 4 -19.54 -9.21 -19.88
N VAL A 5 -19.81 -9.77 -18.68
CA VAL A 5 -20.75 -9.20 -17.70
C VAL A 5 -20.12 -9.28 -16.29
N SER A 6 -20.24 -8.19 -15.50
CA SER A 6 -19.72 -8.13 -14.12
C SER A 6 -20.46 -9.16 -13.24
N ALA A 7 -19.80 -10.32 -13.04
CA ALA A 7 -20.34 -11.44 -12.26
C ALA A 7 -19.21 -12.08 -11.42
N ASN A 8 -19.60 -12.82 -10.37
CA ASN A 8 -18.64 -13.53 -9.48
C ASN A 8 -17.86 -14.62 -10.27
N GLU A 9 -18.57 -15.25 -11.22
CA GLU A 9 -18.04 -16.32 -12.08
C GLU A 9 -17.08 -15.76 -13.14
N LEU A 10 -17.21 -14.46 -13.42
CA LEU A 10 -16.36 -13.77 -14.40
C LEU A 10 -14.95 -13.54 -13.80
N GLU A 11 -14.86 -13.59 -12.43
CA GLU A 11 -13.61 -13.40 -11.63
C GLU A 11 -12.79 -12.16 -12.08
N ALA A 12 -13.50 -11.13 -12.58
CA ALA A 12 -12.90 -9.92 -13.18
C ALA A 12 -12.04 -9.14 -12.16
N ALA A 13 -12.38 -9.27 -10.87
CA ALA A 13 -11.62 -8.65 -9.76
C ALA A 13 -10.24 -9.33 -9.57
N SER A 14 -10.24 -10.68 -9.57
CA SER A 14 -9.02 -11.50 -9.43
C SER A 14 -8.09 -11.29 -10.65
N SER A 15 -8.72 -11.26 -11.84
CA SER A 15 -8.05 -11.06 -13.13
C SER A 15 -7.56 -9.60 -13.26
N ARG A 16 -8.25 -8.66 -12.57
CA ARG A 16 -7.84 -7.24 -12.52
C ARG A 16 -6.52 -7.12 -11.74
N MET A 17 -6.43 -7.79 -10.58
CA MET A 17 -5.20 -7.83 -9.75
C MET A 17 -3.99 -8.37 -10.55
N GLU A 18 -4.25 -9.35 -11.42
CA GLU A 18 -3.24 -9.86 -12.39
C GLU A 18 -2.81 -8.72 -13.34
N MET A 19 -3.80 -8.03 -13.91
CA MET A 19 -3.59 -6.92 -14.87
C MET A 19 -2.86 -5.74 -14.21
N LEU A 20 -3.07 -5.54 -12.90
CA LEU A 20 -2.49 -4.44 -12.12
C LEU A 20 -0.99 -4.68 -11.84
N GLN A 21 -0.63 -5.97 -11.69
CA GLN A 21 0.79 -6.41 -11.53
C GLN A 21 1.59 -6.12 -12.80
N ARG A 22 1.05 -6.58 -13.95
CA ARG A 22 1.69 -6.44 -15.27
C ARG A 22 1.50 -5.03 -15.87
N GLU A 23 0.58 -4.23 -15.27
CA GLU A 23 0.37 -2.82 -15.67
C GLU A 23 1.47 -1.94 -15.04
N TYR A 24 1.49 -1.93 -13.70
CA TYR A 24 2.38 -1.07 -12.90
C TYR A 24 3.61 -1.89 -12.48
N SER A 25 3.46 -2.64 -11.36
CA SER A 25 4.52 -3.42 -10.71
C SER A 25 3.94 -4.20 -9.51
N THR A 26 4.75 -5.13 -9.01
CA THR A 26 4.60 -5.72 -7.69
C THR A 26 5.66 -5.09 -6.77
N LEU A 27 5.35 -4.94 -5.48
CA LEU A 27 6.29 -4.37 -4.49
C LEU A 27 7.38 -5.41 -4.14
N ARG A 28 8.66 -5.05 -4.33
CA ARG A 28 9.80 -5.98 -4.07
C ARG A 28 10.43 -5.73 -2.69
N SER A 29 10.51 -4.45 -2.29
CA SER A 29 11.20 -4.02 -1.05
C SER A 29 10.54 -2.76 -0.47
N VAL A 30 10.69 -2.59 0.86
CA VAL A 30 10.26 -1.39 1.60
C VAL A 30 11.38 -0.99 2.58
N GLN A 31 11.67 0.31 2.64
CA GLN A 31 12.66 0.87 3.56
C GLN A 31 12.08 2.16 4.18
N TYR A 32 12.00 2.19 5.51
CA TYR A 32 11.67 3.41 6.24
C TYR A 32 12.94 4.27 6.32
N ARG A 33 12.94 5.41 5.63
CA ARG A 33 14.06 6.37 5.65
C ARG A 33 13.80 7.41 6.77
N SER A 34 14.53 7.25 7.89
CA SER A 34 14.44 8.14 9.07
C SER A 34 14.93 9.55 8.75
N GLU A 35 15.90 9.65 7.80
CA GLU A 35 16.46 10.94 7.34
C GLU A 35 15.39 11.86 6.73
N GLU A 36 14.32 11.25 6.20
CA GLU A 36 13.17 11.96 5.62
C GLU A 36 11.92 11.84 6.52
N GLY A 37 11.91 10.79 7.36
CA GLY A 37 10.76 10.47 8.22
C GLY A 37 9.59 9.86 7.44
N VAL A 38 9.90 9.24 6.29
CA VAL A 38 8.90 8.66 5.36
C VAL A 38 9.15 7.16 5.16
N ILE A 39 8.09 6.44 4.79
CA ILE A 39 8.16 5.05 4.35
C ILE A 39 8.27 5.04 2.81
N VAL A 40 9.35 4.43 2.32
CA VAL A 40 9.68 4.34 0.89
C VAL A 40 9.40 2.92 0.38
N PHE A 41 8.63 2.83 -0.72
CA PHE A 41 8.14 1.57 -1.29
C PHE A 41 8.82 1.29 -2.65
N ILE A 42 9.86 0.44 -2.64
CA ILE A 42 10.63 0.09 -3.85
C ILE A 42 9.86 -0.94 -4.71
N LEU A 43 9.50 -0.52 -5.93
CA LEU A 43 8.72 -1.33 -6.89
C LEU A 43 9.61 -2.35 -7.64
N ALA A 44 8.95 -3.25 -8.38
CA ALA A 44 9.64 -4.25 -9.24
C ALA A 44 10.35 -3.56 -10.43
N ASN A 45 9.83 -2.40 -10.85
CA ASN A 45 10.49 -1.52 -11.86
C ASN A 45 11.55 -0.61 -11.18
N ASP A 46 11.58 -0.66 -9.84
CA ASP A 46 12.44 0.16 -8.97
C ASP A 46 12.05 1.64 -8.99
N ARG A 47 10.75 1.87 -8.75
CA ARG A 47 10.22 3.20 -8.42
C ARG A 47 9.95 3.25 -6.91
N GLU A 48 10.46 4.31 -6.24
CA GLU A 48 10.32 4.49 -4.80
C GLU A 48 9.11 5.40 -4.50
N LEU A 49 7.99 4.80 -4.04
CA LEU A 49 6.79 5.55 -3.61
C LEU A 49 7.02 6.08 -2.18
N LYS A 50 6.91 7.40 -2.04
CA LYS A 50 7.39 8.13 -0.87
C LYS A 50 6.20 8.80 -0.16
N PHE A 51 5.76 8.17 0.94
CA PHE A 51 4.63 8.64 1.78
C PHE A 51 5.05 8.58 3.26
N ARG A 52 4.55 9.53 4.07
CA ARG A 52 4.81 9.53 5.52
C ARG A 52 3.94 8.45 6.20
N PRO A 53 4.37 7.89 7.37
CA PRO A 53 3.50 7.08 8.24
C PRO A 53 2.08 7.68 8.49
N ASP A 54 2.00 9.02 8.68
CA ASP A 54 0.71 9.74 8.93
C ASP A 54 -0.24 9.69 7.71
N ASP A 55 0.35 9.59 6.50
CA ASP A 55 -0.40 9.39 5.25
C ASP A 55 -1.22 8.08 5.33
N LEU A 56 -0.51 7.01 5.72
CA LEU A 56 -0.96 5.63 5.55
C LEU A 56 -1.82 5.16 6.72
N GLN A 57 -2.83 4.33 6.40
CA GLN A 57 -3.76 3.72 7.38
C GLN A 57 -2.99 2.80 8.34
N ALA A 58 -2.06 2.00 7.75
CA ALA A 58 -1.22 1.02 8.49
C ALA A 58 -0.47 1.68 9.65
N THR A 59 0.10 2.84 9.36
CA THR A 59 1.19 3.42 10.16
C THR A 59 0.85 4.79 10.76
N TYR A 60 -0.44 5.09 10.83
CA TYR A 60 -0.93 6.35 11.39
C TYR A 60 -0.66 6.39 12.92
N GLY A 61 0.52 6.89 13.29
CA GLY A 61 0.99 6.92 14.68
C GLY A 61 1.81 5.70 15.10
N ALA A 62 2.31 4.93 14.12
CA ALA A 62 3.17 3.75 14.38
C ALA A 62 4.65 4.18 14.53
N THR A 63 5.41 3.43 15.35
CA THR A 63 6.83 3.72 15.63
C THR A 63 7.76 3.07 14.57
N PRO A 64 8.93 3.73 14.23
CA PRO A 64 9.89 3.23 13.19
C PRO A 64 10.40 1.80 13.43
N GLU A 65 10.40 1.34 14.70
CA GLU A 65 10.81 -0.03 15.07
C GLU A 65 9.87 -1.09 14.43
N GLN A 66 8.59 -0.70 14.25
CA GLN A 66 7.56 -1.56 13.62
C GLN A 66 7.66 -1.52 12.08
N LEU A 67 8.34 -0.47 11.58
CA LEU A 67 8.48 -0.17 10.12
C LEU A 67 9.85 -0.64 9.60
N ARG A 68 10.55 -1.45 10.41
CA ARG A 68 11.73 -2.25 9.99
C ARG A 68 11.22 -3.63 9.55
N GLU A 69 10.44 -4.21 10.46
CA GLU A 69 9.88 -5.56 10.37
C GLU A 69 8.58 -5.51 9.56
N ILE A 70 8.73 -5.79 8.25
CA ILE A 70 7.72 -5.60 7.22
C ILE A 70 7.66 -6.87 6.31
N GLU A 71 6.48 -7.13 5.72
CA GLU A 71 6.29 -8.18 4.70
C GLU A 71 5.54 -7.56 3.50
N ILE A 72 5.68 -8.13 2.28
CA ILE A 72 4.90 -7.70 1.10
C ILE A 72 3.45 -8.24 1.22
N SER A 73 2.47 -7.56 0.56
CA SER A 73 1.03 -7.87 0.67
C SER A 73 0.71 -9.36 0.30
N PRO A 74 -0.45 -9.92 0.81
CA PRO A 74 -0.91 -11.26 0.40
C PRO A 74 -1.40 -11.29 -1.08
N SER A 75 -1.57 -10.09 -1.68
CA SER A 75 -1.88 -9.93 -3.11
C SER A 75 -0.57 -9.78 -3.94
N GLY A 76 0.54 -9.44 -3.26
CA GLY A 76 1.85 -9.22 -3.90
C GLY A 76 2.01 -7.81 -4.51
N LEU A 77 0.87 -7.08 -4.63
CA LEU A 77 0.83 -5.71 -5.15
C LEU A 77 1.52 -4.75 -4.17
N GLY A 78 0.86 -4.50 -3.02
CA GLY A 78 1.35 -3.52 -2.03
C GLY A 78 2.17 -4.15 -0.95
N VAL A 79 1.94 -3.71 0.29
CA VAL A 79 2.66 -4.20 1.46
C VAL A 79 1.68 -4.75 2.48
N TYR A 80 2.20 -5.51 3.45
CA TYR A 80 1.46 -5.96 4.63
C TYR A 80 2.40 -5.89 5.84
N PHE A 81 2.24 -4.86 6.67
CA PHE A 81 2.98 -4.74 7.93
C PHE A 81 2.35 -5.69 8.94
N GLU A 82 2.96 -6.86 9.04
CA GLU A 82 2.50 -7.98 9.88
C GLU A 82 2.54 -7.60 11.38
N THR A 83 3.52 -6.75 11.72
CA THR A 83 3.68 -6.16 13.06
C THR A 83 2.42 -5.35 13.48
N LEU A 84 1.81 -4.68 12.48
CA LEU A 84 0.64 -3.81 12.69
C LEU A 84 -0.67 -4.55 12.35
N GLU A 85 -0.52 -5.75 11.72
CA GLU A 85 -1.63 -6.56 11.19
C GLU A 85 -2.43 -5.77 10.12
N GLU A 86 -1.75 -4.81 9.46
CA GLU A 86 -2.39 -3.88 8.52
C GLU A 86 -1.54 -3.74 7.24
N ASP A 87 -2.21 -3.49 6.12
CA ASP A 87 -1.57 -3.39 4.80
C ASP A 87 -1.58 -1.93 4.29
N VAL A 88 -0.68 -1.65 3.33
CA VAL A 88 -0.68 -0.40 2.55
C VAL A 88 -0.78 -0.78 1.06
N SER A 89 -1.99 -0.63 0.48
CA SER A 89 -2.30 -1.05 -0.89
C SER A 89 -1.51 -0.24 -1.92
N LEU A 90 -0.82 -0.94 -2.84
CA LEU A 90 0.01 -0.31 -3.89
C LEU A 90 -0.85 0.51 -4.84
N ILE A 91 -1.90 -0.15 -5.34
CA ILE A 91 -2.88 0.43 -6.28
C ILE A 91 -3.51 1.65 -5.64
N GLY A 92 -3.75 1.55 -4.33
CA GLY A 92 -4.20 2.66 -3.53
C GLY A 92 -3.24 3.85 -3.61
N LEU A 93 -1.94 3.61 -3.38
CA LEU A 93 -0.89 4.66 -3.42
C LEU A 93 -0.82 5.34 -4.81
N LEU A 94 -1.09 4.54 -5.86
CA LEU A 94 -1.10 5.00 -7.26
C LEU A 94 -2.37 5.84 -7.57
N GLU A 95 -3.47 5.55 -6.84
CA GLU A 95 -4.73 6.33 -6.90
C GLU A 95 -4.64 7.58 -5.99
N GLY A 96 -3.75 7.52 -4.98
CA GLY A 96 -3.70 8.51 -3.90
C GLY A 96 -4.40 8.02 -2.61
N ARG A 97 -5.10 6.88 -2.74
CA ARG A 97 -5.82 6.19 -1.65
C ARG A 97 -4.81 5.64 -0.61
N ARG A 98 -4.70 6.32 0.52
CA ARG A 98 -3.75 5.98 1.61
C ARG A 98 -4.38 5.01 2.64
N GLY A 99 -5.72 4.93 2.63
CA GLY A 99 -6.46 4.02 3.50
C GLY A 99 -7.87 3.84 2.98
N SER A 100 -8.85 3.72 3.89
CA SER A 100 -10.27 3.79 3.51
C SER A 100 -10.58 5.23 3.04
N ALA A 101 -11.39 5.38 1.98
CA ALA A 101 -11.84 6.70 1.48
C ALA A 101 -12.59 7.46 2.61
N LYS A 102 -13.37 6.69 3.37
CA LYS A 102 -14.04 7.14 4.60
C LYS A 102 -12.99 7.68 5.61
N TRP A 103 -11.99 6.83 5.92
CA TRP A 103 -10.87 7.14 6.87
C TRP A 103 -10.14 8.45 6.48
N MET A 104 -9.90 8.64 5.17
CA MET A 104 -9.15 9.80 4.64
C MET A 104 -9.98 11.10 4.74
N ALA A 105 -11.31 10.97 4.76
CA ALA A 105 -12.23 12.11 4.95
C ALA A 105 -12.31 12.48 6.44
N GLU A 106 -12.21 11.45 7.31
CA GLU A 106 -12.29 11.59 8.78
C GLU A 106 -10.94 11.97 9.39
N HIS A 107 -9.86 11.70 8.63
CA HIS A 107 -8.49 12.05 9.02
C HIS A 107 -7.89 12.90 7.90
N PRO A 108 -8.23 14.25 7.87
CA PRO A 108 -7.66 15.18 6.89
C PRO A 108 -6.14 15.29 7.04
N LEU A 109 -5.43 14.99 5.95
CA LEU A 109 -3.96 14.93 5.94
C LEU A 109 -3.38 16.30 5.52
N ALA A 110 -2.14 16.60 5.98
CA ALA A 110 -1.35 17.73 5.47
C ALA A 110 -0.96 17.43 4.00
N SER A 111 -1.86 17.84 3.09
CA SER A 111 -1.77 17.56 1.65
C SER A 111 -2.18 18.84 0.89
N MET A 3 -19.61 -4.85 -19.30
CA MET A 3 -19.90 -6.30 -19.15
C MET A 3 -19.57 -6.75 -17.70
N GLU A 4 -20.47 -6.41 -16.75
CA GLU A 4 -20.28 -6.74 -15.32
C GLU A 4 -21.59 -7.27 -14.73
N VAL A 5 -21.48 -8.25 -13.83
CA VAL A 5 -22.58 -8.70 -12.96
C VAL A 5 -22.14 -8.49 -11.49
N SER A 6 -23.12 -8.35 -10.60
CA SER A 6 -22.88 -8.09 -9.16
C SER A 6 -22.43 -9.35 -8.40
N ALA A 7 -22.65 -10.52 -9.03
CA ALA A 7 -22.21 -11.81 -8.49
C ALA A 7 -20.68 -11.95 -8.61
N ASN A 8 -20.03 -12.24 -7.48
CA ASN A 8 -18.55 -12.34 -7.37
C ASN A 8 -18.01 -13.67 -7.92
N GLU A 9 -18.89 -14.51 -8.49
CA GLU A 9 -18.53 -15.84 -9.07
C GLU A 9 -17.61 -15.71 -10.31
N LEU A 10 -17.67 -14.53 -10.98
CA LEU A 10 -16.76 -14.20 -12.09
C LEU A 10 -15.31 -14.03 -11.61
N GLU A 11 -15.13 -13.87 -10.28
CA GLU A 11 -13.83 -13.65 -9.57
C GLU A 11 -12.96 -12.56 -10.25
N ALA A 12 -13.65 -11.54 -10.81
CA ALA A 12 -13.02 -10.38 -11.47
C ALA A 12 -12.18 -9.56 -10.49
N ALA A 13 -12.45 -9.73 -9.17
CA ALA A 13 -11.60 -9.20 -8.10
C ALA A 13 -10.17 -9.70 -8.24
N SER A 14 -10.02 -11.04 -8.36
CA SER A 14 -8.72 -11.70 -8.57
C SER A 14 -8.05 -11.18 -9.86
N SER A 15 -8.84 -11.18 -10.95
CA SER A 15 -8.39 -10.71 -12.27
C SER A 15 -7.81 -9.30 -12.21
N ARG A 16 -8.48 -8.42 -11.44
CA ARG A 16 -8.03 -7.03 -11.20
C ARG A 16 -6.62 -7.03 -10.62
N MET A 17 -6.46 -7.69 -9.45
CA MET A 17 -5.21 -7.66 -8.65
C MET A 17 -4.01 -8.12 -9.51
N GLU A 18 -4.22 -9.24 -10.25
CA GLU A 18 -3.22 -9.84 -11.16
C GLU A 18 -2.79 -8.85 -12.27
N MET A 19 -3.78 -8.23 -12.92
CA MET A 19 -3.55 -7.29 -14.03
C MET A 19 -2.91 -5.99 -13.54
N LEU A 20 -3.20 -5.60 -12.28
CA LEU A 20 -2.63 -4.40 -11.65
C LEU A 20 -1.13 -4.61 -11.34
N GLN A 21 -0.78 -5.87 -11.00
CA GLN A 21 0.61 -6.28 -10.70
C GLN A 21 1.49 -6.19 -11.97
N ARG A 22 0.98 -6.71 -13.08
CA ARG A 22 1.75 -6.83 -14.34
C ARG A 22 1.70 -5.54 -15.19
N GLU A 23 0.61 -4.74 -15.07
CA GLU A 23 0.45 -3.49 -15.83
C GLU A 23 1.27 -2.37 -15.18
N TYR A 24 1.01 -2.15 -13.88
CA TYR A 24 1.66 -1.07 -13.11
C TYR A 24 2.97 -1.60 -12.52
N SER A 25 2.87 -2.39 -11.43
CA SER A 25 4.05 -2.91 -10.70
C SER A 25 3.60 -3.75 -9.50
N THR A 26 4.52 -4.62 -9.03
CA THR A 26 4.46 -5.26 -7.70
C THR A 26 5.45 -4.51 -6.79
N LEU A 27 5.35 -4.71 -5.49
CA LEU A 27 6.34 -4.16 -4.56
C LEU A 27 7.41 -5.22 -4.29
N ARG A 28 8.66 -4.93 -4.69
CA ARG A 28 9.78 -5.88 -4.52
C ARG A 28 10.37 -5.77 -3.11
N SER A 29 10.50 -4.51 -2.61
CA SER A 29 11.24 -4.21 -1.37
C SER A 29 10.70 -2.90 -0.75
N VAL A 30 11.07 -2.67 0.53
CA VAL A 30 10.75 -1.43 1.26
C VAL A 30 11.98 -1.01 2.09
N GLN A 31 12.17 0.31 2.22
CA GLN A 31 13.20 0.92 3.07
C GLN A 31 12.60 2.15 3.76
N TYR A 32 12.38 2.05 5.07
CA TYR A 32 11.91 3.17 5.89
C TYR A 32 13.09 4.13 6.14
N ARG A 33 13.01 5.34 5.55
CA ARG A 33 13.97 6.41 5.83
C ARG A 33 13.56 7.14 7.12
N SER A 34 14.19 6.77 8.24
CA SER A 34 14.02 7.47 9.53
C SER A 34 14.67 8.87 9.49
N GLU A 35 15.56 9.06 8.50
CA GLU A 35 16.29 10.32 8.25
C GLU A 35 15.30 11.40 7.76
N GLU A 36 14.31 10.97 6.97
CA GLU A 36 13.27 11.83 6.39
C GLU A 36 11.94 11.70 7.16
N GLY A 37 11.80 10.56 7.87
CA GLY A 37 10.53 10.19 8.50
C GLY A 37 9.48 9.77 7.49
N VAL A 38 9.92 9.01 6.46
CA VAL A 38 9.06 8.50 5.38
C VAL A 38 9.32 7.01 5.14
N ILE A 39 8.29 6.29 4.71
CA ILE A 39 8.40 4.90 4.26
C ILE A 39 8.55 4.92 2.72
N VAL A 40 9.69 4.42 2.23
CA VAL A 40 9.97 4.36 0.78
C VAL A 40 9.74 2.94 0.25
N PHE A 41 8.68 2.81 -0.56
CA PHE A 41 8.27 1.55 -1.18
C PHE A 41 8.97 1.38 -2.54
N ILE A 42 9.94 0.44 -2.60
CA ILE A 42 10.70 0.16 -3.84
C ILE A 42 9.88 -0.78 -4.76
N LEU A 43 9.44 -0.22 -5.89
CA LEU A 43 8.65 -0.92 -6.92
C LEU A 43 9.48 -1.98 -7.67
N ALA A 44 8.77 -2.91 -8.34
CA ALA A 44 9.39 -3.97 -9.17
C ALA A 44 10.12 -3.37 -10.38
N ASN A 45 9.62 -2.21 -10.84
CA ASN A 45 10.28 -1.40 -11.89
C ASN A 45 11.37 -0.47 -11.27
N ASP A 46 11.73 -0.75 -10.00
CA ASP A 46 12.90 -0.15 -9.26
C ASP A 46 12.65 1.32 -8.82
N ARG A 47 11.43 1.83 -9.05
CA ARG A 47 11.07 3.23 -8.72
C ARG A 47 10.68 3.36 -7.24
N GLU A 48 11.09 4.47 -6.60
CA GLU A 48 10.81 4.73 -5.17
C GLU A 48 9.52 5.56 -4.99
N LEU A 49 8.54 4.97 -4.27
CA LEU A 49 7.32 5.67 -3.80
C LEU A 49 7.53 6.13 -2.36
N LYS A 50 7.49 7.44 -2.14
CA LYS A 50 7.86 8.05 -0.85
C LYS A 50 6.64 8.71 -0.20
N PHE A 51 6.17 8.11 0.91
CA PHE A 51 5.02 8.60 1.70
C PHE A 51 5.37 8.49 3.20
N ARG A 52 4.93 9.48 4.00
CA ARG A 52 5.12 9.48 5.47
C ARG A 52 4.23 8.39 6.12
N PRO A 53 4.61 7.87 7.34
CA PRO A 53 3.76 6.92 8.10
C PRO A 53 2.32 7.44 8.31
N ASP A 54 2.18 8.70 8.76
CA ASP A 54 0.87 9.32 9.04
C ASP A 54 0.06 9.53 7.74
N ASP A 55 0.75 9.55 6.57
CA ASP A 55 0.07 9.65 5.25
C ASP A 55 -0.63 8.35 4.86
N LEU A 56 -0.48 7.25 5.64
CA LEU A 56 -0.90 5.89 5.19
C LEU A 56 -1.82 5.22 6.21
N GLN A 57 -2.78 4.42 5.68
CA GLN A 57 -3.75 3.62 6.46
C GLN A 57 -3.03 2.70 7.47
N ALA A 58 -2.05 1.93 6.95
CA ALA A 58 -1.28 0.96 7.75
C ALA A 58 -0.65 1.65 8.97
N THR A 59 0.05 2.72 8.69
CA THR A 59 0.99 3.32 9.63
C THR A 59 0.52 4.65 10.20
N TYR A 60 -0.79 4.86 10.21
CA TYR A 60 -1.40 6.04 10.84
C TYR A 60 -1.35 5.87 12.36
N GLY A 61 -0.18 6.20 12.95
CA GLY A 61 0.08 6.02 14.39
C GLY A 61 1.09 4.91 14.70
N ALA A 62 1.75 4.35 13.67
CA ALA A 62 2.72 3.23 13.84
C ALA A 62 4.10 3.74 14.30
N THR A 63 4.83 2.87 15.01
CA THR A 63 6.20 3.15 15.49
C THR A 63 7.25 2.70 14.45
N PRO A 64 8.45 3.39 14.36
CA PRO A 64 9.51 3.09 13.35
C PRO A 64 10.08 1.65 13.46
N GLU A 65 10.01 1.06 14.67
CA GLU A 65 10.46 -0.33 14.94
C GLU A 65 9.67 -1.36 14.11
N GLN A 66 8.37 -1.07 13.92
CA GLN A 66 7.43 -1.92 13.17
C GLN A 66 7.67 -1.79 11.66
N LEU A 67 8.35 -0.69 11.28
CA LEU A 67 8.66 -0.36 9.87
C LEU A 67 10.11 -0.79 9.55
N ARG A 68 10.68 -1.63 10.44
CA ARG A 68 11.99 -2.29 10.23
C ARG A 68 11.77 -3.75 9.85
N GLU A 69 10.70 -4.36 10.42
CA GLU A 69 10.21 -5.68 10.01
C GLU A 69 8.97 -5.48 9.15
N ILE A 70 9.05 -5.87 7.86
CA ILE A 70 8.02 -5.56 6.84
C ILE A 70 7.87 -6.74 5.85
N GLU A 71 6.62 -7.13 5.57
CA GLU A 71 6.24 -8.15 4.56
C GLU A 71 5.55 -7.42 3.37
N ILE A 72 5.54 -8.04 2.17
CA ILE A 72 4.78 -7.54 0.99
C ILE A 72 3.27 -7.91 1.15
N SER A 73 2.36 -7.22 0.41
CA SER A 73 0.89 -7.47 0.46
C SER A 73 0.52 -8.96 0.30
N PRO A 74 -0.63 -9.42 0.92
CA PRO A 74 -1.22 -10.75 0.60
C PRO A 74 -1.81 -10.76 -0.83
N SER A 75 -2.01 -9.56 -1.39
CA SER A 75 -2.40 -9.35 -2.79
C SER A 75 -1.17 -9.20 -3.71
N GLY A 76 0.05 -9.19 -3.10
CA GLY A 76 1.32 -9.06 -3.82
C GLY A 76 1.55 -7.70 -4.50
N LEU A 77 0.58 -6.78 -4.36
CA LEU A 77 0.66 -5.43 -4.94
C LEU A 77 1.57 -4.55 -4.09
N GLY A 78 1.03 -4.06 -2.95
CA GLY A 78 1.75 -3.12 -2.10
C GLY A 78 2.52 -3.82 -1.02
N VAL A 79 2.21 -3.48 0.21
CA VAL A 79 2.94 -3.98 1.36
C VAL A 79 1.95 -4.51 2.40
N TYR A 80 2.46 -5.22 3.40
CA TYR A 80 1.70 -5.74 4.54
C TYR A 80 2.61 -5.74 5.77
N PHE A 81 2.43 -4.75 6.64
CA PHE A 81 3.17 -4.68 7.88
C PHE A 81 2.47 -5.55 8.94
N GLU A 82 3.07 -6.73 9.14
CA GLU A 82 2.53 -7.83 9.94
C GLU A 82 2.40 -7.45 11.44
N THR A 83 3.34 -6.60 11.89
CA THR A 83 3.46 -6.17 13.29
C THR A 83 2.25 -5.31 13.75
N LEU A 84 1.58 -4.69 12.77
CA LEU A 84 0.37 -3.85 12.98
C LEU A 84 -0.85 -4.47 12.27
N GLU A 85 -0.62 -5.61 11.58
CA GLU A 85 -1.65 -6.40 10.84
C GLU A 85 -2.35 -5.56 9.75
N GLU A 86 -1.66 -4.55 9.24
CA GLU A 86 -2.22 -3.59 8.28
C GLU A 86 -1.34 -3.52 7.03
N ASP A 87 -1.97 -3.17 5.90
CA ASP A 87 -1.31 -3.14 4.59
C ASP A 87 -1.37 -1.73 3.99
N VAL A 88 -0.39 -1.40 3.12
CA VAL A 88 -0.39 -0.16 2.32
C VAL A 88 -0.60 -0.56 0.85
N SER A 89 -1.79 -0.23 0.30
CA SER A 89 -2.16 -0.51 -1.10
C SER A 89 -1.24 0.25 -2.08
N LEU A 90 -0.59 -0.50 -3.00
CA LEU A 90 0.32 0.09 -4.00
C LEU A 90 -0.45 0.94 -4.99
N ILE A 91 -1.56 0.38 -5.47
CA ILE A 91 -2.47 1.04 -6.41
C ILE A 91 -3.04 2.30 -5.73
N GLY A 92 -3.32 2.17 -4.42
CA GLY A 92 -3.75 3.29 -3.60
C GLY A 92 -2.74 4.44 -3.58
N LEU A 93 -1.44 4.11 -3.54
CA LEU A 93 -0.34 5.11 -3.61
C LEU A 93 -0.31 5.79 -4.99
N LEU A 94 -0.55 4.98 -6.04
CA LEU A 94 -0.54 5.42 -7.45
C LEU A 94 -1.77 6.29 -7.78
N GLU A 95 -2.88 6.10 -7.03
CA GLU A 95 -4.13 6.89 -7.20
C GLU A 95 -4.22 8.00 -6.15
N GLY A 96 -3.30 7.99 -5.16
CA GLY A 96 -3.32 8.95 -4.03
C GLY A 96 -4.30 8.55 -2.92
N ARG A 97 -5.07 7.46 -3.14
CA ARG A 97 -6.04 6.93 -2.18
C ARG A 97 -5.31 5.96 -1.22
N ARG A 98 -4.65 6.55 -0.22
CA ARG A 98 -3.71 5.87 0.71
C ARG A 98 -4.43 5.08 1.84
N GLY A 99 -5.63 4.58 1.52
CA GLY A 99 -6.52 3.92 2.46
C GLY A 99 -7.90 3.87 1.86
N SER A 100 -8.94 3.81 2.71
CA SER A 100 -10.33 3.92 2.26
C SER A 100 -10.69 5.41 2.06
N ALA A 101 -11.63 5.67 1.13
CA ALA A 101 -12.18 7.01 0.88
C ALA A 101 -12.86 7.55 2.17
N LYS A 102 -13.64 6.64 2.82
CA LYS A 102 -14.26 6.91 4.11
C LYS A 102 -13.19 7.24 5.17
N TRP A 103 -12.10 6.43 5.21
CA TRP A 103 -10.98 6.61 6.16
C TRP A 103 -10.38 8.03 6.07
N MET A 104 -10.22 8.53 4.84
CA MET A 104 -9.66 9.88 4.59
C MET A 104 -10.64 10.99 5.00
N ALA A 105 -11.96 10.68 5.05
CA ALA A 105 -13.00 11.64 5.48
C ALA A 105 -13.13 11.66 7.02
N GLU A 106 -12.94 10.50 7.65
CA GLU A 106 -13.09 10.31 9.12
C GLU A 106 -11.81 10.72 9.84
N HIS A 107 -10.69 10.49 9.14
CA HIS A 107 -9.35 10.78 9.62
C HIS A 107 -8.71 11.80 8.66
N PRO A 108 -8.84 13.13 8.96
CA PRO A 108 -8.21 14.20 8.16
C PRO A 108 -6.67 14.05 8.13
N LEU A 109 -6.07 14.59 7.07
CA LEU A 109 -4.64 14.43 6.79
C LEU A 109 -4.03 15.78 6.39
N ALA A 110 -2.76 16.01 6.80
CA ALA A 110 -1.99 17.21 6.41
C ALA A 110 -1.58 17.09 4.92
N SER A 111 -2.56 17.35 4.04
CA SER A 111 -2.44 17.27 2.58
C SER A 111 -3.43 18.29 1.97
N MET A 3 -20.58 -12.19 -23.87
CA MET A 3 -21.01 -13.00 -22.71
C MET A 3 -20.03 -12.77 -21.54
N GLU A 4 -20.52 -12.11 -20.47
CA GLU A 4 -19.78 -11.84 -19.23
C GLU A 4 -20.55 -12.45 -18.05
N VAL A 5 -19.96 -13.45 -17.38
CA VAL A 5 -20.59 -14.12 -16.23
C VAL A 5 -20.40 -13.27 -14.94
N SER A 6 -21.09 -12.11 -14.92
CA SER A 6 -21.05 -11.13 -13.82
C SER A 6 -21.58 -11.78 -12.54
N ALA A 7 -20.65 -12.21 -11.68
CA ALA A 7 -20.94 -12.97 -10.47
C ALA A 7 -19.76 -12.94 -9.48
N ASN A 8 -19.99 -13.48 -8.28
CA ASN A 8 -18.95 -13.61 -7.23
C ASN A 8 -17.89 -14.66 -7.65
N GLU A 9 -18.34 -15.67 -8.41
CA GLU A 9 -17.50 -16.77 -8.92
C GLU A 9 -16.54 -16.31 -10.03
N LEU A 10 -16.78 -15.09 -10.59
CA LEU A 10 -15.92 -14.49 -11.63
C LEU A 10 -14.58 -14.02 -11.01
N GLU A 11 -14.55 -13.94 -9.64
CA GLU A 11 -13.38 -13.50 -8.83
C GLU A 11 -12.75 -12.20 -9.39
N ALA A 12 -13.64 -11.27 -9.78
CA ALA A 12 -13.29 -10.06 -10.55
C ALA A 12 -12.10 -9.29 -9.94
N ALA A 13 -12.21 -8.92 -8.64
CA ALA A 13 -11.16 -8.20 -7.92
C ALA A 13 -9.84 -9.00 -7.87
N SER A 14 -9.94 -10.31 -7.54
CA SER A 14 -8.79 -11.23 -7.44
C SER A 14 -7.97 -11.26 -8.76
N SER A 15 -8.70 -11.34 -9.88
CA SER A 15 -8.12 -11.41 -11.23
C SER A 15 -7.61 -10.03 -11.69
N ARG A 16 -8.24 -8.94 -11.18
CA ARG A 16 -7.76 -7.56 -11.43
C ARG A 16 -6.38 -7.38 -10.78
N MET A 17 -6.25 -7.84 -9.51
CA MET A 17 -5.00 -7.72 -8.74
C MET A 17 -3.85 -8.42 -9.48
N GLU A 18 -4.15 -9.62 -10.04
CA GLU A 18 -3.21 -10.39 -10.90
C GLU A 18 -2.71 -9.52 -12.07
N MET A 19 -3.68 -8.99 -12.84
CA MET A 19 -3.40 -8.19 -14.04
C MET A 19 -2.53 -6.96 -13.69
N LEU A 20 -2.89 -6.27 -12.59
CA LEU A 20 -2.21 -5.04 -12.12
C LEU A 20 -0.72 -5.29 -11.77
N GLN A 21 -0.43 -6.50 -11.23
CA GLN A 21 0.94 -6.96 -10.90
C GLN A 21 1.83 -6.92 -12.14
N ARG A 22 1.34 -7.59 -13.20
CA ARG A 22 2.09 -7.81 -14.45
C ARG A 22 1.83 -6.72 -15.50
N GLU A 23 0.87 -5.81 -15.23
CA GLU A 23 0.54 -4.69 -16.14
C GLU A 23 1.42 -3.47 -15.79
N TYR A 24 1.24 -2.97 -14.55
CA TYR A 24 1.94 -1.77 -14.07
C TYR A 24 3.21 -2.18 -13.30
N SER A 25 3.04 -2.59 -12.03
CA SER A 25 4.16 -2.89 -11.14
C SER A 25 3.71 -3.73 -9.94
N THR A 26 4.62 -4.59 -9.49
CA THR A 26 4.58 -5.20 -8.16
C THR A 26 5.50 -4.38 -7.24
N LEU A 27 5.31 -4.50 -5.93
CA LEU A 27 6.23 -3.93 -4.93
C LEU A 27 7.32 -4.97 -4.62
N ARG A 28 8.62 -4.57 -4.73
CA ARG A 28 9.74 -5.51 -4.47
C ARG A 28 10.24 -5.40 -3.02
N SER A 29 10.36 -4.15 -2.53
CA SER A 29 10.99 -3.83 -1.24
C SER A 29 10.40 -2.55 -0.66
N VAL A 30 10.50 -2.41 0.67
CA VAL A 30 10.12 -1.19 1.42
C VAL A 30 11.20 -0.89 2.46
N GLN A 31 11.46 0.41 2.69
CA GLN A 31 12.47 0.88 3.65
C GLN A 31 11.97 2.18 4.32
N TYR A 32 11.94 2.20 5.66
CA TYR A 32 11.56 3.40 6.41
C TYR A 32 12.76 4.33 6.54
N ARG A 33 12.74 5.44 5.79
CA ARG A 33 13.73 6.52 5.92
C ARG A 33 13.32 7.45 7.05
N SER A 34 13.88 7.20 8.26
CA SER A 34 13.75 8.09 9.42
C SER A 34 14.37 9.48 9.13
N GLU A 35 15.26 9.52 8.11
CA GLU A 35 15.85 10.77 7.57
C GLU A 35 14.75 11.76 7.17
N GLU A 36 13.82 11.28 6.34
CA GLU A 36 12.68 12.08 5.84
C GLU A 36 11.40 11.82 6.66
N GLY A 37 11.47 10.83 7.59
CA GLY A 37 10.30 10.40 8.37
C GLY A 37 9.20 9.79 7.51
N VAL A 38 9.62 9.05 6.44
CA VAL A 38 8.71 8.49 5.42
C VAL A 38 8.98 6.99 5.21
N ILE A 39 7.93 6.27 4.85
CA ILE A 39 8.00 4.88 4.39
C ILE A 39 8.15 4.90 2.84
N VAL A 40 9.27 4.35 2.35
CA VAL A 40 9.62 4.34 0.92
C VAL A 40 9.33 2.95 0.30
N PHE A 41 8.26 2.91 -0.52
CA PHE A 41 7.81 1.71 -1.24
C PHE A 41 8.54 1.61 -2.59
N ILE A 42 9.62 0.81 -2.63
CA ILE A 42 10.39 0.60 -3.86
C ILE A 42 9.70 -0.43 -4.76
N LEU A 43 9.22 0.03 -5.93
CA LEU A 43 8.58 -0.81 -6.95
C LEU A 43 9.57 -1.81 -7.58
N ALA A 44 9.04 -2.74 -8.39
CA ALA A 44 9.86 -3.72 -9.14
C ALA A 44 10.71 -3.03 -10.24
N ASN A 45 10.22 -1.87 -10.71
CA ASN A 45 11.00 -0.97 -11.61
C ASN A 45 11.88 0.02 -10.79
N ASP A 46 11.88 -0.17 -9.46
CA ASP A 46 12.68 0.58 -8.47
C ASP A 46 12.25 2.04 -8.29
N ARG A 47 10.98 2.34 -8.66
CA ARG A 47 10.36 3.65 -8.39
C ARG A 47 10.03 3.77 -6.90
N GLU A 48 10.67 4.73 -6.22
CA GLU A 48 10.52 4.93 -4.78
C GLU A 48 9.31 5.82 -4.46
N LEU A 49 8.22 5.17 -4.03
CA LEU A 49 7.00 5.86 -3.57
C LEU A 49 7.19 6.32 -2.12
N LYS A 50 7.23 7.63 -1.95
CA LYS A 50 7.56 8.29 -0.68
C LYS A 50 6.29 8.77 0.00
N PHE A 51 5.90 8.06 1.08
CA PHE A 51 4.68 8.36 1.86
C PHE A 51 4.96 8.16 3.36
N ARG A 52 4.60 9.18 4.19
CA ARG A 52 4.85 9.13 5.66
C ARG A 52 3.94 8.06 6.32
N PRO A 53 4.34 7.51 7.52
CA PRO A 53 3.50 6.53 8.26
C PRO A 53 2.06 7.05 8.53
N ASP A 54 1.98 8.29 9.03
CA ASP A 54 0.69 8.90 9.43
C ASP A 54 -0.10 9.47 8.23
N ASP A 55 0.49 9.37 7.03
CA ASP A 55 -0.22 9.65 5.77
C ASP A 55 -1.02 8.41 5.33
N LEU A 56 -0.57 7.24 5.80
CA LEU A 56 -1.08 5.92 5.37
C LEU A 56 -2.03 5.33 6.43
N GLN A 57 -3.06 4.62 5.94
CA GLN A 57 -4.03 3.91 6.79
C GLN A 57 -3.36 2.77 7.60
N ALA A 58 -2.32 2.12 7.01
CA ALA A 58 -1.60 1.02 7.68
C ALA A 58 -0.99 1.47 9.01
N THR A 59 -0.38 2.65 8.95
CA THR A 59 0.63 3.08 9.92
C THR A 59 0.30 4.43 10.57
N TYR A 60 -0.98 4.76 10.63
CA TYR A 60 -1.46 5.95 11.32
C TYR A 60 -1.31 5.74 12.83
N GLY A 61 -0.12 6.05 13.36
CA GLY A 61 0.24 5.82 14.75
C GLY A 61 1.08 4.57 14.96
N ALA A 62 1.85 4.17 13.94
CA ALA A 62 2.79 3.03 14.04
C ALA A 62 4.21 3.50 14.43
N THR A 63 4.87 2.73 15.30
CA THR A 63 6.26 2.99 15.73
C THR A 63 7.26 2.55 14.63
N PRO A 64 8.49 3.17 14.55
CA PRO A 64 9.50 2.87 13.47
C PRO A 64 10.05 1.42 13.53
N GLU A 65 9.91 0.76 14.70
CA GLU A 65 10.29 -0.66 14.89
C GLU A 65 9.37 -1.59 14.06
N GLN A 66 8.10 -1.18 13.93
CA GLN A 66 7.05 -1.90 13.18
C GLN A 66 7.25 -1.75 11.66
N LEU A 67 8.00 -0.69 11.30
CA LEU A 67 8.33 -0.32 9.91
C LEU A 67 9.70 -0.88 9.53
N ARG A 68 10.10 -1.94 10.24
CA ARG A 68 11.22 -2.82 9.87
C ARG A 68 10.64 -4.18 9.44
N GLU A 69 9.69 -4.70 10.27
CA GLU A 69 9.01 -5.98 9.99
C GLU A 69 7.92 -5.77 8.95
N ILE A 70 8.35 -5.85 7.70
CA ILE A 70 7.55 -5.54 6.52
C ILE A 70 7.67 -6.69 5.50
N GLU A 71 6.53 -7.06 4.90
CA GLU A 71 6.46 -8.04 3.80
C GLU A 71 5.62 -7.45 2.68
N ILE A 72 5.70 -7.99 1.46
CA ILE A 72 4.84 -7.55 0.34
C ILE A 72 3.41 -8.14 0.51
N SER A 73 2.39 -7.44 -0.02
CA SER A 73 0.95 -7.77 0.19
C SER A 73 0.59 -9.23 -0.18
N PRO A 74 -0.52 -9.81 0.40
CA PRO A 74 -1.02 -11.15 0.00
C PRO A 74 -1.47 -11.22 -1.48
N SER A 75 -1.68 -10.04 -2.10
CA SER A 75 -1.93 -9.92 -3.55
C SER A 75 -0.60 -9.83 -4.34
N GLY A 76 0.46 -9.30 -3.70
CA GLY A 76 1.76 -9.11 -4.34
C GLY A 76 1.92 -7.71 -4.97
N LEU A 77 0.83 -6.92 -4.90
CA LEU A 77 0.82 -5.53 -5.38
C LEU A 77 1.46 -4.61 -4.35
N GLY A 78 0.74 -4.34 -3.24
CA GLY A 78 1.17 -3.40 -2.22
C GLY A 78 2.06 -4.01 -1.20
N VAL A 79 1.79 -3.71 0.06
CA VAL A 79 2.59 -4.17 1.19
C VAL A 79 1.67 -4.79 2.25
N TYR A 80 2.28 -5.49 3.20
CA TYR A 80 1.62 -6.07 4.36
C TYR A 80 2.62 -6.01 5.54
N PHE A 81 2.45 -5.04 6.42
CA PHE A 81 3.33 -4.86 7.58
C PHE A 81 2.94 -5.84 8.70
N GLU A 82 3.91 -6.66 9.15
CA GLU A 82 3.66 -7.85 9.98
C GLU A 82 3.27 -7.47 11.43
N THR A 83 4.02 -6.53 12.03
CA THR A 83 3.91 -6.17 13.47
C THR A 83 2.51 -5.60 13.81
N LEU A 84 1.84 -5.07 12.78
CA LEU A 84 0.51 -4.42 12.88
C LEU A 84 -0.54 -5.23 12.09
N GLU A 85 -0.06 -6.18 11.25
CA GLU A 85 -0.91 -7.00 10.34
C GLU A 85 -1.75 -6.12 9.39
N GLU A 86 -1.25 -4.91 9.10
CA GLU A 86 -2.01 -3.89 8.35
C GLU A 86 -1.27 -3.56 7.04
N ASP A 87 -2.03 -3.50 5.94
CA ASP A 87 -1.48 -3.40 4.57
C ASP A 87 -1.54 -1.95 4.06
N VAL A 88 -0.72 -1.66 3.03
CA VAL A 88 -0.79 -0.42 2.23
C VAL A 88 -1.00 -0.83 0.76
N SER A 89 -2.20 -0.54 0.22
CA SER A 89 -2.57 -0.88 -1.17
C SER A 89 -1.76 -0.03 -2.18
N LEU A 90 -0.99 -0.72 -3.06
CA LEU A 90 -0.09 -0.07 -4.05
C LEU A 90 -0.84 0.81 -5.04
N ILE A 91 -1.92 0.25 -5.59
CA ILE A 91 -2.75 0.92 -6.60
C ILE A 91 -3.35 2.20 -6.01
N GLY A 92 -3.73 2.12 -4.72
CA GLY A 92 -4.18 3.30 -3.97
C GLY A 92 -3.14 4.42 -3.92
N LEU A 93 -1.86 4.04 -3.72
CA LEU A 93 -0.73 4.99 -3.71
C LEU A 93 -0.55 5.67 -5.08
N LEU A 94 -0.76 4.86 -6.14
CA LEU A 94 -0.69 5.31 -7.55
C LEU A 94 -1.89 6.22 -7.91
N GLU A 95 -3.04 5.99 -7.24
CA GLU A 95 -4.23 6.85 -7.34
C GLU A 95 -4.04 8.14 -6.50
N GLY A 96 -3.15 8.06 -5.49
CA GLY A 96 -2.92 9.15 -4.53
C GLY A 96 -3.68 8.95 -3.23
N ARG A 97 -4.55 7.93 -3.20
CA ARG A 97 -5.37 7.55 -2.04
C ARG A 97 -4.50 6.70 -1.08
N ARG A 98 -3.78 7.40 -0.18
CA ARG A 98 -2.82 6.79 0.77
C ARG A 98 -3.52 5.92 1.84
N GLY A 99 -4.75 6.29 2.15
CA GLY A 99 -5.68 5.47 2.93
C GLY A 99 -7.07 5.58 2.35
N SER A 100 -7.97 4.64 2.70
CA SER A 100 -9.36 4.61 2.17
C SER A 100 -10.03 5.99 2.28
N ALA A 101 -10.80 6.37 1.22
CA ALA A 101 -11.40 7.72 1.09
C ALA A 101 -12.22 8.13 2.35
N LYS A 102 -12.87 7.12 2.96
CA LYS A 102 -13.61 7.30 4.22
C LYS A 102 -12.63 7.68 5.35
N TRP A 103 -11.60 6.85 5.57
CA TRP A 103 -10.54 7.08 6.58
C TRP A 103 -9.88 8.47 6.39
N MET A 104 -9.71 8.85 5.12
CA MET A 104 -9.04 10.12 4.71
C MET A 104 -9.94 11.33 4.99
N ALA A 105 -11.26 11.10 5.11
CA ALA A 105 -12.24 12.13 5.51
C ALA A 105 -12.29 12.24 7.05
N GLU A 106 -12.21 11.08 7.72
CA GLU A 106 -12.33 10.95 9.19
C GLU A 106 -11.01 11.35 9.88
N HIS A 107 -9.90 11.18 9.16
CA HIS A 107 -8.54 11.47 9.64
C HIS A 107 -7.76 12.17 8.50
N PRO A 108 -8.10 13.46 8.20
CA PRO A 108 -7.41 14.23 7.15
C PRO A 108 -6.07 14.81 7.64
N LEU A 109 -5.21 15.13 6.67
CA LEU A 109 -3.86 15.62 6.93
C LEU A 109 -3.80 17.14 6.96
N ALA A 110 -2.69 17.67 7.49
CA ALA A 110 -2.39 19.11 7.46
C ALA A 110 -2.12 19.56 6.01
N SER A 111 -1.62 18.60 5.19
CA SER A 111 -1.45 18.76 3.75
C SER A 111 -2.84 18.66 3.05
N MET A 3 -12.89 -7.29 -22.65
CA MET A 3 -14.15 -7.85 -22.12
C MET A 3 -14.32 -7.44 -20.64
N GLU A 4 -14.88 -6.24 -20.43
CA GLU A 4 -15.09 -5.66 -19.10
C GLU A 4 -16.46 -6.10 -18.52
N VAL A 5 -16.38 -7.08 -17.60
CA VAL A 5 -17.53 -7.65 -16.91
C VAL A 5 -17.04 -8.21 -15.56
N SER A 6 -16.66 -7.28 -14.67
CA SER A 6 -16.10 -7.59 -13.35
C SER A 6 -17.19 -8.23 -12.44
N ALA A 7 -17.06 -9.55 -12.21
CA ALA A 7 -18.01 -10.35 -11.40
C ALA A 7 -17.26 -11.41 -10.58
N ASN A 8 -17.94 -11.98 -9.56
CA ASN A 8 -17.38 -13.05 -8.69
C ASN A 8 -17.07 -14.34 -9.50
N GLU A 9 -17.91 -14.60 -10.51
CA GLU A 9 -17.75 -15.72 -11.47
C GLU A 9 -16.59 -15.44 -12.45
N LEU A 10 -16.31 -14.15 -12.66
CA LEU A 10 -15.16 -13.67 -13.46
C LEU A 10 -13.90 -13.50 -12.57
N GLU A 11 -13.98 -13.98 -11.30
CA GLU A 11 -12.93 -13.88 -10.25
C GLU A 11 -12.32 -12.46 -10.18
N ALA A 12 -13.20 -11.46 -10.35
CA ALA A 12 -12.83 -10.07 -10.72
C ALA A 12 -11.76 -9.45 -9.81
N ALA A 13 -11.82 -9.75 -8.50
CA ALA A 13 -10.85 -9.25 -7.51
C ALA A 13 -9.43 -9.75 -7.85
N SER A 14 -9.31 -11.07 -8.08
CA SER A 14 -8.05 -11.72 -8.47
C SER A 14 -7.64 -11.34 -9.91
N SER A 15 -8.63 -11.12 -10.78
CA SER A 15 -8.41 -10.76 -12.20
C SER A 15 -7.77 -9.37 -12.31
N ARG A 16 -8.32 -8.39 -11.56
CA ARG A 16 -7.79 -7.03 -11.54
C ARG A 16 -6.35 -7.05 -11.01
N MET A 17 -6.16 -7.65 -9.82
CA MET A 17 -4.84 -7.78 -9.15
C MET A 17 -3.78 -8.38 -10.10
N GLU A 18 -4.15 -9.45 -10.81
CA GLU A 18 -3.28 -10.15 -11.79
C GLU A 18 -2.80 -9.18 -12.89
N MET A 19 -3.77 -8.50 -13.52
CA MET A 19 -3.52 -7.54 -14.61
C MET A 19 -2.65 -6.36 -14.11
N LEU A 20 -3.02 -5.81 -12.94
CA LEU A 20 -2.35 -4.65 -12.31
C LEU A 20 -0.88 -4.96 -11.97
N GLN A 21 -0.59 -6.22 -11.60
CA GLN A 21 0.78 -6.71 -11.31
C GLN A 21 1.66 -6.61 -12.57
N ARG A 22 1.16 -7.17 -13.67
CA ARG A 22 1.90 -7.27 -14.95
C ARG A 22 1.73 -6.01 -15.83
N GLU A 23 0.81 -5.10 -15.43
CA GLU A 23 0.54 -3.84 -16.16
C GLU A 23 1.30 -2.68 -15.49
N TYR A 24 0.89 -2.35 -14.24
CA TYR A 24 1.47 -1.24 -13.48
C TYR A 24 2.81 -1.66 -12.87
N SER A 25 2.76 -2.43 -11.77
CA SER A 25 3.95 -2.68 -10.94
C SER A 25 3.68 -3.71 -9.83
N THR A 26 4.77 -4.24 -9.26
CA THR A 26 4.76 -5.18 -8.11
C THR A 26 5.83 -4.71 -7.11
N LEU A 27 5.51 -4.72 -5.81
CA LEU A 27 6.43 -4.25 -4.77
C LEU A 27 7.46 -5.34 -4.42
N ARG A 28 8.76 -4.98 -4.36
CA ARG A 28 9.84 -5.95 -4.09
C ARG A 28 10.30 -5.89 -2.61
N SER A 29 10.38 -4.66 -2.08
CA SER A 29 10.94 -4.39 -0.74
C SER A 29 10.37 -3.06 -0.22
N VAL A 30 10.41 -2.86 1.11
CA VAL A 30 10.04 -1.58 1.76
C VAL A 30 11.02 -1.29 2.92
N GLN A 31 11.29 0.00 3.14
CA GLN A 31 12.12 0.50 4.23
C GLN A 31 11.51 1.79 4.78
N TYR A 32 11.58 2.01 6.10
CA TYR A 32 11.28 3.31 6.69
C TYR A 32 12.59 4.07 6.84
N ARG A 33 12.71 5.21 6.16
CA ARG A 33 13.83 6.14 6.31
C ARG A 33 13.41 7.28 7.23
N SER A 34 13.81 7.18 8.51
CA SER A 34 13.63 8.24 9.53
C SER A 34 14.45 9.50 9.16
N GLU A 35 15.47 9.28 8.31
CA GLU A 35 16.28 10.33 7.65
C GLU A 35 15.37 11.32 6.88
N GLU A 36 14.34 10.76 6.23
CA GLU A 36 13.36 11.52 5.43
C GLU A 36 11.99 11.59 6.13
N GLY A 37 11.81 10.77 7.19
CA GLY A 37 10.53 10.66 7.91
C GLY A 37 9.42 10.04 7.06
N VAL A 38 9.80 9.10 6.17
CA VAL A 38 8.89 8.48 5.19
C VAL A 38 9.10 6.96 5.13
N ILE A 39 8.09 6.27 4.62
CA ILE A 39 8.13 4.86 4.25
C ILE A 39 8.36 4.78 2.73
N VAL A 40 9.56 4.32 2.34
CA VAL A 40 9.96 4.13 0.95
C VAL A 40 9.58 2.71 0.48
N PHE A 41 8.54 2.64 -0.34
CA PHE A 41 8.06 1.40 -0.98
C PHE A 41 8.90 1.16 -2.24
N ILE A 42 9.92 0.31 -2.12
CA ILE A 42 10.82 -0.03 -3.23
C ILE A 42 10.14 -1.03 -4.20
N LEU A 43 9.90 -0.58 -5.43
CA LEU A 43 9.23 -1.36 -6.48
C LEU A 43 10.23 -2.23 -7.25
N ALA A 44 9.74 -3.37 -7.76
CA ALA A 44 10.52 -4.33 -8.58
C ALA A 44 10.89 -3.74 -9.95
N ASN A 45 10.14 -2.70 -10.36
CA ASN A 45 10.42 -1.90 -11.58
C ASN A 45 11.35 -0.70 -11.29
N ASP A 46 12.08 -0.79 -10.15
CA ASP A 46 13.11 0.18 -9.73
C ASP A 46 12.53 1.60 -9.53
N ARG A 47 11.47 1.66 -8.73
CA ARG A 47 10.78 2.92 -8.37
C ARG A 47 10.55 3.01 -6.85
N GLU A 48 11.06 4.07 -6.23
CA GLU A 48 10.88 4.33 -4.80
C GLU A 48 9.64 5.21 -4.58
N LEU A 49 8.53 4.59 -4.14
CA LEU A 49 7.32 5.33 -3.74
C LEU A 49 7.49 5.86 -2.31
N LYS A 50 7.57 7.18 -2.21
CA LYS A 50 7.89 7.89 -0.97
C LYS A 50 6.60 8.47 -0.36
N PHE A 51 6.14 7.88 0.76
CA PHE A 51 4.91 8.29 1.47
C PHE A 51 5.16 8.30 2.99
N ARG A 52 4.76 9.38 3.67
CA ARG A 52 4.92 9.53 5.14
C ARG A 52 3.98 8.56 5.90
N PRO A 53 4.40 8.04 7.11
CA PRO A 53 3.59 7.08 7.90
C PRO A 53 2.21 7.64 8.32
N ASP A 54 2.17 8.90 8.76
CA ASP A 54 0.94 9.58 9.21
C ASP A 54 0.04 9.93 8.01
N ASP A 55 0.65 9.90 6.81
CA ASP A 55 -0.03 10.15 5.54
C ASP A 55 -0.66 8.85 4.98
N LEU A 56 -0.35 7.71 5.64
CA LEU A 56 -0.84 6.35 5.28
C LEU A 56 -1.77 5.79 6.36
N GLN A 57 -2.68 4.88 5.96
CA GLN A 57 -3.66 4.25 6.87
C GLN A 57 -3.00 3.23 7.82
N ALA A 58 -2.23 2.29 7.23
CA ALA A 58 -1.57 1.19 7.99
C ALA A 58 -0.74 1.72 9.16
N THR A 59 -0.14 2.89 8.95
CA THR A 59 0.93 3.43 9.79
C THR A 59 0.58 4.76 10.44
N TYR A 60 -0.73 5.04 10.56
CA TYR A 60 -1.22 6.29 11.15
C TYR A 60 -0.97 6.28 12.68
N GLY A 61 0.24 6.73 13.06
CA GLY A 61 0.69 6.72 14.47
C GLY A 61 1.51 5.49 14.85
N ALA A 62 1.92 4.69 13.85
CA ALA A 62 2.74 3.47 14.08
C ALA A 62 4.22 3.84 14.28
N THR A 63 4.90 3.12 15.19
CA THR A 63 6.30 3.40 15.56
C THR A 63 7.27 2.95 14.43
N PRO A 64 8.41 3.69 14.21
CA PRO A 64 9.38 3.42 13.11
C PRO A 64 10.00 1.99 13.16
N GLU A 65 10.03 1.42 14.38
CA GLU A 65 10.55 0.07 14.64
C GLU A 65 9.67 -1.01 13.98
N GLN A 66 8.35 -0.75 13.95
CA GLN A 66 7.34 -1.63 13.33
C GLN A 66 7.38 -1.53 11.79
N LEU A 67 7.97 -0.43 11.30
CA LEU A 67 8.06 -0.07 9.87
C LEU A 67 9.44 -0.48 9.31
N ARG A 68 10.10 -1.42 9.98
CA ARG A 68 11.33 -2.08 9.49
C ARG A 68 10.96 -3.53 9.14
N GLU A 69 10.36 -4.22 10.14
CA GLU A 69 9.82 -5.58 9.97
C GLU A 69 8.50 -5.52 9.19
N ILE A 70 8.65 -5.69 7.87
CA ILE A 70 7.60 -5.49 6.86
C ILE A 70 7.62 -6.66 5.85
N GLU A 71 6.44 -7.12 5.42
CA GLU A 71 6.28 -8.11 4.35
C GLU A 71 5.54 -7.46 3.16
N ILE A 72 5.70 -8.00 1.94
CA ILE A 72 4.93 -7.54 0.75
C ILE A 72 3.47 -8.06 0.84
N SER A 73 2.53 -7.41 0.11
CA SER A 73 1.09 -7.76 0.13
C SER A 73 0.84 -9.23 -0.26
N PRO A 74 -0.32 -9.84 0.17
CA PRO A 74 -0.70 -11.21 -0.25
C PRO A 74 -1.02 -11.30 -1.76
N SER A 75 -1.21 -10.13 -2.39
CA SER A 75 -1.48 -10.00 -3.83
C SER A 75 -0.21 -9.62 -4.63
N GLY A 76 0.90 -9.32 -3.91
CA GLY A 76 2.19 -8.96 -4.54
C GLY A 76 2.25 -7.51 -5.06
N LEU A 77 1.08 -6.86 -5.21
CA LEU A 77 0.96 -5.44 -5.59
C LEU A 77 1.61 -4.53 -4.53
N GLY A 78 0.89 -4.32 -3.42
CA GLY A 78 1.31 -3.37 -2.39
C GLY A 78 2.16 -4.02 -1.33
N VAL A 79 1.92 -3.61 -0.10
CA VAL A 79 2.65 -4.13 1.05
C VAL A 79 1.64 -4.71 2.06
N TYR A 80 2.14 -5.54 2.99
CA TYR A 80 1.38 -5.97 4.17
C TYR A 80 2.29 -5.86 5.41
N PHE A 81 2.01 -4.88 6.27
CA PHE A 81 2.72 -4.74 7.54
C PHE A 81 2.11 -5.70 8.56
N GLU A 82 2.81 -6.83 8.74
CA GLU A 82 2.41 -7.93 9.64
C GLU A 82 2.28 -7.42 11.08
N THR A 83 3.24 -6.56 11.45
CA THR A 83 3.37 -5.98 12.79
C THR A 83 2.15 -5.09 13.16
N LEU A 84 1.50 -4.54 12.12
CA LEU A 84 0.33 -3.63 12.28
C LEU A 84 -0.97 -4.37 11.94
N GLU A 85 -0.83 -5.54 11.28
CA GLU A 85 -1.94 -6.37 10.77
C GLU A 85 -2.77 -5.60 9.71
N GLU A 86 -2.10 -4.64 9.04
CA GLU A 86 -2.71 -3.75 8.02
C GLU A 86 -1.81 -3.67 6.80
N ASP A 87 -2.42 -3.46 5.62
CA ASP A 87 -1.68 -3.35 4.34
C ASP A 87 -1.70 -1.89 3.85
N VAL A 88 -0.83 -1.60 2.87
CA VAL A 88 -0.83 -0.33 2.13
C VAL A 88 -0.88 -0.70 0.63
N SER A 89 -2.08 -0.57 0.03
CA SER A 89 -2.34 -0.92 -1.38
C SER A 89 -1.51 -0.05 -2.34
N LEU A 90 -0.74 -0.72 -3.23
CA LEU A 90 0.15 -0.06 -4.21
C LEU A 90 -0.63 0.83 -5.18
N ILE A 91 -1.72 0.26 -5.70
CA ILE A 91 -2.59 0.93 -6.68
C ILE A 91 -3.20 2.18 -6.04
N GLY A 92 -3.59 2.05 -4.75
CA GLY A 92 -4.04 3.17 -3.95
C GLY A 92 -3.00 4.30 -3.86
N LEU A 93 -1.72 3.93 -3.68
CA LEU A 93 -0.60 4.88 -3.61
C LEU A 93 -0.47 5.68 -4.92
N LEU A 94 -0.62 4.94 -6.04
CA LEU A 94 -0.56 5.51 -7.41
C LEU A 94 -1.78 6.43 -7.68
N GLU A 95 -2.94 6.05 -7.09
CA GLU A 95 -4.22 6.81 -7.24
C GLU A 95 -4.36 7.89 -6.14
N GLY A 96 -3.35 8.03 -5.25
CA GLY A 96 -3.36 9.02 -4.15
C GLY A 96 -4.21 8.59 -2.95
N ARG A 97 -4.91 7.45 -3.08
CA ARG A 97 -5.77 6.86 -2.03
C ARG A 97 -4.91 6.03 -1.06
N ARG A 98 -4.28 6.72 -0.12
CA ARG A 98 -3.30 6.15 0.85
C ARG A 98 -3.99 5.40 2.01
N GLY A 99 -5.32 5.51 2.03
CA GLY A 99 -6.19 4.77 2.95
C GLY A 99 -7.62 4.81 2.44
N SER A 100 -8.56 4.29 3.24
CA SER A 100 -9.99 4.35 2.91
C SER A 100 -10.49 5.82 2.91
N ALA A 101 -11.51 6.12 2.10
CA ALA A 101 -12.11 7.47 2.02
C ALA A 101 -12.79 7.81 3.36
N LYS A 102 -13.41 6.79 3.99
CA LYS A 102 -13.99 6.91 5.34
C LYS A 102 -12.90 7.25 6.36
N TRP A 103 -11.71 6.63 6.22
CA TRP A 103 -10.54 6.90 7.08
C TRP A 103 -10.14 8.38 6.99
N MET A 104 -10.14 8.94 5.76
CA MET A 104 -9.79 10.35 5.51
C MET A 104 -10.90 11.32 6.01
N ALA A 105 -12.13 10.78 6.15
CA ALA A 105 -13.30 11.56 6.61
C ALA A 105 -13.34 11.64 8.14
N GLU A 106 -12.88 10.56 8.81
CA GLU A 106 -12.86 10.45 10.28
C GLU A 106 -11.50 10.87 10.86
N HIS A 107 -10.47 10.80 10.00
CA HIS A 107 -9.07 11.11 10.34
C HIS A 107 -8.53 12.01 9.21
N PRO A 108 -8.84 13.35 9.27
CA PRO A 108 -8.34 14.34 8.29
C PRO A 108 -6.86 14.17 7.94
N LEU A 109 -6.60 13.97 6.64
CA LEU A 109 -5.24 13.74 6.11
C LEU A 109 -4.53 15.09 5.89
N ALA A 110 -3.20 15.04 5.71
CA ALA A 110 -2.39 16.25 5.40
C ALA A 110 -2.63 16.76 3.97
N SER A 111 -3.50 16.05 3.21
CA SER A 111 -3.94 16.41 1.87
C SER A 111 -5.29 17.19 1.94
#